data_5YTT
# 
_entry.id   5YTT 
# 
_audit_conform.dict_name       mmcif_pdbx.dic 
_audit_conform.dict_version    5.380 
_audit_conform.dict_location   http://mmcif.pdb.org/dictionaries/ascii/mmcif_pdbx.dic 
# 
loop_
_database_2.database_id 
_database_2.database_code 
_database_2.pdbx_database_accession 
_database_2.pdbx_DOI 
PDB   5YTT         pdb_00005ytt 10.2210/pdb5ytt/pdb 
WWPDB D_1300005400 ?            ?                   
# 
loop_
_pdbx_database_related.db_name 
_pdbx_database_related.details 
_pdbx_database_related.db_id 
_pdbx_database_related.content_type 
PDB . 5YTS unspecified 
PDB . 5YTV unspecified 
PDB . 5YTX unspecified 
# 
_pdbx_database_status.status_code                     REL 
_pdbx_database_status.status_code_sf                  REL 
_pdbx_database_status.status_code_mr                  ? 
_pdbx_database_status.entry_id                        5YTT 
_pdbx_database_status.recvd_initial_deposition_date   2017-11-20 
_pdbx_database_status.SG_entry                        N 
_pdbx_database_status.deposit_site                    PDBJ 
_pdbx_database_status.process_site                    PDBJ 
_pdbx_database_status.status_code_cs                  ? 
_pdbx_database_status.methods_development_category    ? 
_pdbx_database_status.pdb_format_compatible           Y 
_pdbx_database_status.status_code_nmr_data            ? 
# 
loop_
_audit_author.name 
_audit_author.pdbx_ordinal 
_audit_author.identifier_ORCID 
'Yang, X.'  1 ? 
'Huang, Y.' 2 ? 
# 
_citation.abstract                  ? 
_citation.abstract_id_CAS           ? 
_citation.book_id_ISBN              ? 
_citation.book_publisher            ? 
_citation.book_publisher_city       ? 
_citation.book_title                ? 
_citation.coordinate_linkage        ? 
_citation.country                   US 
_citation.database_id_Medline       ? 
_citation.details                   ? 
_citation.id                        primary 
_citation.journal_abbrev            J.Biol.Chem. 
_citation.journal_id_ASTM           JBCHA3 
_citation.journal_id_CSD            0071 
_citation.journal_id_ISSN           1083-351X 
_citation.journal_full              ? 
_citation.journal_issue             ? 
_citation.journal_volume            294 
_citation.language                  ? 
_citation.page_first                10998 
_citation.page_last                 11010 
_citation.title                     
'Crystal structure of a Y-box binding protein 1 (YB-1)-RNA complex reveals key features and residues interacting with RNA.' 
_citation.year                      2019 
_citation.database_id_CSD           ? 
_citation.pdbx_database_id_DOI      10.1074/jbc.RA119.007545 
_citation.pdbx_database_id_PubMed   31160337 
_citation.unpublished_flag          ? 
# 
loop_
_citation_author.citation_id 
_citation_author.name 
_citation_author.ordinal 
_citation_author.identifier_ORCID 
primary 'Yang, X.J.' 1 ?                   
primary 'Zhu, H.'    2 ?                   
primary 'Mu, S.R.'   3 ?                   
primary 'Wei, W.J.'  4 ?                   
primary 'Yuan, X.'   5 ?                   
primary 'Wang, M.'   6 ?                   
primary 'Liu, Y.'    7 0000-0002-6647-8491 
primary 'Hui, J.'    8 0000-0002-1999-4776 
primary 'Huang, Y.'  9 0000-0002-2806-2874 
# 
_cell.angle_alpha                  90.00 
_cell.angle_alpha_esd              ? 
_cell.angle_beta                   90.00 
_cell.angle_beta_esd               ? 
_cell.angle_gamma                  120.00 
_cell.angle_gamma_esd              ? 
_cell.entry_id                     5YTT 
_cell.details                      ? 
_cell.formula_units_Z              ? 
_cell.length_a                     66.218 
_cell.length_a_esd                 ? 
_cell.length_b                     66.218 
_cell.length_b_esd                 ? 
_cell.length_c                     36.080 
_cell.length_c_esd                 ? 
_cell.volume                       ? 
_cell.volume_esd                   ? 
_cell.Z_PDB                        6 
_cell.reciprocal_angle_alpha       ? 
_cell.reciprocal_angle_beta        ? 
_cell.reciprocal_angle_gamma       ? 
_cell.reciprocal_angle_alpha_esd   ? 
_cell.reciprocal_angle_beta_esd    ? 
_cell.reciprocal_angle_gamma_esd   ? 
_cell.reciprocal_length_a          ? 
_cell.reciprocal_length_b          ? 
_cell.reciprocal_length_c          ? 
_cell.reciprocal_length_a_esd      ? 
_cell.reciprocal_length_b_esd      ? 
_cell.reciprocal_length_c_esd      ? 
_cell.pdbx_unique_axis             ? 
# 
_symmetry.entry_id                         5YTT 
_symmetry.cell_setting                     ? 
_symmetry.Int_Tables_number                171 
_symmetry.space_group_name_Hall            ? 
_symmetry.space_group_name_H-M             'P 62' 
_symmetry.pdbx_full_space_group_name_H-M   ? 
# 
loop_
_entity.id 
_entity.type 
_entity.src_method 
_entity.pdbx_description 
_entity.formula_weight 
_entity.pdbx_number_of_molecules 
_entity.pdbx_ec 
_entity.pdbx_mutation 
_entity.pdbx_fragment 
_entity.details 
1 polymer     man 'Nuclease-sensitive element-binding protein 1' 8997.026 1  ? ? ? ? 
2 polymer     syn 
;RNA (5'-R(P*UP*CP*AP*UP*GP*U)-3')
;
2159.299 1  ? ? ? ? 
3 non-polymer syn 'SULFATE ION'                                  96.063   2  ? ? ? ? 
4 water       nat water                                          18.015   62 ? ? ? ? 
# 
_entity_name_com.entity_id   1 
_entity_name_com.name        
;CCAAT-binding transcription factor I subunit A,CBF-A,DNA-binding protein B,DBPB,Enhancer factor I subunit A,EFI-A,Y-box transcription factor,Y-box-binding protein 1,YB-1
;
# 
loop_
_entity_poly.entity_id 
_entity_poly.type 
_entity_poly.nstd_linkage 
_entity_poly.nstd_monomer 
_entity_poly.pdbx_seq_one_letter_code 
_entity_poly.pdbx_seq_one_letter_code_can 
_entity_poly.pdbx_strand_id 
_entity_poly.pdbx_target_identifier 
1 'polypeptide(L)'   no no 
;GSGDKKVIATKVLGTVKWFNVRNGYGFINRNDTKEDVFVHQTAIKKNNPRKYLRSVGDGETVEFDVVEGEKGAEAANVTG
PGG
;
;GSGDKKVIATKVLGTVKWFNVRNGYGFINRNDTKEDVFVHQTAIKKNNPRKYLRSVGDGETVEFDVVEGEKGAEAANVTG
PGG
;
A ? 
2 polyribonucleotide no no UCAUGUU                                                                                UCAUGUU B ? 
# 
loop_
_entity_poly_seq.entity_id 
_entity_poly_seq.num 
_entity_poly_seq.mon_id 
_entity_poly_seq.hetero 
1 1  GLY n 
1 2  SER n 
1 3  GLY n 
1 4  ASP n 
1 5  LYS n 
1 6  LYS n 
1 7  VAL n 
1 8  ILE n 
1 9  ALA n 
1 10 THR n 
1 11 LYS n 
1 12 VAL n 
1 13 LEU n 
1 14 GLY n 
1 15 THR n 
1 16 VAL n 
1 17 LYS n 
1 18 TRP n 
1 19 PHE n 
1 20 ASN n 
1 21 VAL n 
1 22 ARG n 
1 23 ASN n 
1 24 GLY n 
1 25 TYR n 
1 26 GLY n 
1 27 PHE n 
1 28 ILE n 
1 29 ASN n 
1 30 ARG n 
1 31 ASN n 
1 32 ASP n 
1 33 THR n 
1 34 LYS n 
1 35 GLU n 
1 36 ASP n 
1 37 VAL n 
1 38 PHE n 
1 39 VAL n 
1 40 HIS n 
1 41 GLN n 
1 42 THR n 
1 43 ALA n 
1 44 ILE n 
1 45 LYS n 
1 46 LYS n 
1 47 ASN n 
1 48 ASN n 
1 49 PRO n 
1 50 ARG n 
1 51 LYS n 
1 52 TYR n 
1 53 LEU n 
1 54 ARG n 
1 55 SER n 
1 56 VAL n 
1 57 GLY n 
1 58 ASP n 
1 59 GLY n 
1 60 GLU n 
1 61 THR n 
1 62 VAL n 
1 63 GLU n 
1 64 PHE n 
1 65 ASP n 
1 66 VAL n 
1 67 VAL n 
1 68 GLU n 
1 69 GLY n 
1 70 GLU n 
1 71 LYS n 
1 72 GLY n 
1 73 ALA n 
1 74 GLU n 
1 75 ALA n 
1 76 ALA n 
1 77 ASN n 
1 78 VAL n 
1 79 THR n 
1 80 GLY n 
1 81 PRO n 
1 82 GLY n 
1 83 GLY n 
2 1  U   n 
2 2  C   n 
2 3  A   n 
2 4  U   n 
2 5  G   n 
2 6  U   n 
2 7  U   n 
# 
_entity_src_gen.entity_id                          1 
_entity_src_gen.pdbx_src_id                        1 
_entity_src_gen.pdbx_alt_source_flag               sample 
_entity_src_gen.pdbx_seq_type                      'Biological sequence' 
_entity_src_gen.pdbx_beg_seq_num                   1 
_entity_src_gen.pdbx_end_seq_num                   83 
_entity_src_gen.gene_src_common_name               Human 
_entity_src_gen.gene_src_genus                     ? 
_entity_src_gen.pdbx_gene_src_gene                 'YBX1, NSEP1, YB1' 
_entity_src_gen.gene_src_species                   ? 
_entity_src_gen.gene_src_strain                    ? 
_entity_src_gen.gene_src_tissue                    ? 
_entity_src_gen.gene_src_tissue_fraction           ? 
_entity_src_gen.gene_src_details                   ? 
_entity_src_gen.pdbx_gene_src_fragment             ? 
_entity_src_gen.pdbx_gene_src_scientific_name      'Homo sapiens' 
_entity_src_gen.pdbx_gene_src_ncbi_taxonomy_id     9606 
_entity_src_gen.pdbx_gene_src_variant              ? 
_entity_src_gen.pdbx_gene_src_cell_line            ? 
_entity_src_gen.pdbx_gene_src_atcc                 ? 
_entity_src_gen.pdbx_gene_src_organ                ? 
_entity_src_gen.pdbx_gene_src_organelle            ? 
_entity_src_gen.pdbx_gene_src_cell                 ? 
_entity_src_gen.pdbx_gene_src_cellular_location    ? 
_entity_src_gen.host_org_common_name               ? 
_entity_src_gen.pdbx_host_org_scientific_name      'Escherichia coli' 
_entity_src_gen.pdbx_host_org_ncbi_taxonomy_id     562 
_entity_src_gen.host_org_genus                     ? 
_entity_src_gen.pdbx_host_org_gene                 ? 
_entity_src_gen.pdbx_host_org_organ                ? 
_entity_src_gen.host_org_species                   ? 
_entity_src_gen.pdbx_host_org_tissue               ? 
_entity_src_gen.pdbx_host_org_tissue_fraction      ? 
_entity_src_gen.pdbx_host_org_strain               ? 
_entity_src_gen.pdbx_host_org_variant              ? 
_entity_src_gen.pdbx_host_org_cell_line            ? 
_entity_src_gen.pdbx_host_org_atcc                 ? 
_entity_src_gen.pdbx_host_org_culture_collection   ? 
_entity_src_gen.pdbx_host_org_cell                 ? 
_entity_src_gen.pdbx_host_org_organelle            ? 
_entity_src_gen.pdbx_host_org_cellular_location    ? 
_entity_src_gen.pdbx_host_org_vector_type          ? 
_entity_src_gen.pdbx_host_org_vector               ? 
_entity_src_gen.host_org_details                   ? 
_entity_src_gen.expression_system_id               ? 
_entity_src_gen.plasmid_name                       ? 
_entity_src_gen.plasmid_details                    ? 
_entity_src_gen.pdbx_description                   ? 
# 
_pdbx_entity_src_syn.entity_id              2 
_pdbx_entity_src_syn.pdbx_src_id            1 
_pdbx_entity_src_syn.pdbx_alt_source_flag   sample 
_pdbx_entity_src_syn.pdbx_beg_seq_num       1 
_pdbx_entity_src_syn.pdbx_end_seq_num       7 
_pdbx_entity_src_syn.organism_scientific    'synthetic construct' 
_pdbx_entity_src_syn.organism_common_name   ? 
_pdbx_entity_src_syn.ncbi_taxonomy_id       32630 
_pdbx_entity_src_syn.details                ? 
# 
loop_
_struct_ref.id 
_struct_ref.db_name 
_struct_ref.db_code 
_struct_ref.pdbx_db_accession 
_struct_ref.pdbx_db_isoform 
_struct_ref.entity_id 
_struct_ref.pdbx_seq_one_letter_code 
_struct_ref.pdbx_align_begin 
1 UNP YBOX1_HUMAN P67809 ? 1 
;GDKKVIATKVLGTVKWFNVRNGYGFINRNDTKEDVFVHQTAIKKNNPRKYLRSVGDGETVEFDVVEGEKGAEAANVTGPG
G
;
50 
2 PDB 5YTT        5YTT   ? 2 ?                                                                                    1  
# 
loop_
_struct_ref_seq.align_id 
_struct_ref_seq.ref_id 
_struct_ref_seq.pdbx_PDB_id_code 
_struct_ref_seq.pdbx_strand_id 
_struct_ref_seq.seq_align_beg 
_struct_ref_seq.pdbx_seq_align_beg_ins_code 
_struct_ref_seq.seq_align_end 
_struct_ref_seq.pdbx_seq_align_end_ins_code 
_struct_ref_seq.pdbx_db_accession 
_struct_ref_seq.db_align_beg 
_struct_ref_seq.pdbx_db_align_beg_ins_code 
_struct_ref_seq.db_align_end 
_struct_ref_seq.pdbx_db_align_end_ins_code 
_struct_ref_seq.pdbx_auth_seq_align_beg 
_struct_ref_seq.pdbx_auth_seq_align_end 
1 1 5YTT A 3 ? 83 ? P67809 50 ? 130 ? 50 130 
2 2 5YTT B 1 ? 7  ? 5YTT   1  ? 7   ? 1  7   
# 
loop_
_struct_ref_seq_dif.align_id 
_struct_ref_seq_dif.pdbx_pdb_id_code 
_struct_ref_seq_dif.mon_id 
_struct_ref_seq_dif.pdbx_pdb_strand_id 
_struct_ref_seq_dif.seq_num 
_struct_ref_seq_dif.pdbx_pdb_ins_code 
_struct_ref_seq_dif.pdbx_seq_db_name 
_struct_ref_seq_dif.pdbx_seq_db_accession_code 
_struct_ref_seq_dif.db_mon_id 
_struct_ref_seq_dif.pdbx_seq_db_seq_num 
_struct_ref_seq_dif.details 
_struct_ref_seq_dif.pdbx_auth_seq_num 
_struct_ref_seq_dif.pdbx_ordinal 
1 5YTT GLY A 1 ? UNP P67809 ? ? 'expression tag' 48 1 
1 5YTT SER A 2 ? UNP P67809 ? ? 'expression tag' 49 2 
# 
loop_
_chem_comp.id 
_chem_comp.type 
_chem_comp.mon_nstd_flag 
_chem_comp.name 
_chem_comp.pdbx_synonyms 
_chem_comp.formula 
_chem_comp.formula_weight 
A   'RNA linking'       y "ADENOSINE-5'-MONOPHOSPHATE" ? 'C10 H14 N5 O7 P' 347.221 
ALA 'L-peptide linking' y ALANINE                      ? 'C3 H7 N O2'      89.093  
ARG 'L-peptide linking' y ARGININE                     ? 'C6 H15 N4 O2 1'  175.209 
ASN 'L-peptide linking' y ASPARAGINE                   ? 'C4 H8 N2 O3'     132.118 
ASP 'L-peptide linking' y 'ASPARTIC ACID'              ? 'C4 H7 N O4'      133.103 
C   'RNA linking'       y "CYTIDINE-5'-MONOPHOSPHATE"  ? 'C9 H14 N3 O8 P'  323.197 
G   'RNA linking'       y "GUANOSINE-5'-MONOPHOSPHATE" ? 'C10 H14 N5 O8 P' 363.221 
GLN 'L-peptide linking' y GLUTAMINE                    ? 'C5 H10 N2 O3'    146.144 
GLU 'L-peptide linking' y 'GLUTAMIC ACID'              ? 'C5 H9 N O4'      147.129 
GLY 'peptide linking'   y GLYCINE                      ? 'C2 H5 N O2'      75.067  
HIS 'L-peptide linking' y HISTIDINE                    ? 'C6 H10 N3 O2 1'  156.162 
HOH non-polymer         . WATER                        ? 'H2 O'            18.015  
ILE 'L-peptide linking' y ISOLEUCINE                   ? 'C6 H13 N O2'     131.173 
LEU 'L-peptide linking' y LEUCINE                      ? 'C6 H13 N O2'     131.173 
LYS 'L-peptide linking' y LYSINE                       ? 'C6 H15 N2 O2 1'  147.195 
PHE 'L-peptide linking' y PHENYLALANINE                ? 'C9 H11 N O2'     165.189 
PRO 'L-peptide linking' y PROLINE                      ? 'C5 H9 N O2'      115.130 
SER 'L-peptide linking' y SERINE                       ? 'C3 H7 N O3'      105.093 
SO4 non-polymer         . 'SULFATE ION'                ? 'O4 S -2'         96.063  
THR 'L-peptide linking' y THREONINE                    ? 'C4 H9 N O3'      119.119 
TRP 'L-peptide linking' y TRYPTOPHAN                   ? 'C11 H12 N2 O2'   204.225 
TYR 'L-peptide linking' y TYROSINE                     ? 'C9 H11 N O3'     181.189 
U   'RNA linking'       y "URIDINE-5'-MONOPHOSPHATE"   ? 'C9 H13 N2 O9 P'  324.181 
VAL 'L-peptide linking' y VALINE                       ? 'C5 H11 N O2'     117.146 
# 
_exptl.absorpt_coefficient_mu     ? 
_exptl.absorpt_correction_T_max   ? 
_exptl.absorpt_correction_T_min   ? 
_exptl.absorpt_correction_type    ? 
_exptl.absorpt_process_details    ? 
_exptl.entry_id                   5YTT 
_exptl.crystals_number            1 
_exptl.details                    ? 
_exptl.method                     'X-RAY DIFFRACTION' 
_exptl.method_details             ? 
# 
_exptl_crystal.colour                      ? 
_exptl_crystal.density_diffrn              ? 
_exptl_crystal.density_Matthews            2.10 
_exptl_crystal.density_method              ? 
_exptl_crystal.density_percent_sol         41.56 
_exptl_crystal.description                 ? 
_exptl_crystal.F_000                       ? 
_exptl_crystal.id                          1 
_exptl_crystal.preparation                 ? 
_exptl_crystal.size_max                    ? 
_exptl_crystal.size_mid                    ? 
_exptl_crystal.size_min                    ? 
_exptl_crystal.size_rad                    ? 
_exptl_crystal.colour_lustre               ? 
_exptl_crystal.colour_modifier             ? 
_exptl_crystal.colour_primary              ? 
_exptl_crystal.density_meas                ? 
_exptl_crystal.density_meas_esd            ? 
_exptl_crystal.density_meas_gt             ? 
_exptl_crystal.density_meas_lt             ? 
_exptl_crystal.density_meas_temp           ? 
_exptl_crystal.density_meas_temp_esd       ? 
_exptl_crystal.density_meas_temp_gt        ? 
_exptl_crystal.density_meas_temp_lt        ? 
_exptl_crystal.pdbx_crystal_image_url      ? 
_exptl_crystal.pdbx_crystal_image_format   ? 
_exptl_crystal.pdbx_mosaicity              ? 
_exptl_crystal.pdbx_mosaicity_esd          ? 
# 
_exptl_crystal_grow.apparatus       ? 
_exptl_crystal_grow.atmosphere      ? 
_exptl_crystal_grow.crystal_id      1 
_exptl_crystal_grow.details         ? 
_exptl_crystal_grow.method          'VAPOR DIFFUSION, HANGING DROP' 
_exptl_crystal_grow.method_ref      ? 
_exptl_crystal_grow.pH              4.5 
_exptl_crystal_grow.pressure        ? 
_exptl_crystal_grow.pressure_esd    ? 
_exptl_crystal_grow.seeding         ? 
_exptl_crystal_grow.seeding_ref     ? 
_exptl_crystal_grow.temp            290 
_exptl_crystal_grow.temp_details    ? 
_exptl_crystal_grow.temp_esd        ? 
_exptl_crystal_grow.time            ? 
_exptl_crystal_grow.pdbx_details    '30 % (v/v) 2-methyl-2,4-pentanediol, 0.1 M sodium acetate, pH 4.5, 25 % (w/v) PEG 1500' 
_exptl_crystal_grow.pdbx_pH_range   ? 
# 
_diffrn.ambient_environment    ? 
_diffrn.ambient_temp           100 
_diffrn.ambient_temp_details   ? 
_diffrn.ambient_temp_esd       ? 
_diffrn.crystal_id             1 
_diffrn.crystal_support        ? 
_diffrn.crystal_treatment      ? 
_diffrn.details                ? 
_diffrn.id                     1 
_diffrn.ambient_pressure       ? 
_diffrn.ambient_pressure_esd   ? 
_diffrn.ambient_pressure_gt    ? 
_diffrn.ambient_pressure_lt    ? 
_diffrn.ambient_temp_gt        ? 
_diffrn.ambient_temp_lt        ? 
# 
_diffrn_detector.details                      ? 
_diffrn_detector.detector                     CCD 
_diffrn_detector.diffrn_id                    1 
_diffrn_detector.type                         'ADSC QUANTUM 315' 
_diffrn_detector.area_resol_mean              ? 
_diffrn_detector.dtime                        ? 
_diffrn_detector.pdbx_frames_total            ? 
_diffrn_detector.pdbx_collection_time_total   ? 
_diffrn_detector.pdbx_collection_date         2014-12-12 
# 
_diffrn_radiation.collimation                      ? 
_diffrn_radiation.diffrn_id                        1 
_diffrn_radiation.filter_edge                      ? 
_diffrn_radiation.inhomogeneity                    ? 
_diffrn_radiation.monochromator                    ? 
_diffrn_radiation.polarisn_norm                    ? 
_diffrn_radiation.polarisn_ratio                   ? 
_diffrn_radiation.probe                            ? 
_diffrn_radiation.type                             ? 
_diffrn_radiation.xray_symbol                      ? 
_diffrn_radiation.wavelength_id                    1 
_diffrn_radiation.pdbx_monochromatic_or_laue_m_l   M 
_diffrn_radiation.pdbx_wavelength_list             ? 
_diffrn_radiation.pdbx_wavelength                  ? 
_diffrn_radiation.pdbx_diffrn_protocol             'SINGLE WAVELENGTH' 
_diffrn_radiation.pdbx_analyzer                    ? 
_diffrn_radiation.pdbx_scattering_type             x-ray 
# 
_diffrn_radiation_wavelength.id           1 
_diffrn_radiation_wavelength.wavelength   0.97852 
_diffrn_radiation_wavelength.wt           1.0 
# 
_diffrn_source.current                     ? 
_diffrn_source.details                     ? 
_diffrn_source.diffrn_id                   1 
_diffrn_source.power                       ? 
_diffrn_source.size                        ? 
_diffrn_source.source                      SYNCHROTRON 
_diffrn_source.target                      ? 
_diffrn_source.type                        'SSRF BEAMLINE BL17U1' 
_diffrn_source.voltage                     ? 
_diffrn_source.take-off_angle              ? 
_diffrn_source.pdbx_wavelength_list        0.97852 
_diffrn_source.pdbx_wavelength             ? 
_diffrn_source.pdbx_synchrotron_beamline   BL17U1 
_diffrn_source.pdbx_synchrotron_site       SSRF 
# 
_reflns.B_iso_Wilson_estimate            ? 
_reflns.entry_id                         5YTT 
_reflns.data_reduction_details           ? 
_reflns.data_reduction_method            ? 
_reflns.d_resolution_high                1.60 
_reflns.d_resolution_low                 50 
_reflns.details                          ? 
_reflns.limit_h_max                      ? 
_reflns.limit_h_min                      ? 
_reflns.limit_k_max                      ? 
_reflns.limit_k_min                      ? 
_reflns.limit_l_max                      ? 
_reflns.limit_l_min                      ? 
_reflns.number_all                       ? 
_reflns.number_obs                       11696 
_reflns.observed_criterion               ? 
_reflns.observed_criterion_F_max         ? 
_reflns.observed_criterion_F_min         ? 
_reflns.observed_criterion_I_max         ? 
_reflns.observed_criterion_I_min         ? 
_reflns.observed_criterion_sigma_F       ? 
_reflns.observed_criterion_sigma_I       ? 
_reflns.percent_possible_obs             96.4 
_reflns.R_free_details                   ? 
_reflns.Rmerge_F_all                     ? 
_reflns.Rmerge_F_obs                     ? 
_reflns.Friedel_coverage                 ? 
_reflns.number_gt                        ? 
_reflns.threshold_expression             ? 
_reflns.pdbx_redundancy                  9.2 
_reflns.pdbx_Rmerge_I_obs                ? 
_reflns.pdbx_Rmerge_I_all                ? 
_reflns.pdbx_Rsym_value                  ? 
_reflns.pdbx_netI_over_av_sigmaI         ? 
_reflns.pdbx_netI_over_sigmaI            26.6 
_reflns.pdbx_res_netI_over_av_sigmaI_2   ? 
_reflns.pdbx_res_netI_over_sigmaI_2      ? 
_reflns.pdbx_chi_squared                 ? 
_reflns.pdbx_scaling_rejects             ? 
_reflns.pdbx_d_res_high_opt              ? 
_reflns.pdbx_d_res_low_opt               ? 
_reflns.pdbx_d_res_opt_method            ? 
_reflns.phase_calculation_details        ? 
_reflns.pdbx_Rrim_I_all                  ? 
_reflns.pdbx_Rpim_I_all                  ? 
_reflns.pdbx_d_opt                       ? 
_reflns.pdbx_number_measured_all         ? 
_reflns.pdbx_diffrn_id                   1 
_reflns.pdbx_ordinal                     1 
_reflns.pdbx_CC_half                     ? 
_reflns.pdbx_R_split                     ? 
# 
_reflns_shell.d_res_high                  1.60 
_reflns_shell.d_res_low                   1.66 
_reflns_shell.meanI_over_sigI_all         ? 
_reflns_shell.meanI_over_sigI_obs         ? 
_reflns_shell.number_measured_all         ? 
_reflns_shell.number_measured_obs         ? 
_reflns_shell.number_possible             ? 
_reflns_shell.number_unique_all           ? 
_reflns_shell.number_unique_obs           ? 
_reflns_shell.percent_possible_all        ? 
_reflns_shell.percent_possible_obs        ? 
_reflns_shell.Rmerge_F_all                ? 
_reflns_shell.Rmerge_F_obs                ? 
_reflns_shell.Rmerge_I_all                ? 
_reflns_shell.Rmerge_I_obs                ? 
_reflns_shell.meanI_over_sigI_gt          ? 
_reflns_shell.meanI_over_uI_all           ? 
_reflns_shell.meanI_over_uI_gt            ? 
_reflns_shell.number_measured_gt          ? 
_reflns_shell.number_unique_gt            ? 
_reflns_shell.percent_possible_gt         ? 
_reflns_shell.Rmerge_F_gt                 ? 
_reflns_shell.Rmerge_I_gt                 ? 
_reflns_shell.pdbx_redundancy             ? 
_reflns_shell.pdbx_Rsym_value             ? 
_reflns_shell.pdbx_chi_squared            ? 
_reflns_shell.pdbx_netI_over_sigmaI_all   ? 
_reflns_shell.pdbx_netI_over_sigmaI_obs   ? 
_reflns_shell.pdbx_Rrim_I_all             ? 
_reflns_shell.pdbx_Rpim_I_all             ? 
_reflns_shell.pdbx_rejects                ? 
_reflns_shell.pdbx_ordinal                1 
_reflns_shell.pdbx_diffrn_id              1 
_reflns_shell.pdbx_CC_half                ? 
_reflns_shell.pdbx_R_split                ? 
# 
_refine.aniso_B[1][1]                            ? 
_refine.aniso_B[1][2]                            ? 
_refine.aniso_B[1][3]                            ? 
_refine.aniso_B[2][2]                            ? 
_refine.aniso_B[2][3]                            ? 
_refine.aniso_B[3][3]                            ? 
_refine.B_iso_max                                ? 
_refine.B_iso_mean                               ? 
_refine.B_iso_min                                ? 
_refine.correlation_coeff_Fo_to_Fc               ? 
_refine.correlation_coeff_Fo_to_Fc_free          ? 
_refine.details                                  ? 
_refine.diff_density_max                         ? 
_refine.diff_density_max_esd                     ? 
_refine.diff_density_min                         ? 
_refine.diff_density_min_esd                     ? 
_refine.diff_density_rms                         ? 
_refine.diff_density_rms_esd                     ? 
_refine.entry_id                                 5YTT 
_refine.pdbx_refine_id                           'X-RAY DIFFRACTION' 
_refine.ls_abs_structure_details                 ? 
_refine.ls_abs_structure_Flack                   ? 
_refine.ls_abs_structure_Flack_esd               ? 
_refine.ls_abs_structure_Rogers                  ? 
_refine.ls_abs_structure_Rogers_esd              ? 
_refine.ls_d_res_high                            1.60 
_refine.ls_d_res_low                             30.0 
_refine.ls_extinction_coef                       ? 
_refine.ls_extinction_coef_esd                   ? 
_refine.ls_extinction_expression                 ? 
_refine.ls_extinction_method                     ? 
_refine.ls_goodness_of_fit_all                   ? 
_refine.ls_goodness_of_fit_all_esd               ? 
_refine.ls_goodness_of_fit_obs                   ? 
_refine.ls_goodness_of_fit_obs_esd               ? 
_refine.ls_hydrogen_treatment                    ? 
_refine.ls_matrix_type                           ? 
_refine.ls_number_constraints                    ? 
_refine.ls_number_parameters                     ? 
_refine.ls_number_reflns_all                     ? 
_refine.ls_number_reflns_obs                     10965 
_refine.ls_number_reflns_R_free                  1101 
_refine.ls_number_reflns_R_work                  ? 
_refine.ls_number_restraints                     ? 
_refine.ls_percent_reflns_obs                    46.64 
_refine.ls_percent_reflns_R_free                 10.04 
_refine.ls_R_factor_all                          ? 
_refine.ls_R_factor_obs                          0.1859 
_refine.ls_R_factor_R_free                       0.2178 
_refine.ls_R_factor_R_free_error                 ? 
_refine.ls_R_factor_R_free_error_details         ? 
_refine.ls_R_factor_R_work                       0.1824 
_refine.ls_R_Fsqd_factor_obs                     ? 
_refine.ls_R_I_factor_obs                        ? 
_refine.ls_redundancy_reflns_all                 ? 
_refine.ls_redundancy_reflns_obs                 ? 
_refine.ls_restrained_S_all                      ? 
_refine.ls_restrained_S_obs                      ? 
_refine.ls_shift_over_esd_max                    ? 
_refine.ls_shift_over_esd_mean                   ? 
_refine.ls_structure_factor_coef                 ? 
_refine.ls_weighting_details                     ? 
_refine.ls_weighting_scheme                      ? 
_refine.ls_wR_factor_all                         ? 
_refine.ls_wR_factor_obs                         ? 
_refine.ls_wR_factor_R_free                      ? 
_refine.ls_wR_factor_R_work                      ? 
_refine.occupancy_max                            ? 
_refine.occupancy_min                            ? 
_refine.solvent_model_details                    ? 
_refine.solvent_model_param_bsol                 ? 
_refine.solvent_model_param_ksol                 ? 
_refine.ls_R_factor_gt                           ? 
_refine.ls_goodness_of_fit_gt                    ? 
_refine.ls_goodness_of_fit_ref                   ? 
_refine.ls_shift_over_su_max                     ? 
_refine.ls_shift_over_su_max_lt                  ? 
_refine.ls_shift_over_su_mean                    ? 
_refine.ls_shift_over_su_mean_lt                 ? 
_refine.pdbx_ls_sigma_I                          ? 
_refine.pdbx_ls_sigma_F                          1.36 
_refine.pdbx_ls_sigma_Fsqd                       ? 
_refine.pdbx_data_cutoff_high_absF               ? 
_refine.pdbx_data_cutoff_high_rms_absF           ? 
_refine.pdbx_data_cutoff_low_absF                ? 
_refine.pdbx_isotropic_thermal_model             ? 
_refine.pdbx_ls_cross_valid_method               'FREE R-VALUE' 
_refine.pdbx_method_to_determine_struct          'MOLECULAR REPLACEMENT' 
_refine.pdbx_starting_model                      3PF5 
_refine.pdbx_stereochemistry_target_values       ? 
_refine.pdbx_R_Free_selection_details            ? 
_refine.pdbx_stereochem_target_val_spec_case     ? 
_refine.pdbx_overall_ESU_R                       ? 
_refine.pdbx_overall_ESU_R_Free                  ? 
_refine.pdbx_solvent_vdw_probe_radii             1.11 
_refine.pdbx_solvent_ion_probe_radii             ? 
_refine.pdbx_solvent_shrinkage_radii             0.90 
_refine.pdbx_real_space_R                        ? 
_refine.pdbx_density_correlation                 ? 
_refine.pdbx_pd_number_of_powder_patterns        ? 
_refine.pdbx_pd_number_of_points                 ? 
_refine.pdbx_pd_meas_number_of_points            ? 
_refine.pdbx_pd_proc_ls_prof_R_factor            ? 
_refine.pdbx_pd_proc_ls_prof_wR_factor           ? 
_refine.pdbx_pd_Marquardt_correlation_coeff      ? 
_refine.pdbx_pd_Fsqrd_R_factor                   ? 
_refine.pdbx_pd_ls_matrix_band_width             ? 
_refine.pdbx_overall_phase_error                 22.64 
_refine.pdbx_overall_SU_R_free_Cruickshank_DPI   ? 
_refine.pdbx_overall_SU_R_free_Blow_DPI          ? 
_refine.pdbx_overall_SU_R_Blow_DPI               ? 
_refine.pdbx_TLS_residual_ADP_flag               ? 
_refine.pdbx_diffrn_id                           1 
_refine.overall_SU_B                             ? 
_refine.overall_SU_ML                            0.17 
_refine.overall_SU_R_Cruickshank_DPI             ? 
_refine.overall_SU_R_free                        ? 
_refine.overall_FOM_free_R_set                   ? 
_refine.overall_FOM_work_R_set                   ? 
_refine.pdbx_average_fsc_overall                 ? 
_refine.pdbx_average_fsc_work                    ? 
_refine.pdbx_average_fsc_free                    ? 
# 
_refine_hist.pdbx_refine_id                   'X-RAY DIFFRACTION' 
_refine_hist.cycle_id                         LAST 
_refine_hist.pdbx_number_atoms_protein        582 
_refine_hist.pdbx_number_atoms_nucleic_acid   105 
_refine_hist.pdbx_number_atoms_ligand         30 
_refine_hist.number_atoms_solvent             62 
_refine_hist.number_atoms_total               779 
_refine_hist.d_res_high                       1.60 
_refine_hist.d_res_low                        30.0 
# 
loop_
_refine_ls_restr.pdbx_refine_id 
_refine_ls_restr.criterion 
_refine_ls_restr.dev_ideal 
_refine_ls_restr.dev_ideal_target 
_refine_ls_restr.number 
_refine_ls_restr.rejects 
_refine_ls_restr.type 
_refine_ls_restr.weight 
_refine_ls_restr.pdbx_restraint_function 
'X-RAY DIFFRACTION' ? 0.007  ? 776  ? f_bond_d           ? ? 
'X-RAY DIFFRACTION' ? 1.072  ? 1082 ? f_angle_d          ? ? 
'X-RAY DIFFRACTION' ? 14.940 ? 304  ? f_dihedral_angle_d ? ? 
'X-RAY DIFFRACTION' ? 0.045  ? 131  ? f_chiral_restr     ? ? 
'X-RAY DIFFRACTION' ? 0.005  ? 117  ? f_plane_restr      ? ? 
# 
loop_
_refine_ls_shell.pdbx_refine_id 
_refine_ls_shell.d_res_high 
_refine_ls_shell.d_res_low 
_refine_ls_shell.number_reflns_all 
_refine_ls_shell.number_reflns_obs 
_refine_ls_shell.number_reflns_R_free 
_refine_ls_shell.number_reflns_R_work 
_refine_ls_shell.percent_reflns_obs 
_refine_ls_shell.percent_reflns_R_free 
_refine_ls_shell.R_factor_all 
_refine_ls_shell.R_factor_obs 
_refine_ls_shell.R_factor_R_free 
_refine_ls_shell.R_factor_R_free_error 
_refine_ls_shell.R_factor_R_work 
_refine_ls_shell.redundancy_reflns_all 
_refine_ls_shell.redundancy_reflns_obs 
_refine_ls_shell.wR_factor_all 
_refine_ls_shell.wR_factor_obs 
_refine_ls_shell.wR_factor_R_free 
_refine_ls_shell.wR_factor_R_work 
_refine_ls_shell.pdbx_total_number_of_bins_used 
_refine_ls_shell.pdbx_phase_error 
_refine_ls_shell.pdbx_fsc_work 
_refine_ls_shell.pdbx_fsc_free 
'X-RAY DIFFRACTION' 1.5970 1.6697  . . 84  759  28.00 . . . 0.2031 . 0.2267 . . . . . . . . . . 
'X-RAY DIFFRACTION' 1.6697 1.7577  . . 103 913  35.00 . . . 0.2881 . 0.1960 . . . . . . . . . . 
'X-RAY DIFFRACTION' 1.7577 1.8678  . . 124 1073 41.00 . . . 0.1993 . 0.1835 . . . . . . . . . . 
'X-RAY DIFFRACTION' 1.8678 2.0120  . . 140 1290 48.00 . . . 0.2126 . 0.1730 . . . . . . . . . . 
'X-RAY DIFFRACTION' 2.0120 2.2144  . . 152 1356 51.00 . . . 0.1782 . 0.1712 . . . . . . . . . . 
'X-RAY DIFFRACTION' 2.2144 2.5347  . . 154 1360 52.00 . . . 0.1919 . 0.1744 . . . . . . . . . . 
'X-RAY DIFFRACTION' 2.5347 3.1930  . . 162 1497 56.00 . . . 0.2260 . 0.1980 . . . . . . . . . . 
'X-RAY DIFFRACTION' 3.1930 30.5441 . . 182 1616 61.00 . . . 0.2371 . 0.1782 . . . . . . . . . . 
# 
_struct.entry_id                     5YTT 
_struct.title                        'Crystal structure of YB1 cold-shock domain in complex with UCAUGU' 
_struct.pdbx_model_details           ? 
_struct.pdbx_formula_weight          ? 
_struct.pdbx_formula_weight_method   ? 
_struct.pdbx_model_type_details      ? 
_struct.pdbx_CASP_flag               N 
# 
_struct_keywords.entry_id        5YTT 
_struct_keywords.text            'YB1, cold-shock domain, CAUG, RNA BINDING PROTEIN, RNA BINDING PROTEIN-RNA complex' 
_struct_keywords.pdbx_keywords   'RNA BINDING PROTEIN/RNA' 
# 
loop_
_struct_asym.id 
_struct_asym.pdbx_blank_PDB_chainid_flag 
_struct_asym.pdbx_modified 
_struct_asym.entity_id 
_struct_asym.details 
A N N 1 ? 
B N N 2 ? 
C N N 3 ? 
D N N 3 ? 
E N N 4 ? 
F N N 4 ? 
# 
_struct_conf.conf_type_id            HELX_P 
_struct_conf.id                      HELX_P1 
_struct_conf.pdbx_PDB_helix_id       AA1 
_struct_conf.beg_label_comp_id       THR 
_struct_conf.beg_label_asym_id       A 
_struct_conf.beg_label_seq_id        42 
_struct_conf.pdbx_beg_PDB_ins_code   ? 
_struct_conf.end_label_comp_id       ILE 
_struct_conf.end_label_asym_id       A 
_struct_conf.end_label_seq_id        44 
_struct_conf.pdbx_end_PDB_ins_code   ? 
_struct_conf.beg_auth_comp_id        THR 
_struct_conf.beg_auth_asym_id        A 
_struct_conf.beg_auth_seq_id         89 
_struct_conf.end_auth_comp_id        ILE 
_struct_conf.end_auth_asym_id        A 
_struct_conf.end_auth_seq_id         91 
_struct_conf.pdbx_PDB_helix_class    5 
_struct_conf.details                 ? 
_struct_conf.pdbx_PDB_helix_length   3 
# 
_struct_conf_type.id          HELX_P 
_struct_conf_type.criteria    ? 
_struct_conf_type.reference   ? 
# 
_struct_sheet.id               AA1 
_struct_sheet.type             ? 
_struct_sheet.number_strands   6 
_struct_sheet.details          ? 
# 
loop_
_struct_sheet_order.sheet_id 
_struct_sheet_order.range_id_1 
_struct_sheet_order.range_id_2 
_struct_sheet_order.offset 
_struct_sheet_order.sense 
AA1 1 2 ? anti-parallel 
AA1 2 3 ? anti-parallel 
AA1 3 4 ? parallel      
AA1 4 5 ? anti-parallel 
AA1 5 6 ? anti-parallel 
# 
loop_
_struct_sheet_range.sheet_id 
_struct_sheet_range.id 
_struct_sheet_range.beg_label_comp_id 
_struct_sheet_range.beg_label_asym_id 
_struct_sheet_range.beg_label_seq_id 
_struct_sheet_range.pdbx_beg_PDB_ins_code 
_struct_sheet_range.end_label_comp_id 
_struct_sheet_range.end_label_asym_id 
_struct_sheet_range.end_label_seq_id 
_struct_sheet_range.pdbx_end_PDB_ins_code 
_struct_sheet_range.beg_auth_comp_id 
_struct_sheet_range.beg_auth_asym_id 
_struct_sheet_range.beg_auth_seq_id 
_struct_sheet_range.end_auth_comp_id 
_struct_sheet_range.end_auth_asym_id 
_struct_sheet_range.end_auth_seq_id 
AA1 1 LYS A 6  ? ASN A 20 ? LYS A 53  ASN A 67  
AA1 2 TYR A 25 ? ARG A 30 ? TYR A 72  ARG A 77  
AA1 3 ASP A 36 ? HIS A 40 ? ASP A 83  HIS A 87  
AA1 4 GLY A 72 ? THR A 79 ? GLY A 119 THR A 126 
AA1 5 THR A 61 ? GLY A 69 ? THR A 108 GLY A 116 
AA1 6 LYS A 6  ? ASN A 20 ? LYS A 53  ASN A 67  
# 
loop_
_pdbx_struct_sheet_hbond.sheet_id 
_pdbx_struct_sheet_hbond.range_id_1 
_pdbx_struct_sheet_hbond.range_id_2 
_pdbx_struct_sheet_hbond.range_1_label_atom_id 
_pdbx_struct_sheet_hbond.range_1_label_comp_id 
_pdbx_struct_sheet_hbond.range_1_label_asym_id 
_pdbx_struct_sheet_hbond.range_1_label_seq_id 
_pdbx_struct_sheet_hbond.range_1_PDB_ins_code 
_pdbx_struct_sheet_hbond.range_1_auth_atom_id 
_pdbx_struct_sheet_hbond.range_1_auth_comp_id 
_pdbx_struct_sheet_hbond.range_1_auth_asym_id 
_pdbx_struct_sheet_hbond.range_1_auth_seq_id 
_pdbx_struct_sheet_hbond.range_2_label_atom_id 
_pdbx_struct_sheet_hbond.range_2_label_comp_id 
_pdbx_struct_sheet_hbond.range_2_label_asym_id 
_pdbx_struct_sheet_hbond.range_2_label_seq_id 
_pdbx_struct_sheet_hbond.range_2_PDB_ins_code 
_pdbx_struct_sheet_hbond.range_2_auth_atom_id 
_pdbx_struct_sheet_hbond.range_2_auth_comp_id 
_pdbx_struct_sheet_hbond.range_2_auth_asym_id 
_pdbx_struct_sheet_hbond.range_2_auth_seq_id 
AA1 1 2 N THR A 15 ? N THR A 62  O ASN A 29 ? O ASN A 76  
AA1 2 3 N ILE A 28 ? N ILE A 75  O VAL A 37 ? O VAL A 84  
AA1 3 4 N PHE A 38 ? N PHE A 85  O ALA A 75 ? O ALA A 122 
AA1 4 5 O ALA A 76 ? O ALA A 123 N ASP A 65 ? N ASP A 112 
AA1 5 6 O VAL A 66 ? O VAL A 113 N ILE A 8  ? N ILE A 55  
# 
loop_
_struct_site.id 
_struct_site.pdbx_evidence_code 
_struct_site.pdbx_auth_asym_id 
_struct_site.pdbx_auth_comp_id 
_struct_site.pdbx_auth_seq_id 
_struct_site.pdbx_auth_ins_code 
_struct_site.pdbx_num_residues 
_struct_site.details 
AC1 Software A SO4 201 ? 5 'binding site for residue SO4 A 201' 
AC2 Software A SO4 202 ? 4 'binding site for residue SO4 A 202' 
# 
loop_
_struct_site_gen.id 
_struct_site_gen.site_id 
_struct_site_gen.pdbx_num_res 
_struct_site_gen.label_comp_id 
_struct_site_gen.label_asym_id 
_struct_site_gen.label_seq_id 
_struct_site_gen.pdbx_auth_ins_code 
_struct_site_gen.auth_comp_id 
_struct_site_gen.auth_asym_id 
_struct_site_gen.auth_seq_id 
_struct_site_gen.label_atom_id 
_struct_site_gen.label_alt_id 
_struct_site_gen.symmetry 
_struct_site_gen.details 
1 AC1 5 LYS A 5  ? LYS A 52  . ? 6_555 ? 
2 AC1 5 LYS A 6  ? LYS A 53  . ? 6_555 ? 
3 AC1 5 VAL A 7  ? VAL A 54  . ? 6_555 ? 
4 AC1 5 ARG A 54 ? ARG A 101 . ? 1_555 ? 
5 AC1 5 SO4 D .  ? SO4 A 202 . ? 1_555 ? 
6 AC2 4 LYS A 45 ? LYS A 92  . ? 1_555 ? 
7 AC2 4 LYS A 46 ? LYS A 93  . ? 1_555 ? 
8 AC2 4 ARG A 54 ? ARG A 101 . ? 1_555 ? 
9 AC2 4 SO4 C .  ? SO4 A 201 . ? 1_555 ? 
# 
_atom_sites.entry_id                    5YTT 
_atom_sites.fract_transf_matrix[1][1]   0.00641221 
_atom_sites.fract_transf_matrix[1][2]   0.01564903 
_atom_sites.fract_transf_matrix[1][3]   -0.00425239 
_atom_sites.fract_transf_matrix[2][1]   0.00753165 
_atom_sites.fract_transf_matrix[2][2]   0.00994133 
_atom_sites.fract_transf_matrix[2][3]   0.01218721 
_atom_sites.fract_transf_matrix[3][1]   0.02452117 
_atom_sites.fract_transf_matrix[3][2]   -0.01159526 
_atom_sites.fract_transf_matrix[3][3]   -0.00569553 
_atom_sites.fract_transf_vector[1]      0.152571 
_atom_sites.fract_transf_vector[2]      0.427275 
_atom_sites.fract_transf_vector[3]      1.029878 
# 
loop_
_atom_type.symbol 
C 
N 
O 
P 
S 
# 
loop_
_atom_site.group_PDB 
_atom_site.id 
_atom_site.type_symbol 
_atom_site.label_atom_id 
_atom_site.label_alt_id 
_atom_site.label_comp_id 
_atom_site.label_asym_id 
_atom_site.label_entity_id 
_atom_site.label_seq_id 
_atom_site.pdbx_PDB_ins_code 
_atom_site.Cartn_x 
_atom_site.Cartn_y 
_atom_site.Cartn_z 
_atom_site.occupancy 
_atom_site.B_iso_or_equiv 
_atom_site.pdbx_formal_charge 
_atom_site.auth_seq_id 
_atom_site.auth_comp_id 
_atom_site.auth_asym_id 
_atom_site.auth_atom_id 
_atom_site.pdbx_PDB_model_num 
ATOM   1   N N     . LYS A 1 5  ? -4.554  -1.304  -15.958 1.00 73.70  ? 52  LYS A N     1 
ATOM   2   C CA    . LYS A 1 5  ? -4.352  -0.420  -14.817 1.00 72.67  ? 52  LYS A CA    1 
ATOM   3   C C     . LYS A 1 5  ? -3.313  0.652   -15.123 1.00 64.57  ? 52  LYS A C     1 
ATOM   4   O O     . LYS A 1 5  ? -2.359  0.416   -15.868 1.00 74.34  ? 52  LYS A O     1 
ATOM   5   C CB    . LYS A 1 5  ? -3.930  -1.224  -13.582 1.00 76.31  ? 52  LYS A CB    1 
ATOM   6   C CG    . LYS A 1 5  ? -2.628  -1.988  -13.747 1.00 82.94  ? 52  LYS A CG    1 
ATOM   7   C CD    . LYS A 1 5  ? -2.289  -2.750  -12.480 1.00 86.14  ? 52  LYS A CD    1 
ATOM   8   C CE    . LYS A 1 5  ? -3.291  -3.865  -12.219 1.00 90.28  ? 52  LYS A CE    1 
ATOM   9   N NZ    . LYS A 1 5  ? -2.974  -4.610  -10.969 1.00 88.70  ? 52  LYS A NZ    1 
ATOM   10  N N     . LYS A 1 6  ? -3.493  1.826   -14.527 1.00 41.87  ? 53  LYS A N     1 
ATOM   11  C CA    . LYS A 1 6  ? -2.609  2.956   -14.778 1.00 22.04  ? 53  LYS A CA    1 
ATOM   12  C C     . LYS A 1 6  ? -1.996  3.471   -13.476 1.00 22.94  ? 53  LYS A C     1 
ATOM   13  O O     . LYS A 1 6  ? -2.655  3.469   -12.441 1.00 22.07  ? 53  LYS A O     1 
ATOM   14  C CB    . LYS A 1 6  ? -3.371  4.088   -15.466 1.00 25.32  ? 53  LYS A CB    1 
ATOM   15  C CG    . LYS A 1 6  ? -4.000  3.728   -16.811 1.00 34.64  ? 53  LYS A CG    1 
ATOM   16  C CD    . LYS A 1 6  ? -4.594  4.964   -17.459 1.00 39.38  ? 53  LYS A CD    1 
ATOM   17  C CE    . LYS A 1 6  ? -5.081  4.687   -18.867 1.00 45.43  ? 53  LYS A CE    1 
ATOM   18  N NZ    . LYS A 1 6  ? -6.227  3.732   -18.875 1.00 54.15  ? 53  LYS A NZ    1 
ATOM   19  N N     . VAL A 1 7  ? -0.752  3.930   -13.539 1.00 20.26  ? 54  VAL A N     1 
ATOM   20  C CA    . VAL A 1 7  ? -0.112  4.572   -12.392 1.00 19.16  ? 54  VAL A CA    1 
ATOM   21  C C     . VAL A 1 7  ? -0.627  6.001   -12.253 1.00 16.49  ? 54  VAL A C     1 
ATOM   22  O O     . VAL A 1 7  ? -0.532  6.788   -13.200 1.00 18.45  ? 54  VAL A O     1 
ATOM   23  C CB    . VAL A 1 7  ? 1.424   4.586   -12.538 1.00 18.04  ? 54  VAL A CB    1 
ATOM   24  C CG1   . VAL A 1 7  ? 2.071   5.338   -11.372 1.00 18.89  ? 54  VAL A CG1   1 
ATOM   25  C CG2   . VAL A 1 7  ? 1.955   3.157   -12.627 1.00 22.31  ? 54  VAL A CG2   1 
ATOM   26  N N     A ILE A 1 8  ? -1.186  6.317   -11.089 0.41 13.82  ? 55  ILE A N     1 
ATOM   27  N N     C ILE A 1 8  ? -1.167  6.352   -11.086 0.59 13.82  ? 55  ILE A N     1 
ATOM   28  C CA    A ILE A 1 8  ? -1.699  7.656   -10.841 0.41 18.25  ? 55  ILE A CA    1 
ATOM   29  C CA    C ILE A 1 8  ? -1.678  7.713   -10.897 0.59 16.91  ? 55  ILE A CA    1 
ATOM   30  C C     A ILE A 1 8  ? -0.656  8.503   -10.130 0.41 16.57  ? 55  ILE A C     1 
ATOM   31  C C     C ILE A 1 8  ? -0.843  8.538   -9.920  0.59 16.86  ? 55  ILE A C     1 
ATOM   32  O O     A ILE A 1 8  ? -0.495  9.684   -10.435 0.41 17.17  ? 55  ILE A O     1 
ATOM   33  O O     C ILE A 1 8  ? -1.017  9.749   -9.826  0.59 16.54  ? 55  ILE A O     1 
ATOM   34  C CB    A ILE A 1 8  ? -2.984  7.636   -9.998  0.41 21.30  ? 55  ILE A CB    1 
ATOM   35  C CB    C ILE A 1 8  ? -3.142  7.720   -10.411 0.59 14.04  ? 55  ILE A CB    1 
ATOM   36  C CG1   A ILE A 1 8  ? -4.042  6.754   -10.655 0.41 21.30  ? 55  ILE A CG1   1 
ATOM   37  C CG1   C ILE A 1 8  ? -3.275  6.984   -9.081  0.59 20.84  ? 55  ILE A CG1   1 
ATOM   38  C CG2   A ILE A 1 8  ? -3.515  9.046   -9.825  0.41 18.81  ? 55  ILE A CG2   1 
ATOM   39  C CG2   C ILE A 1 8  ? -4.063  7.120   -11.464 0.59 18.04  ? 55  ILE A CG2   1 
ATOM   40  C CD1   A ILE A 1 8  ? -4.393  7.192   -12.051 0.41 25.46  ? 55  ILE A CD1   1 
ATOM   41  C CD1   C ILE A 1 8  ? -4.679  7.026   -8.514  0.59 27.47  ? 55  ILE A CD1   1 
ATOM   42  N N     . ALA A 1 9  ? 0.052   7.886   -9.185  1.00 14.24  ? 56  ALA A N     1 
ATOM   43  C CA    . ALA A 1 9  ? 1.005   8.600   -8.347  1.00 12.52  ? 56  ALA A CA    1 
ATOM   44  C C     . ALA A 1 9  ? 2.166   7.692   -7.960  1.00 11.89  ? 56  ALA A C     1 
ATOM   45  O O     . ALA A 1 9  ? 1.996   6.477   -7.876  1.00 13.02  ? 56  ALA A O     1 
ATOM   46  C CB    . ALA A 1 9  ? 0.322   9.138   -7.087  1.00 16.18  ? 56  ALA A CB    1 
ATOM   47  N N     . THR A 1 10 ? 3.348   8.270   -7.746  1.00 13.54  ? 57  THR A N     1 
ATOM   48  C CA    A THR A 1 10 ? 4.480   7.474   -7.286  0.14 14.06  ? 57  THR A CA    1 
ATOM   49  C CA    B THR A 1 10 ? 4.510   7.498   -7.308  0.86 14.44  ? 57  THR A CA    1 
ATOM   50  C C     . THR A 1 10 ? 5.132   8.100   -6.059  1.00 12.72  ? 57  THR A C     1 
ATOM   51  O O     . THR A 1 10 ? 4.963   9.287   -5.788  1.00 12.14  ? 57  THR A O     1 
ATOM   52  C CB    A THR A 1 10 ? 5.546   7.286   -8.391  0.14 16.73  ? 57  THR A CB    1 
ATOM   53  C CB    B THR A 1 10 ? 5.592   7.416   -8.414  0.86 18.70  ? 57  THR A CB    1 
ATOM   54  O OG1   A THR A 1 10 ? 6.538   6.356   -7.938  0.14 15.44  ? 57  THR A OG1   1 
ATOM   55  O OG1   B THR A 1 10 ? 6.069   8.733   -8.725  0.86 19.84  ? 57  THR A OG1   1 
ATOM   56  C CG2   A THR A 1 10 ? 6.220   8.604   -8.731  0.14 19.28  ? 57  THR A CG2   1 
ATOM   57  C CG2   B THR A 1 10 ? 5.025   6.772   -9.669  0.86 18.98  ? 57  THR A CG2   1 
ATOM   58  N N     . LYS A 1 11 ? 5.849   7.269   -5.307  1.00 12.28  ? 58  LYS A N     1 
ATOM   59  C CA    . LYS A 1 11 ? 6.565   7.697   -4.112  1.00 12.76  ? 58  LYS A CA    1 
ATOM   60  C C     . LYS A 1 11 ? 5.638   8.407   -3.128  1.00 11.61  ? 58  LYS A C     1 
ATOM   61  O O     . LYS A 1 11 ? 5.993   9.430   -2.518  1.00 14.92  ? 58  LYS A O     1 
ATOM   62  C CB    . LYS A 1 11 ? 7.758   8.600   -4.474  1.00 19.99  ? 58  LYS A CB    1 
ATOM   63  C CG    . LYS A 1 11 ? 8.765   8.013   -5.495  1.00 27.67  ? 58  LYS A CG    1 
ATOM   64  C CD    . LYS A 1 11 ? 8.733   6.482   -5.566  1.00 53.30  ? 58  LYS A CD    1 
ATOM   65  C CE    . LYS A 1 11 ? 10.097  5.814   -5.416  1.00 61.80  ? 58  LYS A CE    1 
ATOM   66  N NZ    . LYS A 1 11 ? 10.058  4.420   -5.958  1.00 61.09  ? 58  LYS A NZ    1 
ATOM   67  N N     . VAL A 1 12 ? 4.447   7.845   -2.971  1.00 8.21   ? 59  VAL A N     1 
ATOM   68  C CA    . VAL A 1 12 ? 3.479   8.302   -1.973  1.00 7.86   ? 59  VAL A CA    1 
ATOM   69  C C     . VAL A 1 12 ? 3.796   7.698   -0.608  1.00 8.54   ? 59  VAL A C     1 
ATOM   70  O O     . VAL A 1 12 ? 4.074   6.514   -0.526  1.00 10.30  ? 59  VAL A O     1 
ATOM   71  C CB    . VAL A 1 12 ? 2.033   7.901   -2.377  1.00 8.18   ? 59  VAL A CB    1 
ATOM   72  C CG1   . VAL A 1 12 ? 1.021   8.413   -1.353  1.00 10.53  ? 59  VAL A CG1   1 
ATOM   73  C CG2   . VAL A 1 12 ? 1.704   8.431   -3.772  1.00 11.47  ? 59  VAL A CG2   1 
ATOM   74  N N     . LEU A 1 13 ? 3.760   8.514   0.445   1.00 8.98   ? 60  LEU A N     1 
ATOM   75  C CA    . LEU A 1 13 ? 3.907   8.014   1.817   1.00 8.64   ? 60  LEU A CA    1 
ATOM   76  C C     . LEU A 1 13 ? 2.555   7.835   2.464   1.00 7.50   ? 60  LEU A C     1 
ATOM   77  O O     . LEU A 1 13 ? 1.624   8.625   2.236   1.00 7.49   ? 60  LEU A O     1 
ATOM   78  C CB    . LEU A 1 13 ? 4.746   8.982   2.654   1.00 8.97   ? 60  LEU A CB    1 
ATOM   79  C CG    . LEU A 1 13 ? 6.204   9.109   2.222   1.00 12.55  ? 60  LEU A CG    1 
ATOM   80  C CD1   . LEU A 1 13 ? 6.817   10.353  2.836   1.00 21.62  ? 60  LEU A CD1   1 
ATOM   81  C CD2   . LEU A 1 13 ? 6.989   7.866   2.655   1.00 14.55  ? 60  LEU A CD2   1 
ATOM   82  N N     . GLY A 1 14 ? 2.448   6.807   3.291   1.00 5.66   ? 61  GLY A N     1 
ATOM   83  C CA    . GLY A 1 14 ? 1.193   6.531   3.949   1.00 5.20   ? 61  GLY A CA    1 
ATOM   84  C C     . GLY A 1 14 ? 1.424   5.724   5.196   1.00 7.02   ? 61  GLY A C     1 
ATOM   85  O O     . GLY A 1 14 ? 2.521   5.203   5.446   1.00 8.36   ? 61  GLY A O     1 
ATOM   86  N N     . THR A 1 15 ? 0.364   5.603   5.975   1.00 6.48   ? 62  THR A N     1 
ATOM   87  C CA    A THR A 1 15 ? 0.390   4.842   7.209   0.65 6.14   ? 62  THR A CA    1 
ATOM   88  C CA    B THR A 1 15 ? 0.418   4.807   7.193   0.35 6.59   ? 62  THR A CA    1 
ATOM   89  C C     . THR A 1 15 ? -0.549  3.646   7.092   1.00 7.28   ? 62  THR A C     1 
ATOM   90  O O     . THR A 1 15 ? -1.708  3.817   6.716   1.00 8.50   ? 62  THR A O     1 
ATOM   91  C CB    A THR A 1 15 ? -0.042  5.692   8.403   0.65 10.25  ? 62  THR A CB    1 
ATOM   92  C CB    B THR A 1 15 ? 0.076   5.614   8.449   0.35 10.08  ? 62  THR A CB    1 
ATOM   93  O OG1   A THR A 1 15 ? 0.687   6.929   8.408   0.65 15.98  ? 62  THR A OG1   1 
ATOM   94  O OG1   B THR A 1 15 ? -1.253  6.135   8.335   0.35 10.83  ? 62  THR A OG1   1 
ATOM   95  C CG2   A THR A 1 15 ? 0.200   4.942   9.699   0.65 12.67  ? 62  THR A CG2   1 
ATOM   96  C CG2   B THR A 1 15 ? 1.063   6.753   8.643   0.35 12.40  ? 62  THR A CG2   1 
ATOM   97  N N     . VAL A 1 16 ? -0.055  2.456   7.419   1.00 5.29   ? 63  VAL A N     1 
ATOM   98  C CA    . VAL A 1 16 ? -0.888  1.263   7.364   1.00 4.89   ? 63  VAL A CA    1 
ATOM   99  C C     . VAL A 1 16 ? -1.982  1.329   8.410   1.00 6.55   ? 63  VAL A C     1 
ATOM   100 O O     . VAL A 1 16 ? -1.694  1.411   9.605   1.00 9.02   ? 63  VAL A O     1 
ATOM   101 C CB    . VAL A 1 16 ? -0.055  -0.016  7.590   1.00 5.53   ? 63  VAL A CB    1 
ATOM   102 C CG1   . VAL A 1 16 ? -0.947  -1.256  7.553   1.00 8.13   ? 63  VAL A CG1   1 
ATOM   103 C CG2   . VAL A 1 16 ? 1.039   -0.126  6.543   1.00 5.76   ? 63  VAL A CG2   1 
ATOM   104 N N     . LYS A 1 17 ? -3.238  1.286   7.969   1.00 8.24   ? 64  LYS A N     1 
ATOM   105 C CA    . LYS A 1 17 ? -4.359  1.282   8.894   1.00 8.84   ? 64  LYS A CA    1 
ATOM   106 C C     . LYS A 1 17 ? -4.496  -0.080  9.546   1.00 12.99  ? 64  LYS A C     1 
ATOM   107 O O     . LYS A 1 17 ? -4.505  -0.217  10.772  1.00 12.11  ? 64  LYS A O     1 
ATOM   108 C CB    . LYS A 1 17 ? -5.660  1.628   8.169   1.00 11.09  ? 64  LYS A CB    1 
ATOM   109 C CG    . LYS A 1 17 ? -5.968  3.109   8.097   1.00 27.43  ? 64  LYS A CG    1 
ATOM   110 C CD    . LYS A 1 17 ? -7.314  3.350   7.407   1.00 38.71  ? 64  LYS A CD    1 
ATOM   111 C CE    . LYS A 1 17 ? -8.479  2.513   7.961   1.00 45.00  ? 64  LYS A CE    1 
ATOM   112 N NZ    . LYS A 1 17 ? -8.399  2.139   9.408   1.00 58.15  ? 64  LYS A NZ    1 
ATOM   113 N N     . TRP A 1 18 ? -4.630  -1.084  8.697   1.00 8.29   ? 65  TRP A N     1 
ATOM   114 C CA    . TRP A 1 18 ? -4.676  -2.470  9.132   1.00 9.50   ? 65  TRP A CA    1 
ATOM   115 C C     . TRP A 1 18 ? -4.278  -3.372  7.978   1.00 7.98   ? 65  TRP A C     1 
ATOM   116 O O     . TRP A 1 18 ? -4.426  -3.000  6.807   1.00 7.87   ? 65  TRP A O     1 
ATOM   117 C CB    . TRP A 1 18 ? -6.068  -2.847  9.664   1.00 13.37  ? 65  TRP A CB    1 
ATOM   118 C CG    . TRP A 1 18 ? -7.218  -2.696  8.702   1.00 15.70  ? 65  TRP A CG    1 
ATOM   119 C CD1   . TRP A 1 18 ? -7.993  -1.583  8.511   1.00 21.56  ? 65  TRP A CD1   1 
ATOM   120 C CD2   . TRP A 1 18 ? -7.737  -3.699  7.824   1.00 13.08  ? 65  TRP A CD2   1 
ATOM   121 N NE1   . TRP A 1 18 ? -8.954  -1.831  7.556   1.00 22.72  ? 65  TRP A NE1   1 
ATOM   122 C CE2   . TRP A 1 18 ? -8.823  -3.130  7.125   1.00 22.21  ? 65  TRP A CE2   1 
ATOM   123 C CE3   . TRP A 1 18 ? -7.383  -5.027  7.552   1.00 10.77  ? 65  TRP A CE3   1 
ATOM   124 C CZ2   . TRP A 1 18 ? -9.565  -3.841  6.176   1.00 19.39  ? 65  TRP A CZ2   1 
ATOM   125 C CZ3   . TRP A 1 18 ? -8.124  -5.734  6.624   1.00 14.74  ? 65  TRP A CZ3   1 
ATOM   126 C CH2   . TRP A 1 18 ? -9.197  -5.140  5.937   1.00 18.18  ? 65  TRP A CH2   1 
ATOM   127 N N     . PHE A 1 19 ? -3.728  -4.533  8.322   1.00 7.41   ? 66  PHE A N     1 
ATOM   128 C CA    . PHE A 1 19 ? -3.392  -5.532  7.324   1.00 7.81   ? 66  PHE A CA    1 
ATOM   129 C C     . PHE A 1 19 ? -3.658  -6.900  7.880   1.00 8.59   ? 66  PHE A C     1 
ATOM   130 O O     . PHE A 1 19 ? -3.108  -7.268  8.906   1.00 9.00   ? 66  PHE A O     1 
ATOM   131 C CB    . PHE A 1 19 ? -1.923  -5.418  6.883   1.00 6.64   ? 66  PHE A CB    1 
ATOM   132 C CG    . PHE A 1 19 ? -1.602  -6.329  5.739   1.00 6.83   ? 66  PHE A CG    1 
ATOM   133 C CD1   . PHE A 1 19 ? -1.925  -5.946  4.436   1.00 7.90   ? 66  PHE A CD1   1 
ATOM   134 C CD2   . PHE A 1 19 ? -1.020  -7.559  5.956   1.00 8.22   ? 66  PHE A CD2   1 
ATOM   135 C CE1   . PHE A 1 19 ? -1.656  -6.785  3.371   1.00 9.34   ? 66  PHE A CE1   1 
ATOM   136 C CE2   . PHE A 1 19 ? -0.758  -8.421  4.898   1.00 10.46  ? 66  PHE A CE2   1 
ATOM   137 C CZ    . PHE A 1 19 ? -1.073  -8.026  3.600   1.00 9.72   ? 66  PHE A CZ    1 
ATOM   138 N N     . ASN A 1 20 ? -4.517  -7.656  7.200   1.00 8.97   ? 67  ASN A N     1 
ATOM   139 C CA    . ASN A 1 20 ? -4.923  -8.962  7.698   1.00 10.10  ? 67  ASN A CA    1 
ATOM   140 C C     . ASN A 1 20 ? -4.186  -10.065 6.959   1.00 10.31  ? 67  ASN A C     1 
ATOM   141 O O     . ASN A 1 20 ? -4.338  -10.203 5.750   1.00 10.37  ? 67  ASN A O     1 
ATOM   142 C CB    . ASN A 1 20 ? -6.432  -9.122  7.553   1.00 11.18  ? 67  ASN A CB    1 
ATOM   143 C CG    . ASN A 1 20 ? -6.929  -10.394 8.181   1.00 13.36  ? 67  ASN A CG    1 
ATOM   144 O OD1   . ASN A 1 20 ? -6.593  -11.478 7.725   1.00 13.91  ? 67  ASN A OD1   1 
ATOM   145 N ND2   . ASN A 1 20 ? -7.738  -10.275 9.231   1.00 19.44  ? 67  ASN A ND2   1 
ATOM   146 N N     . VAL A 1 21 ? -3.387  -10.852 7.678   1.00 10.62  ? 68  VAL A N     1 
ATOM   147 C CA    . VAL A 1 21 ? -2.536  -11.851 7.043   1.00 10.97  ? 68  VAL A CA    1 
ATOM   148 C C     . VAL A 1 21 ? -3.312  -13.114 6.683   1.00 12.34  ? 68  VAL A C     1 
ATOM   149 O O     . VAL A 1 21 ? -2.828  -13.959 5.917   1.00 13.15  ? 68  VAL A O     1 
ATOM   150 C CB    . VAL A 1 21 ? -1.329  -12.233 7.940   1.00 11.54  ? 68  VAL A CB    1 
ATOM   151 C CG1   . VAL A 1 21 ? -0.467  -10.991 8.212   1.00 13.14  ? 68  VAL A CG1   1 
ATOM   152 C CG2   . VAL A 1 21 ? -1.784  -12.885 9.247   1.00 14.73  ? 68  VAL A CG2   1 
ATOM   153 N N     . ARG A 1 22 ? -4.510  -13.258 7.237   1.00 13.14  ? 69  ARG A N     1 
ATOM   154 C CA    . ARG A 1 22 ? -5.335  -14.413 6.913   1.00 14.68  ? 69  ARG A CA    1 
ATOM   155 C C     . ARG A 1 22 ? -5.938  -14.224 5.526   1.00 15.42  ? 69  ARG A C     1 
ATOM   156 O O     . ARG A 1 22 ? -5.867  -15.122 4.694   1.00 16.45  ? 69  ARG A O     1 
ATOM   157 C CB    . ARG A 1 22 ? -6.415  -14.622 7.982   1.00 15.79  ? 69  ARG A CB    1 
ATOM   158 C CG    . ARG A 1 22 ? -7.413  -15.678 7.645   1.00 17.58  ? 69  ARG A CG    1 
ATOM   159 C CD    . ARG A 1 22 ? -8.268  -16.021 8.851   1.00 21.04  ? 69  ARG A CD    1 
ATOM   160 N NE    . ARG A 1 22 ? -9.128  -17.158 8.546   1.00 37.73  ? 69  ARG A NE    1 
ATOM   161 C CZ    . ARG A 1 22 ? -9.919  -17.763 9.426   1.00 48.74  ? 69  ARG A CZ    1 
ATOM   162 N NH1   . ARG A 1 22 ? -9.965  -17.345 10.685  1.00 56.15  ? 69  ARG A NH1   1 
ATOM   163 N NH2   . ARG A 1 22 ? -10.661 -18.793 9.046   1.00 48.29  ? 69  ARG A NH2   1 
ATOM   164 N N     . ASN A 1 23 ? -6.477  -13.033 5.270   1.00 14.05  ? 70  ASN A N     1 
ATOM   165 C CA    . ASN A 1 23 ? -7.142  -12.744 4.001   1.00 18.86  ? 70  ASN A CA    1 
ATOM   166 C C     . ASN A 1 23 ? -6.212  -12.107 2.977   1.00 15.97  ? 70  ASN A C     1 
ATOM   167 O O     . ASN A 1 23 ? -6.537  -12.036 1.796   1.00 14.88  ? 70  ASN A O     1 
ATOM   168 C CB    . ASN A 1 23 ? -8.350  -11.837 4.234   1.00 23.68  ? 70  ASN A CB    1 
ATOM   169 C CG    . ASN A 1 23 ? -9.408  -12.495 5.088   1.00 33.80  ? 70  ASN A CG    1 
ATOM   170 O OD1   . ASN A 1 23 ? -9.783  -13.646 4.858   1.00 43.54  ? 70  ASN A OD1   1 
ATOM   171 N ND2   . ASN A 1 23 ? -9.889  -11.775 6.090   1.00 36.81  ? 70  ASN A ND2   1 
ATOM   172 N N     . GLY A 1 24 ? -5.068  -11.622 3.440   1.00 12.00  ? 71  GLY A N     1 
ATOM   173 C CA    . GLY A 1 24 ? -4.027  -11.129 2.546   1.00 11.17  ? 71  GLY A CA    1 
ATOM   174 C C     . GLY A 1 24 ? -4.227  -9.738  1.978   1.00 12.66  ? 71  GLY A C     1 
ATOM   175 O O     . GLY A 1 24 ? -3.687  -9.436  0.922   1.00 11.20  ? 71  GLY A O     1 
ATOM   176 N N     . TYR A 1 25 ? -4.971  -8.885  2.679   1.00 10.00  ? 72  TYR A N     1 
ATOM   177 C CA    . TYR A 1 25 ? -5.094  -7.498  2.258   1.00 9.28   ? 72  TYR A CA    1 
ATOM   178 C C     . TYR A 1 25 ? -5.345  -6.561  3.431   1.00 9.29   ? 72  TYR A C     1 
ATOM   179 O O     . TYR A 1 25 ? -5.580  -6.997  4.555   1.00 9.20   ? 72  TYR A O     1 
ATOM   180 C CB    . TYR A 1 25 ? -6.206  -7.368  1.208   1.00 10.84  ? 72  TYR A CB    1 
ATOM   181 C CG    . TYR A 1 25 ? -7.619  -7.417  1.755   1.00 11.26  ? 72  TYR A CG    1 
ATOM   182 C CD1   . TYR A 1 25 ? -8.269  -6.251  2.153   1.00 17.36  ? 72  TYR A CD1   1 
ATOM   183 C CD2   . TYR A 1 25 ? -8.306  -8.617  1.855   1.00 20.36  ? 72  TYR A CD2   1 
ATOM   184 C CE1   . TYR A 1 25 ? -9.552  -6.279  2.649   1.00 21.57  ? 72  TYR A CE1   1 
ATOM   185 C CE2   . TYR A 1 25 ? -9.599  -8.653  2.346   1.00 23.84  ? 72  TYR A CE2   1 
ATOM   186 C CZ    . TYR A 1 25 ? -10.214 -7.483  2.745   1.00 28.37  ? 72  TYR A CZ    1 
ATOM   187 O OH    . TYR A 1 25 ? -11.502 -7.511  3.234   1.00 36.77  ? 72  TYR A OH    1 
ATOM   188 N N     . GLY A 1 26 ? -5.285  -5.266  3.152   1.00 8.10   ? 73  GLY A N     1 
ATOM   189 C CA    . GLY A 1 26 ? -5.538  -4.258  4.158   1.00 7.76   ? 73  GLY A CA    1 
ATOM   190 C C     . GLY A 1 26 ? -5.671  -2.929  3.476   1.00 7.90   ? 73  GLY A C     1 
ATOM   191 O O     . GLY A 1 26 ? -5.918  -2.874  2.263   1.00 7.90   ? 73  GLY A O     1 
ATOM   192 N N     . PHE A 1 27 ? -5.504  -1.864  4.253   1.00 7.01   ? 74  PHE A N     1 
ATOM   193 C CA    . PHE A 1 27 ? -5.599  -0.507  3.718   1.00 9.20   ? 74  PHE A CA    1 
ATOM   194 C C     . PHE A 1 27 ? -4.505  0.354   4.292   1.00 9.00   ? 74  PHE A C     1 
ATOM   195 O O     . PHE A 1 27 ? -4.121  0.188   5.463   1.00 6.56   ? 74  PHE A O     1 
ATOM   196 C CB    . PHE A 1 27 ? -6.954  0.114   4.026   1.00 8.74   ? 74  PHE A CB    1 
ATOM   197 C CG    . PHE A 1 27 ? -8.070  -0.471  3.209   1.00 10.56  ? 74  PHE A CG    1 
ATOM   198 C CD1   . PHE A 1 27 ? -8.424  0.088   1.994   1.00 13.67  ? 74  PHE A CD1   1 
ATOM   199 C CD2   . PHE A 1 27 ? -8.713  -1.613  3.642   1.00 15.29  ? 74  PHE A CD2   1 
ATOM   200 C CE1   . PHE A 1 27 ? -9.444  -0.485  1.231   1.00 15.13  ? 74  PHE A CE1   1 
ATOM   201 C CE2   . PHE A 1 27 ? -9.724  -2.189  2.892   1.00 17.39  ? 74  PHE A CE2   1 
ATOM   202 C CZ    . PHE A 1 27 ? -10.087 -1.612  1.686   1.00 16.65  ? 74  PHE A CZ    1 
ATOM   203 N N     . ILE A 1 28 ? -4.026  1.277   3.455   1.00 7.51   ? 75  ILE A N     1 
ATOM   204 C CA    . ILE A 1 28 ? -3.013  2.262   3.809   1.00 5.40   ? 75  ILE A CA    1 
ATOM   205 C C     . ILE A 1 28 ? -3.668  3.620   3.679   1.00 8.34   ? 75  ILE A C     1 
ATOM   206 O O     . ILE A 1 28 ? -4.334  3.894   2.674   1.00 11.08  ? 75  ILE A O     1 
ATOM   207 C CB    . ILE A 1 28 ? -1.787  2.176   2.881   1.00 6.64   ? 75  ILE A CB    1 
ATOM   208 C CG1   . ILE A 1 28 ? -1.098  0.812   2.993   1.00 7.22   ? 75  ILE A CG1   1 
ATOM   209 C CG2   . ILE A 1 28 ? -0.814  3.309   3.195   1.00 10.23  ? 75  ILE A CG2   1 
ATOM   210 C CD1   . ILE A 1 28 ? -0.149  0.537   1.831   1.00 8.38   ? 75  ILE A CD1   1 
ATOM   211 N N     . ASN A 1 29 ? -3.503  4.483   4.673   1.00 6.16   ? 76  ASN A N     1 
ATOM   212 C CA    . ASN A 1 29 ? -4.006  5.843   4.532   1.00 7.27   ? 76  ASN A CA    1 
ATOM   213 C C     . ASN A 1 29 ? -2.923  6.761   3.975   1.00 6.78   ? 76  ASN A C     1 
ATOM   214 O O     . ASN A 1 29 ? -1.858  6.914   4.579   1.00 7.41   ? 76  ASN A O     1 
ATOM   215 C CB    . ASN A 1 29 ? -4.523  6.344   5.890   1.00 8.99   ? 76  ASN A CB    1 
ATOM   216 C CG    . ASN A 1 29 ? -5.261  7.656   5.782   1.00 11.07  ? 76  ASN A CG    1 
ATOM   217 O OD1   . ASN A 1 29 ? -4.700  8.716   6.050   1.00 13.76  ? 76  ASN A OD1   1 
ATOM   218 N ND2   . ASN A 1 29 ? -6.519  7.591   5.358   1.00 13.75  ? 76  ASN A ND2   1 
ATOM   219 N N     . ARG A 1 30 ? -3.189  7.380   2.817   1.00 6.24   ? 77  ARG A N     1 
ATOM   220 C CA    . ARG A 1 30 ? -2.217  8.264   2.174   1.00 6.21   ? 77  ARG A CA    1 
ATOM   221 C C     . ARG A 1 30 ? -1.964  9.482   3.040   1.00 10.66  ? 77  ARG A C     1 
ATOM   222 O O     . ARG A 1 30 ? -2.901  10.128  3.467   1.00 8.85   ? 77  ARG A O     1 
ATOM   223 C CB    . ARG A 1 30 ? -2.719  8.737   0.803   1.00 7.84   ? 77  ARG A CB    1 
ATOM   224 C CG    . ARG A 1 30 ? -2.706  7.643   -0.239  1.00 10.42  ? 77  ARG A CG    1 
ATOM   225 C CD    . ARG A 1 30 ? -3.303  8.157   -1.537  1.00 9.70   ? 77  ARG A CD    1 
ATOM   226 N NE    . ARG A 1 30 ? -2.531  9.270   -2.058  1.00 9.81   ? 77  ARG A NE    1 
ATOM   227 C CZ    . ARG A 1 30 ? -2.570  9.653   -3.328  1.00 14.54  ? 77  ARG A CZ    1 
ATOM   228 N NH1   . ARG A 1 30 ? -3.339  8.987   -4.184  1.00 17.27  ? 77  ARG A NH1   1 
ATOM   229 N NH2   . ARG A 1 30 ? -1.835  10.676  -3.740  1.00 15.55  ? 77  ARG A NH2   1 
ATOM   230 N N     . ASN A 1 31 ? -0.709  9.827   3.278   1.00 6.97   ? 78  ASN A N     1 
ATOM   231 C CA    . ASN A 1 31 ? -0.474  10.999  4.122   1.00 10.21  ? 78  ASN A CA    1 
ATOM   232 C C     . ASN A 1 31 ? -0.792  12.325  3.400   1.00 13.66  ? 78  ASN A C     1 
ATOM   233 O O     . ASN A 1 31 ? -1.071  13.334  4.056   1.00 15.81  ? 78  ASN A O     1 
ATOM   234 C CB    . ASN A 1 31 ? 0.965   11.001  4.637   1.00 11.06  ? 78  ASN A CB    1 
ATOM   235 C CG    . ASN A 1 31 ? 1.264   9.839   5.586   1.00 12.93  ? 78  ASN A CG    1 
ATOM   236 O OD1   . ASN A 1 31 ? 0.362   9.142   6.086   1.00 13.61  ? 78  ASN A OD1   1 
ATOM   237 N ND2   . ASN A 1 31 ? 2.548   9.642   5.866   1.00 16.04  ? 78  ASN A ND2   1 
ATOM   238 N N     . ASP A 1 32 ? -0.777  12.322  2.062   1.00 7.82   ? 79  ASP A N     1 
ATOM   239 C CA    . ASP A 1 32 ? -0.994  13.544  1.293   1.00 10.33  ? 79  ASP A CA    1 
ATOM   240 C C     . ASP A 1 32 ? -2.464  13.901  1.049   1.00 11.56  ? 79  ASP A C     1 
ATOM   241 O O     . ASP A 1 32 ? -2.800  15.071  0.888   1.00 17.76  ? 79  ASP A O     1 
ATOM   242 C CB    . ASP A 1 32 ? -0.234  13.470  -0.051  1.00 11.28  ? 79  ASP A CB    1 
ATOM   243 C CG    . ASP A 1 32 ? -0.647  12.272  -0.936  1.00 13.55  ? 79  ASP A CG    1 
ATOM   244 O OD1   . ASP A 1 32 ? -1.347  11.357  -0.475  1.00 10.87  ? 79  ASP A OD1   1 
ATOM   245 O OD2   . ASP A 1 32 ? -0.236  12.246  -2.121  1.00 19.90  ? 79  ASP A OD2   1 
ATOM   246 N N     . THR A 1 33 ? -3.341  12.904  1.007   1.00 9.26   ? 80  THR A N     1 
ATOM   247 C CA    . THR A 1 33 ? -4.743  13.186  0.737   1.00 10.25  ? 80  THR A CA    1 
ATOM   248 C C     . THR A 1 33 ? -5.675  12.681  1.831   1.00 10.35  ? 80  THR A C     1 
ATOM   249 O O     . THR A 1 33 ? -6.860  13.002  1.832   1.00 11.87  ? 80  THR A O     1 
ATOM   250 C CB    . THR A 1 33 ? -5.175  12.561  -0.590  1.00 10.45  ? 80  THR A CB    1 
ATOM   251 O OG1   . THR A 1 33 ? -5.024  11.141  -0.500  1.00 9.56   ? 80  THR A OG1   1 
ATOM   252 C CG2   . THR A 1 33 ? -4.318  13.109  -1.745  1.00 10.69  ? 80  THR A CG2   1 
ATOM   253 N N     . LYS A 1 34 ? -5.118  11.876  2.732   1.00 9.40   ? 81  LYS A N     1 
ATOM   254 C CA    . LYS A 1 34 ? -5.836  11.255  3.840   1.00 14.14  ? 81  LYS A CA    1 
ATOM   255 C C     . LYS A 1 34 ? -6.891  10.251  3.365   1.00 15.00  ? 81  LYS A C     1 
ATOM   256 O O     . LYS A 1 34 ? -7.798  9.915   4.121   1.00 13.70  ? 81  LYS A O     1 
ATOM   257 C CB    . LYS A 1 34 ? -6.478  12.324  4.730   1.00 13.51  ? 81  LYS A CB    1 
ATOM   258 C CG    . LYS A 1 34 ? -5.497  13.358  5.272   1.00 15.09  ? 81  LYS A CG    1 
ATOM   259 C CD    . LYS A 1 34 ? -4.221  12.731  5.831   1.00 23.24  ? 81  LYS A CD    1 
ATOM   260 C CE    . LYS A 1 34 ? -3.273  13.801  6.386   1.00 28.44  ? 81  LYS A CE    1 
ATOM   261 N NZ    . LYS A 1 34 ? -1.902  13.289  6.748   1.00 18.56  ? 81  LYS A NZ    1 
ATOM   262 N N     . GLU A 1 35 ? -6.768  9.763   2.127   1.00 9.64   ? 82  GLU A N     1 
ATOM   263 C CA    . GLU A 1 35 ? -7.677  8.711   1.627   1.00 9.83   ? 82  GLU A CA    1 
ATOM   264 C C     . GLU A 1 35 ? -7.068  7.335   1.772   1.00 10.09  ? 82  GLU A C     1 
ATOM   265 O O     . GLU A 1 35 ? -5.873  7.169   1.601   1.00 9.04   ? 82  GLU A O     1 
ATOM   266 C CB    . GLU A 1 35 ? -8.028  8.925   0.149   1.00 12.41  ? 82  GLU A CB    1 
ATOM   267 C CG    . GLU A 1 35 ? -8.928  10.100  -0.119  1.00 15.41  ? 82  GLU A CG    1 
ATOM   268 C CD    . GLU A 1 35 ? -10.350 9.874   0.348   1.00 29.74  ? 82  GLU A CD    1 
ATOM   269 O OE1   . GLU A 1 35 ? -10.812 8.718   0.311   1.00 26.56  ? 82  GLU A OE1   1 
ATOM   270 O OE2   . GLU A 1 35 ? -11.009 10.855  0.753   1.00 40.44  ? 82  GLU A OE2   1 
ATOM   271 N N     . ASP A 1 36 ? -7.906  6.340   2.042   1.00 9.29   ? 83  ASP A N     1 
ATOM   272 C CA    . ASP A 1 36 ? -7.425  4.963   2.151   1.00 9.88   ? 83  ASP A CA    1 
ATOM   273 C C     . ASP A 1 36 ? -7.187  4.394   0.759   1.00 11.48  ? 83  ASP A C     1 
ATOM   274 O O     . ASP A 1 36 ? -7.937  4.683   -0.184  1.00 11.29  ? 83  ASP A O     1 
ATOM   275 C CB    . ASP A 1 36 ? -8.439  4.069   2.865   1.00 13.00  ? 83  ASP A CB    1 
ATOM   276 C CG    . ASP A 1 36 ? -8.538  4.336   4.350   1.00 23.35  ? 83  ASP A CG    1 
ATOM   277 O OD1   . ASP A 1 36 ? -7.693  5.074   4.903   1.00 17.78  ? 83  ASP A OD1   1 
ATOM   278 O OD2   . ASP A 1 36 ? -9.478  3.783   4.960   1.00 23.31  ? 83  ASP A OD2   1 
ATOM   279 N N     . VAL A 1 37 ? -6.135  3.602   0.647   1.00 7.73   ? 84  VAL A N     1 
ATOM   280 C CA    A VAL A 1 37 ? -5.792  2.858   -0.548  0.48 11.11  ? 84  VAL A CA    1 
ATOM   281 C CA    B VAL A 1 37 ? -5.898  2.834   -0.565  0.52 7.71   ? 84  VAL A CA    1 
ATOM   282 C C     . VAL A 1 37 ? -5.754  1.356   -0.215  1.00 8.07   ? 84  VAL A C     1 
ATOM   283 O O     . VAL A 1 37 ? -5.118  0.958   0.770   1.00 8.58   ? 84  VAL A O     1 
ATOM   284 C CB    A VAL A 1 37 ? -4.421  3.309   -1.090  0.48 10.71  ? 84  VAL A CB    1 
ATOM   285 C CB    B VAL A 1 37 ? -4.647  3.305   -1.353  0.52 12.24  ? 84  VAL A CB    1 
ATOM   286 C CG1   A VAL A 1 37 ? -4.109  2.620   -2.380  0.48 13.49  ? 84  VAL A CG1   1 
ATOM   287 C CG1   B VAL A 1 37 ? -4.865  4.705   -1.927  0.52 12.35  ? 84  VAL A CG1   1 
ATOM   288 C CG2   A VAL A 1 37 ? -4.399  4.816   -1.283  0.48 10.61  ? 84  VAL A CG2   1 
ATOM   289 C CG2   B VAL A 1 37 ? -3.395  3.238   -0.500  0.52 9.24   ? 84  VAL A CG2   1 
ATOM   290 N N     . PHE A 1 38 ? -6.418  0.535   -1.011  1.00 8.34   ? 85  PHE A N     1 
ATOM   291 C CA    . PHE A 1 38 ? -6.366  -0.916  -0.847  1.00 8.46   ? 85  PHE A CA    1 
ATOM   292 C C     . PHE A 1 38 ? -4.958  -1.420  -1.061  1.00 9.11   ? 85  PHE A C     1 
ATOM   293 O O     . PHE A 1 38 ? -4.268  -0.928  -1.942  1.00 12.02  ? 85  PHE A O     1 
ATOM   294 C CB    . PHE A 1 38 ? -7.316  -1.547  -1.855  1.00 9.78   ? 85  PHE A CB    1 
ATOM   295 C CG    . PHE A 1 38 ? -7.283  -3.046  -1.903  1.00 10.21  ? 85  PHE A CG    1 
ATOM   296 C CD1   . PHE A 1 38 ? -8.048  -3.796  -1.032  1.00 14.00  ? 85  PHE A CD1   1 
ATOM   297 C CD2   . PHE A 1 38 ? -6.548  -3.699  -2.879  1.00 11.25  ? 85  PHE A CD2   1 
ATOM   298 C CE1   . PHE A 1 38 ? -8.072  -5.177  -1.122  1.00 13.79  ? 85  PHE A CE1   1 
ATOM   299 C CE2   . PHE A 1 38 ? -6.559  -5.090  -2.965  1.00 13.81  ? 85  PHE A CE2   1 
ATOM   300 C CZ    . PHE A 1 38 ? -7.306  -5.823  -2.081  1.00 13.60  ? 85  PHE A CZ    1 
ATOM   301 N N     . VAL A 1 39 ? -4.505  -2.373  -0.245  1.00 7.83   ? 86  VAL A N     1 
ATOM   302 C CA    . VAL A 1 39 ? -3.224  -3.015  -0.510  1.00 7.05   ? 86  VAL A CA    1 
ATOM   303 C C     . VAL A 1 39 ? -3.367  -4.530  -0.385  1.00 11.08  ? 86  VAL A C     1 
ATOM   304 O O     . VAL A 1 39 ? -3.862  -5.043  0.627   1.00 10.47  ? 86  VAL A O     1 
ATOM   305 C CB    . VAL A 1 39 ? -2.099  -2.512  0.434   1.00 7.50   ? 86  VAL A CB    1 
ATOM   306 C CG1   . VAL A 1 39 ? -2.513  -2.608  1.909   1.00 8.01   ? 86  VAL A CG1   1 
ATOM   307 C CG2   . VAL A 1 39 ? -0.810  -3.278  0.175   1.00 11.85  ? 86  VAL A CG2   1 
ATOM   308 N N     . HIS A 1 40 ? -2.972  -5.231  -1.440  1.00 8.45   ? 87  HIS A N     1 
ATOM   309 C CA    . HIS A 1 40 ? -2.963  -6.685  -1.440  1.00 9.00   ? 87  HIS A CA    1 
ATOM   310 C C     . HIS A 1 40 ? -1.554  -7.176  -1.137  1.00 8.65   ? 87  HIS A C     1 
ATOM   311 O O     . HIS A 1 40 ? -0.595  -6.491  -1.448  1.00 10.67  ? 87  HIS A O     1 
ATOM   312 C CB    . HIS A 1 40 ? -3.427  -7.223  -2.788  1.00 12.85  ? 87  HIS A CB    1 
ATOM   313 C CG    . HIS A 1 40 ? -3.627  -8.695  -2.784  1.00 15.94  ? 87  HIS A CG    1 
ATOM   314 N ND1   . HIS A 1 40 ? -2.716  -9.586  -3.322  1.00 22.35  ? 87  HIS A ND1   1 
ATOM   315 C CD2   . HIS A 1 40 ? -4.621  -9.450  -2.258  1.00 15.82  ? 87  HIS A CD2   1 
ATOM   316 C CE1   . HIS A 1 40 ? -3.154  -10.816 -3.148  1.00 24.62  ? 87  HIS A CE1   1 
ATOM   317 N NE2   . HIS A 1 40 ? -4.311  -10.760 -2.506  1.00 18.02  ? 87  HIS A NE2   1 
ATOM   318 N N     . GLN A 1 41 ? -1.424  -8.371  -0.558  1.00 9.11   ? 88  GLN A N     1 
ATOM   319 C CA    . GLN A 1 41 ? -0.107  -8.897  -0.195  1.00 9.45   ? 88  GLN A CA    1 
ATOM   320 C C     . GLN A 1 41 ? 0.883   -8.958  -1.373  1.00 12.87  ? 88  GLN A C     1 
ATOM   321 O O     . GLN A 1 41 ? 2.082   -8.733  -1.179  1.00 12.99  ? 88  GLN A O     1 
ATOM   322 C CB    . GLN A 1 41 ? -0.254  -10.291 0.456   1.00 10.37  ? 88  GLN A CB    1 
ATOM   323 C CG    . GLN A 1 41 ? -0.990  -11.296 -0.388  1.00 16.33  ? 88  GLN A CG    1 
ATOM   324 C CD    . GLN A 1 41 ? -1.454  -12.482 0.432   1.00 17.18  ? 88  GLN A CD    1 
ATOM   325 O OE1   . GLN A 1 41 ? -1.047  -12.651 1.599   1.00 17.45  ? 88  GLN A OE1   1 
ATOM   326 N NE2   . GLN A 1 41 ? -2.324  -13.302 -0.160  1.00 19.32  ? 88  GLN A NE2   1 
ATOM   327 N N     . THR A 1 42 ? 0.398   -9.244  -2.584  1.00 12.53  ? 89  THR A N     1 
ATOM   328 C CA    . THR A 1 42 ? 1.297   -9.373  -3.735  1.00 14.59  ? 89  THR A CA    1 
ATOM   329 C C     . THR A 1 42 ? 1.931   -8.043  -4.164  1.00 15.31  ? 89  THR A C     1 
ATOM   330 O O     . THR A 1 42 ? 2.904   -8.035  -4.922  1.00 18.06  ? 89  THR A O     1 
ATOM   331 C CB    . THR A 1 42 ? 0.574   -9.989  -4.952  1.00 12.68  ? 89  THR A CB    1 
ATOM   332 O OG1   . THR A 1 42 ? -0.545  -9.181  -5.337  1.00 17.12  ? 89  THR A OG1   1 
ATOM   333 C CG2   . THR A 1 42 ? 0.083   -11.381 -4.632  1.00 19.01  ? 89  THR A CG2   1 
ATOM   334 N N     . ALA A 1 43 ? 1.392   -6.933  -3.677  1.00 11.08  ? 90  ALA A N     1 
ATOM   335 C CA    . ALA A 1 43 ? 1.900   -5.601  -4.027  1.00 10.69  ? 90  ALA A CA    1 
ATOM   336 C C     . ALA A 1 43 ? 3.049   -5.155  -3.132  1.00 14.39  ? 90  ALA A C     1 
ATOM   337 O O     . ALA A 1 43 ? 3.676   -4.113  -3.361  1.00 14.36  ? 90  ALA A O     1 
ATOM   338 C CB    . ALA A 1 43 ? 0.760   -4.576  -3.952  1.00 15.21  ? 90  ALA A CB    1 
ATOM   339 N N     . ILE A 1 44 ? 3.294   -5.924  -2.083  1.00 9.74   ? 91  ILE A N     1 
ATOM   340 C CA    . ILE A 1 44 ? 4.327   -5.603  -1.108  1.00 10.01  ? 91  ILE A CA    1 
ATOM   341 C C     . ILE A 1 44 ? 5.676   -6.209  -1.480  1.00 15.96  ? 91  ILE A C     1 
ATOM   342 O O     . ILE A 1 44 ? 5.776   -7.413  -1.770  1.00 16.80  ? 91  ILE A O     1 
ATOM   343 C CB    . ILE A 1 44 ? 3.888   -6.088  0.288   1.00 10.16  ? 91  ILE A CB    1 
ATOM   344 C CG1   . ILE A 1 44 ? 2.520   -5.478  0.631   1.00 7.84   ? 91  ILE A CG1   1 
ATOM   345 C CG2   . ILE A 1 44 ? 4.917   -5.755  1.325   1.00 10.26  ? 91  ILE A CG2   1 
ATOM   346 C CD1   . ILE A 1 44 ? 1.865   -6.140  1.850   1.00 11.97  ? 91  ILE A CD1   1 
ATOM   347 N N     . LYS A 1 45 ? 6.727   -5.391  -1.482  1.00 13.98  ? 92  LYS A N     1 
ATOM   348 C CA    . LYS A 1 45 ? 8.031   -5.916  -1.876  1.00 16.29  ? 92  LYS A CA    1 
ATOM   349 C C     . LYS A 1 45 ? 8.623   -6.784  -0.766  1.00 21.66  ? 92  LYS A C     1 
ATOM   350 O O     . LYS A 1 45 ? 8.403   -6.516  0.409   1.00 26.04  ? 92  LYS A O     1 
ATOM   351 C CB    . LYS A 1 45 ? 8.977   -4.777  -2.260  1.00 24.61  ? 92  LYS A CB    1 
ATOM   352 C CG    . LYS A 1 45 ? 8.617   -4.161  -3.607  1.00 36.38  ? 92  LYS A CG    1 
ATOM   353 C CD    . LYS A 1 45 ? 9.702   -3.237  -4.139  1.00 49.61  ? 92  LYS A CD    1 
ATOM   354 C CE    . LYS A 1 45 ? 11.065  -3.909  -4.152  1.00 54.67  ? 92  LYS A CE    1 
ATOM   355 N NZ    . LYS A 1 45 ? 12.138  -2.950  -4.540  1.00 56.52  ? 92  LYS A NZ    1 
ATOM   356 N N     . LYS A 1 46 ? 9.366   -7.826  -1.143  1.00 37.91  ? 93  LYS A N     1 
ATOM   357 C CA    . LYS A 1 46 ? 9.819   -8.835  -0.180  1.00 49.90  ? 93  LYS A CA    1 
ATOM   358 C C     . LYS A 1 46 ? 10.594  -8.230  0.998   1.00 57.83  ? 93  LYS A C     1 
ATOM   359 O O     . LYS A 1 46 ? 11.462  -7.367  0.824   1.00 54.97  ? 93  LYS A O     1 
ATOM   360 C CB    . LYS A 1 46 ? 10.670  -9.908  -0.875  1.00 55.09  ? 93  LYS A CB    1 
ATOM   361 C CG    . LYS A 1 46 ? 12.060  -9.468  -1.305  1.00 62.39  ? 93  LYS A CG    1 
ATOM   362 C CD    . LYS A 1 46 ? 12.892  -10.658 -1.770  1.00 66.23  ? 93  LYS A CD    1 
ATOM   363 C CE    . LYS A 1 46 ? 14.270  -10.665 -1.118  1.00 66.44  ? 93  LYS A CE    1 
ATOM   364 N NZ    . LYS A 1 46 ? 15.203  -9.687  -1.746  1.00 66.64  ? 93  LYS A NZ    1 
ATOM   365 N N     . ASN A 1 47 ? 10.250  -8.686  2.201   1.00 66.38  ? 94  ASN A N     1 
ATOM   366 C CA    . ASN A 1 47 ? 10.802  -8.148  3.439   1.00 74.06  ? 94  ASN A CA    1 
ATOM   367 C C     . ASN A 1 47 ? 12.224  -8.652  3.642   1.00 75.24  ? 94  ASN A C     1 
ATOM   368 O O     . ASN A 1 47 ? 12.626  -9.649  3.044   1.00 76.62  ? 94  ASN A O     1 
ATOM   369 C CB    . ASN A 1 47 ? 9.893   -8.525  4.625   1.00 81.60  ? 94  ASN A CB    1 
ATOM   370 C CG    . ASN A 1 47 ? 10.474  -8.139  5.988   1.00 91.02  ? 94  ASN A CG    1 
ATOM   371 O OD1   . ASN A 1 47 ? 11.584  -8.529  6.355   1.00 96.66  ? 94  ASN A OD1   1 
ATOM   372 N ND2   . ASN A 1 47 ? 9.708   -7.360  6.744   1.00 92.59  ? 94  ASN A ND2   1 
ATOM   373 N N     . LYS A 1 51 ? 6.922   -17.399 7.736   1.00 56.30  ? 98  LYS A N     1 
ATOM   374 C CA    . LYS A 1 51 ? 7.604   -16.190 7.293   1.00 52.74  ? 98  LYS A CA    1 
ATOM   375 C C     . LYS A 1 51 ? 6.650   -15.521 6.303   1.00 41.87  ? 98  LYS A C     1 
ATOM   376 O O     . LYS A 1 51 ? 6.525   -15.957 5.160   1.00 23.58  ? 98  LYS A O     1 
ATOM   377 C CB    . LYS A 1 51 ? 8.964   -16.535 6.655   1.00 54.68  ? 98  LYS A CB    1 
ATOM   378 C CG    . LYS A 1 51 ? 9.647   -15.489 5.739   1.00 51.60  ? 98  LYS A CG    1 
ATOM   379 C CD    . LYS A 1 51 ? 9.399   -14.057 6.220   1.00 54.37  ? 98  LYS A CD    1 
ATOM   380 C CE    . LYS A 1 51 ? 9.911   -13.002 5.277   1.00 57.92  ? 98  LYS A CE    1 
ATOM   381 N NZ    . LYS A 1 51 ? 9.800   -11.649 5.903   1.00 55.62  ? 98  LYS A NZ    1 
ATOM   382 N N     . TYR A 1 52 ? 5.958   -14.483 6.767   1.00 38.86  ? 99  TYR A N     1 
ATOM   383 C CA    . TYR A 1 52 ? 5.023   -13.735 5.930   1.00 27.04  ? 99  TYR A CA    1 
ATOM   384 C C     . TYR A 1 52 ? 5.817   -12.814 5.029   1.00 38.95  ? 99  TYR A C     1 
ATOM   385 O O     . TYR A 1 52 ? 5.928   -11.621 5.294   1.00 35.06  ? 99  TYR A O     1 
ATOM   386 C CB    . TYR A 1 52 ? 4.012   -12.966 6.796   1.00 24.92  ? 99  TYR A CB    1 
ATOM   387 C CG    . TYR A 1 52 ? 3.200   -13.851 7.732   1.00 33.59  ? 99  TYR A CG    1 
ATOM   388 C CD1   . TYR A 1 52 ? 3.535   -13.973 9.079   1.00 35.40  ? 99  TYR A CD1   1 
ATOM   389 C CD2   . TYR A 1 52 ? 2.102   -14.568 7.262   1.00 31.03  ? 99  TYR A CD2   1 
ATOM   390 C CE1   . TYR A 1 52 ? 2.793   -14.797 9.932   1.00 35.05  ? 99  TYR A CE1   1 
ATOM   391 C CE2   . TYR A 1 52 ? 1.353   -15.391 8.108   1.00 23.38  ? 99  TYR A CE2   1 
ATOM   392 C CZ    . TYR A 1 52 ? 1.705   -15.498 9.437   1.00 34.99  ? 99  TYR A CZ    1 
ATOM   393 O OH    . TYR A 1 52 ? 0.956   -16.314 10.254  1.00 32.36  ? 99  TYR A OH    1 
ATOM   394 N N     . LEU A 1 53 ? 6.356   -13.388 3.956   1.00 53.27  ? 100 LEU A N     1 
ATOM   395 C CA    . LEU A 1 53 ? 7.314   -12.694 3.097   1.00 59.08  ? 100 LEU A CA    1 
ATOM   396 C C     . LEU A 1 53 ? 6.765   -11.388 2.528   1.00 59.42  ? 100 LEU A C     1 
ATOM   397 O O     . LEU A 1 53 ? 7.526   -10.464 2.194   1.00 65.06  ? 100 LEU A O     1 
ATOM   398 C CB    . LEU A 1 53 ? 7.795   -13.649 1.983   1.00 57.56  ? 100 LEU A CB    1 
ATOM   399 C CG    . LEU A 1 53 ? 8.808   -13.096 0.996   1.00 59.05  ? 100 LEU A CG    1 
ATOM   400 C CD1   . LEU A 1 53 ? 9.997   -12.538 1.759   1.00 58.90  ? 100 LEU A CD1   1 
ATOM   401 C CD2   . LEU A 1 53 ? 9.270   -14.187 0.033   1.00 68.76  ? 100 LEU A CD2   1 
ATOM   402 N N     . ARG A 1 54 ? 5.448   -11.300 2.406   1.00 29.67  ? 101 ARG A N     1 
ATOM   403 C CA    . ARG A 1 54 ? 4.850   -10.044 1.988   1.00 31.53  ? 101 ARG A CA    1 
ATOM   404 C C     . ARG A 1 54 ? 3.754   -9.671  2.982   1.00 24.91  ? 101 ARG A C     1 
ATOM   405 O O     . ARG A 1 54 ? 2.665   -10.241 2.999   1.00 22.23  ? 101 ARG A O     1 
ATOM   406 C CB    . ARG A 1 54 ? 4.339   -10.154 0.549   1.00 20.23  ? 101 ARG A CB    1 
ATOM   407 C CG    . ARG A 1 54 ? 5.460   -10.448 -0.427  1.00 22.43  ? 101 ARG A CG    1 
ATOM   408 C CD    . ARG A 1 54 ? 4.963   -10.586 -1.856  1.00 19.37  ? 101 ARG A CD    1 
ATOM   409 N NE    . ARG A 1 54 ? 5.963   -11.205 -2.730  1.00 18.89  ? 101 ARG A NE    1 
ATOM   410 C CZ    . ARG A 1 54 ? 6.718   -10.513 -3.573  1.00 36.37  ? 101 ARG A CZ    1 
ATOM   411 N NH1   . ARG A 1 54 ? 6.589   -9.195  -3.622  1.00 29.30  ? 101 ARG A NH1   1 
ATOM   412 N NH2   . ARG A 1 54 ? 7.605   -11.121 -4.351  1.00 33.94  ? 101 ARG A NH2   1 
ATOM   413 N N     . SER A 1 55 ? 4.084   -8.718  3.841   1.00 17.15  ? 102 SER A N     1 
ATOM   414 C CA    . SER A 1 55 ? 3.126   -8.182  4.783   1.00 9.20   ? 102 SER A CA    1 
ATOM   415 C C     . SER A 1 55 ? 3.635   -6.839  5.238   1.00 9.68   ? 102 SER A C     1 
ATOM   416 O O     . SER A 1 55 ? 4.809   -6.527  5.047   1.00 11.30  ? 102 SER A O     1 
ATOM   417 C CB    . SER A 1 55 ? 2.931   -9.111  5.989   1.00 13.60  ? 102 SER A CB    1 
ATOM   418 O OG    . SER A 1 55 ? 4.128   -9.211  6.746   1.00 18.35  ? 102 SER A OG    1 
ATOM   419 N N     . VAL A 1 56 ? 2.727   -6.037  5.774   1.00 9.43   ? 103 VAL A N     1 
ATOM   420 C CA    . VAL A 1 56 ? 3.080   -4.796  6.451   1.00 7.72   ? 103 VAL A CA    1 
ATOM   421 C C     . VAL A 1 56 ? 2.417   -4.841  7.814   1.00 9.28   ? 103 VAL A C     1 
ATOM   422 O O     . VAL A 1 56 ? 1.502   -5.645  8.031   1.00 10.41  ? 103 VAL A O     1 
ATOM   423 C CB    . VAL A 1 56 ? 2.629   -3.544  5.657   1.00 7.69   ? 103 VAL A CB    1 
ATOM   424 C CG1   . VAL A 1 56 ? 3.488   -3.362  4.398   1.00 7.42   ? 103 VAL A CG1   1 
ATOM   425 C CG2   . VAL A 1 56 ? 1.156   -3.637  5.293   1.00 9.58   ? 103 VAL A CG2   1 
ATOM   426 N N     . GLY A 1 57 ? 2.859   -3.981  8.730   1.00 7.55   ? 104 GLY A N     1 
ATOM   427 C CA    . GLY A 1 57 ? 2.321   -3.997  10.083  1.00 7.31   ? 104 GLY A CA    1 
ATOM   428 C C     . GLY A 1 57 ? 1.443   -2.794  10.332  1.00 6.17   ? 104 GLY A C     1 
ATOM   429 O O     . GLY A 1 57 ? 1.703   -1.711  9.793   1.00 7.40   ? 104 GLY A O     1 
ATOM   430 N N     . ASP A 1 58 ? 0.410   -2.962  11.150  1.00 7.65   ? 105 ASP A N     1 
ATOM   431 C CA    . ASP A 1 58 ? -0.498  -1.860  11.465  1.00 8.88   ? 105 ASP A CA    1 
ATOM   432 C C     . ASP A 1 58 ? 0.299   -0.704  12.082  1.00 7.71   ? 105 ASP A C     1 
ATOM   433 O O     . ASP A 1 58 ? 1.072   -0.925  13.016  1.00 8.66   ? 105 ASP A O     1 
ATOM   434 C CB    . ASP A 1 58 ? -1.581  -2.285  12.457  1.00 8.67   ? 105 ASP A CB    1 
ATOM   435 C CG    . ASP A 1 58 ? -2.494  -3.399  11.945  1.00 12.42  ? 105 ASP A CG    1 
ATOM   436 O OD1   . ASP A 1 58 ? -2.242  -4.012  10.892  1.00 12.23  ? 105 ASP A OD1   1 
ATOM   437 O OD2   . ASP A 1 58 ? -3.470  -3.675  12.659  1.00 15.40  ? 105 ASP A OD2   1 
ATOM   438 N N     . GLY A 1 59 ? 0.109   0.504   11.567  1.00 7.96   ? 106 GLY A N     1 
ATOM   439 C CA    . GLY A 1 59 ? 0.747   1.695   12.124  1.00 10.23  ? 106 GLY A CA    1 
ATOM   440 C C     . GLY A 1 59 ? 2.070   2.045   11.462  1.00 11.68  ? 106 GLY A C     1 
ATOM   441 O O     . GLY A 1 59 ? 2.620   3.119   11.700  1.00 10.62  ? 106 GLY A O     1 
ATOM   442 N N     . GLU A 1 60 ? 2.592   1.132   10.647  1.00 7.84   ? 107 GLU A N     1 
ATOM   443 C CA    . GLU A 1 60 ? 3.865   1.332   9.934   1.00 8.03   ? 107 GLU A CA    1 
ATOM   444 C C     . GLU A 1 60 ? 3.758   2.413   8.852   1.00 8.56   ? 107 GLU A C     1 
ATOM   445 O O     . GLU A 1 60 ? 2.718   2.510   8.209   1.00 9.27   ? 107 GLU A O     1 
ATOM   446 C CB    . GLU A 1 60 ? 4.292   -0.003  9.309   1.00 15.70  ? 107 GLU A CB    1 
ATOM   447 C CG    . GLU A 1 60 ? 5.569   0.009   8.543   1.00 24.98  ? 107 GLU A CG    1 
ATOM   448 C CD    . GLU A 1 60 ? 6.007   -1.374  8.061   1.00 21.29  ? 107 GLU A CD    1 
ATOM   449 O OE1   . GLU A 1 60 ? 5.209   -2.357  8.069   1.00 18.93  ? 107 GLU A OE1   1 
ATOM   450 O OE2   . GLU A 1 60 ? 7.184   -1.476  7.673   1.00 26.63  ? 107 GLU A OE2   1 
ATOM   451 N N     . THR A 1 61 ? 4.804   3.224   8.657   1.00 5.78   ? 108 THR A N     1 
ATOM   452 C CA    . THR A 1 61 ? 4.864   4.148   7.524   1.00 5.28   ? 108 THR A CA    1 
ATOM   453 C C     . THR A 1 61 ? 5.512   3.440   6.334   1.00 7.57   ? 108 THR A C     1 
ATOM   454 O O     . THR A 1 61 ? 6.577   2.832   6.468   1.00 8.67   ? 108 THR A O     1 
ATOM   455 C CB    . THR A 1 61 ? 5.669   5.428   7.868   1.00 12.51  ? 108 THR A CB    1 
ATOM   456 O OG1   . THR A 1 61 ? 4.950   6.181   8.851   1.00 12.02  ? 108 THR A OG1   1 
ATOM   457 C CG2   . THR A 1 61 ? 5.894   6.288   6.620   1.00 13.28  ? 108 THR A CG2   1 
ATOM   458 N N     . VAL A 1 62 ? 4.860   3.517   5.179   1.00 7.40   ? 109 VAL A N     1 
ATOM   459 C CA    . VAL A 1 62 ? 5.371   2.892   3.962   1.00 7.49   ? 109 VAL A CA    1 
ATOM   460 C C     . VAL A 1 62 ? 5.346   3.860   2.779   1.00 8.69   ? 109 VAL A C     1 
ATOM   461 O O     . VAL A 1 62 ? 4.673   4.898   2.815   1.00 8.41   ? 109 VAL A O     1 
ATOM   462 C CB    . VAL A 1 62 ? 4.544   1.646   3.591   1.00 7.85   ? 109 VAL A CB    1 
ATOM   463 C CG1   . VAL A 1 62 ? 4.764   0.521   4.618   1.00 8.97   ? 109 VAL A CG1   1 
ATOM   464 C CG2   . VAL A 1 62 ? 3.066   2.015   3.511   1.00 7.25   ? 109 VAL A CG2   1 
ATOM   465 N N     . GLU A 1 63 ? 6.095   3.508   1.741   1.00 7.88   ? 110 GLU A N     1 
ATOM   466 C CA    . GLU A 1 63 ? 6.141   4.299   0.521   1.00 7.38   ? 110 GLU A CA    1 
ATOM   467 C C     . GLU A 1 63 ? 5.641   3.398   -0.591  1.00 9.65   ? 110 GLU A C     1 
ATOM   468 O O     . GLU A 1 63 ? 5.942   2.216   -0.597  1.00 8.56   ? 110 GLU A O     1 
ATOM   469 C CB    . GLU A 1 63 ? 7.558   4.804   0.238   1.00 12.08  ? 110 GLU A CB    1 
ATOM   470 C CG    . GLU A 1 63 ? 7.634   5.768   -0.946  1.00 13.50  ? 110 GLU A CG    1 
ATOM   471 C CD    . GLU A 1 63 ? 9.001   6.417   -1.081  1.00 30.82  ? 110 GLU A CD    1 
ATOM   472 O OE1   . GLU A 1 63 ? 9.772   6.384   -0.101  1.00 30.52  ? 110 GLU A OE1   1 
ATOM   473 O OE2   . GLU A 1 63 ? 9.301   6.970   -2.159  1.00 30.86  ? 110 GLU A OE2   1 
ATOM   474 N N     . PHE A 1 64 ? 4.866   3.937   -1.519  1.00 8.35   ? 111 PHE A N     1 
ATOM   475 C CA    . PHE A 1 64 ? 4.244   3.101   -2.549  1.00 7.67   ? 111 PHE A CA    1 
ATOM   476 C C     . PHE A 1 64 ? 3.804   3.948   -3.746  1.00 8.08   ? 111 PHE A C     1 
ATOM   477 O O     . PHE A 1 64 ? 3.752   5.188   -3.678  1.00 8.47   ? 111 PHE A O     1 
ATOM   478 C CB    . PHE A 1 64 ? 3.035   2.356   -1.960  1.00 7.33   ? 111 PHE A CB    1 
ATOM   479 C CG    . PHE A 1 64 ? 2.073   3.267   -1.241  1.00 7.43   ? 111 PHE A CG    1 
ATOM   480 C CD1   . PHE A 1 64 ? 0.956   3.756   -1.881  1.00 11.33  ? 111 PHE A CD1   1 
ATOM   481 C CD2   . PHE A 1 64 ? 2.316   3.665   0.061   1.00 6.12   ? 111 PHE A CD2   1 
ATOM   482 C CE1   . PHE A 1 64 ? 0.075   4.614   -1.216  1.00 13.12  ? 111 PHE A CE1   1 
ATOM   483 C CE2   . PHE A 1 64 ? 1.445   4.532   0.721   1.00 9.86   ? 111 PHE A CE2   1 
ATOM   484 C CZ    . PHE A 1 64 ? 0.327   4.996   0.076   1.00 10.36  ? 111 PHE A CZ    1 
ATOM   485 N N     . ASP A 1 65 ? 3.524   3.268   -4.852  1.00 8.89   ? 112 ASP A N     1 
ATOM   486 C CA    . ASP A 1 65 ? 2.866   3.895   -5.987  1.00 8.57   ? 112 ASP A CA    1 
ATOM   487 C C     . ASP A 1 65 ? 1.381   3.633   -5.857  1.00 11.55  ? 112 ASP A C     1 
ATOM   488 O O     . ASP A 1 65 ? 0.970   2.660   -5.230  1.00 11.14  ? 112 ASP A O     1 
ATOM   489 C CB    . ASP A 1 65 ? 3.406   3.338   -7.304  1.00 11.81  ? 112 ASP A CB    1 
ATOM   490 C CG    . ASP A 1 65 ? 4.914   3.471   -7.414  1.00 21.34  ? 112 ASP A CG    1 
ATOM   491 O OD1   . ASP A 1 65 ? 5.474   4.459   -6.886  1.00 20.97  ? 112 ASP A OD1   1 
ATOM   492 O OD2   . ASP A 1 65 ? 5.542   2.576   -8.010  1.00 23.66  ? 112 ASP A OD2   1 
ATOM   493 N N     . VAL A 1 66 ? 0.568   4.502   -6.432  1.00 10.18  ? 113 VAL A N     1 
ATOM   494 C CA    . VAL A 1 66 ? -0.859  4.250   -6.462  1.00 8.93   ? 113 VAL A CA    1 
ATOM   495 C C     . VAL A 1 66 ? -1.259  3.990   -7.902  1.00 10.26  ? 113 VAL A C     1 
ATOM   496 O O     . VAL A 1 66 ? -0.882  4.751   -8.794  1.00 11.08  ? 113 VAL A O     1 
ATOM   497 C CB    . VAL A 1 66 ? -1.678  5.424   -5.908  1.00 11.77  ? 113 VAL A CB    1 
ATOM   498 C CG1   . VAL A 1 66 ? -3.168  5.078   -5.940  1.00 16.08  ? 113 VAL A CG1   1 
ATOM   499 C CG2   . VAL A 1 66 ? -1.234  5.753   -4.484  1.00 14.47  ? 113 VAL A CG2   1 
ATOM   500 N N     . VAL A 1 67 ? -1.978  2.888   -8.119  1.00 10.67  ? 114 VAL A N     1 
ATOM   501 C CA    . VAL A 1 67 ? -2.442  2.521   -9.445  1.00 13.34  ? 114 VAL A CA    1 
ATOM   502 C C     . VAL A 1 67 ? -3.948  2.313   -9.418  1.00 14.55  ? 114 VAL A C     1 
ATOM   503 O O     . VAL A 1 67 ? -4.523  1.976   -8.399  1.00 15.56  ? 114 VAL A O     1 
ATOM   504 C CB    . VAL A 1 67 ? -1.728  1.256   -9.992  1.00 20.14  ? 114 VAL A CB    1 
ATOM   505 C CG1   . VAL A 1 67 ? -0.221  1.384   -9.840  1.00 21.07  ? 114 VAL A CG1   1 
ATOM   506 C CG2   . VAL A 1 67 ? -2.207  0.027   -9.277  1.00 25.83  ? 114 VAL A CG2   1 
ATOM   507 N N     . GLU A 1 68 ? -4.611  2.582   -10.530 1.00 20.43  ? 115 GLU A N     1 
ATOM   508 C CA    . GLU A 1 68 ? -6.062  2.546   -10.502 1.00 32.07  ? 115 GLU A CA    1 
ATOM   509 C C     . GLU A 1 68 ? -6.600  1.633   -11.577 1.00 47.04  ? 115 GLU A C     1 
ATOM   510 O O     . GLU A 1 68 ? -6.767  2.045   -12.720 1.00 46.95  ? 115 GLU A O     1 
ATOM   511 C CB    . GLU A 1 68 ? -6.658  3.954   -10.663 1.00 40.29  ? 115 GLU A CB    1 
ATOM   512 C CG    . GLU A 1 68 ? -8.189  4.014   -10.563 1.00 51.49  ? 115 GLU A CG    1 
ATOM   513 C CD    . GLU A 1 68 ? -8.690  5.182   -9.720  1.00 52.25  ? 115 GLU A CD    1 
ATOM   514 O OE1   . GLU A 1 68 ? -7.992  6.214   -9.652  1.00 49.00  ? 115 GLU A OE1   1 
ATOM   515 O OE2   . GLU A 1 68 ? -9.786  5.067   -9.130  1.00 59.66  ? 115 GLU A OE2   1 
ATOM   516 N N     . GLY A 1 69 ? -6.832  0.378   -11.204 1.00 54.92  ? 116 GLY A N     1 
ATOM   517 C CA    . GLY A 1 69 ? -7.797  -0.446  -11.906 1.00 67.97  ? 116 GLY A CA    1 
ATOM   518 C C     . GLY A 1 69 ? -9.143  0.050   -11.404 1.00 74.67  ? 116 GLY A C     1 
ATOM   519 O O     . GLY A 1 69 ? -9.186  0.852   -10.473 1.00 72.95  ? 116 GLY A O     1 
ATOM   520 N N     . GLU A 1 70 ? -10.238 -0.419  -11.991 1.00 83.63  ? 117 GLU A N     1 
ATOM   521 C CA    . GLU A 1 70 ? -11.554 0.111   -11.649 1.00 86.28  ? 117 GLU A CA    1 
ATOM   522 C C     . GLU A 1 70 ? -12.306 -0.727  -10.611 1.00 73.16  ? 117 GLU A C     1 
ATOM   523 O O     . GLU A 1 70 ? -13.533 -0.695  -10.547 1.00 77.77  ? 117 GLU A O     1 
ATOM   524 C CB    . GLU A 1 70 ? -12.395 0.299   -12.921 1.00 97.17  ? 117 GLU A CB    1 
ATOM   525 C CG    . GLU A 1 70 ? -11.892 1.439   -13.817 1.00 100.89 ? 117 GLU A CG    1 
ATOM   526 C CD    . GLU A 1 70 ? -10.515 1.198   -14.414 1.00 103.50 ? 117 GLU A CD    1 
ATOM   527 O OE1   . GLU A 1 70 ? -10.180 0.027   -14.690 1.00 103.15 ? 117 GLU A OE1   1 
ATOM   528 O OE2   . GLU A 1 70 ? -9.740  2.179   -14.499 1.00 101.98 ? 117 GLU A OE2   1 
ATOM   529 N N     . LYS A 1 71 ? -11.558 -1.459  -9.785  1.00 58.01  ? 118 LYS A N     1 
ATOM   530 C CA    . LYS A 1 71 ? -12.047 -1.842  -8.464  1.00 36.51  ? 118 LYS A CA    1 
ATOM   531 C C     . LYS A 1 71 ? -11.729 -0.713  -7.491  1.00 34.60  ? 118 LYS A C     1 
ATOM   532 O O     . LYS A 1 71 ? -12.202 -0.697  -6.360  1.00 42.82  ? 118 LYS A O     1 
ATOM   533 C CB    . LYS A 1 71 ? -11.435 -3.155  -7.978  1.00 42.54  ? 118 LYS A CB    1 
ATOM   534 C CG    . LYS A 1 71 ? -12.466 -4.216  -7.616  1.00 49.21  ? 118 LYS A CG    1 
ATOM   535 C CD    . LYS A 1 71 ? -11.878 -5.613  -7.547  1.00 54.77  ? 118 LYS A CD    1 
ATOM   536 C CE    . LYS A 1 71 ? -11.204 -6.012  -8.843  1.00 62.97  ? 118 LYS A CE    1 
ATOM   537 N NZ    . LYS A 1 71 ? -10.654 -7.396  -8.767  1.00 63.97  ? 118 LYS A NZ    1 
ATOM   538 N N     . GLY A 1 72 ? -10.921 0.237   -7.949  1.00 31.57  ? 119 GLY A N     1 
ATOM   539 C CA    . GLY A 1 72 ? -10.572 1.394   -7.144  1.00 31.27  ? 119 GLY A CA    1 
ATOM   540 C C     . GLY A 1 72 ? -9.075  1.626   -7.101  1.00 23.31  ? 119 GLY A C     1 
ATOM   541 O O     . GLY A 1 72 ? -8.321  1.010   -7.857  1.00 25.49  ? 119 GLY A O     1 
ATOM   542 N N     . ALA A 1 73 ? -8.644  2.522   -6.220  1.00 21.60  ? 120 ALA A N     1 
ATOM   543 C CA    . ALA A 1 73 ? -7.227  2.860   -6.136  1.00 18.21  ? 120 ALA A CA    1 
ATOM   544 C C     . ALA A 1 73 ? -6.506  1.885   -5.242  1.00 21.82  ? 120 ALA A C     1 
ATOM   545 O O     . ALA A 1 73 ? -6.951  1.596   -4.118  1.00 20.71  ? 120 ALA A O     1 
ATOM   546 C CB    . ALA A 1 73 ? -7.043  4.278   -5.639  1.00 20.30  ? 120 ALA A CB    1 
ATOM   547 N N     . GLU A 1 74 ? -5.374  1.379   -5.720  1.00 15.44  ? 121 GLU A N     1 
ATOM   548 C CA    A GLU A 1 74 ? -4.630  0.371   -4.980  0.30 13.74  ? 121 GLU A CA    1 
ATOM   549 C CA    B GLU A 1 74 ? -4.633  0.423   -4.922  0.70 13.78  ? 121 GLU A CA    1 
ATOM   550 C C     . GLU A 1 74 ? -3.138  0.696   -4.920  1.00 15.45  ? 121 GLU A C     1 
ATOM   551 O O     . GLU A 1 74 ? -2.597  1.341   -5.808  1.00 12.51  ? 121 GLU A O     1 
ATOM   552 C CB    A GLU A 1 74 ? -4.849  -1.014  -5.592  0.30 14.34  ? 121 GLU A CB    1 
ATOM   553 C CB    B GLU A 1 74 ? -4.898  -0.996  -5.401  0.70 15.71  ? 121 GLU A CB    1 
ATOM   554 C CG    A GLU A 1 74 ? -4.660  -1.086  -7.092  0.30 17.72  ? 121 GLU A CG    1 
ATOM   555 C CG    B GLU A 1 74 ? -4.248  -1.375  -6.698  0.70 13.75  ? 121 GLU A CG    1 
ATOM   556 C CD    A GLU A 1 74 ? -4.891  -2.481  -7.643  0.30 26.46  ? 121 GLU A CD    1 
ATOM   557 C CD    B GLU A 1 74 ? -4.481  -2.846  -7.018  0.70 23.79  ? 121 GLU A CD    1 
ATOM   558 O OE1   A GLU A 1 74 ? -4.058  -2.949  -8.449  0.30 30.22  ? 121 GLU A OE1   1 
ATOM   559 O OE1   B GLU A 1 74 ? -4.220  -3.692  -6.136  0.70 28.87  ? 121 GLU A OE1   1 
ATOM   560 O OE2   A GLU A 1 74 ? -5.906  -3.107  -7.274  0.30 26.47  ? 121 GLU A OE2   1 
ATOM   561 O OE2   B GLU A 1 74 ? -4.945  -3.151  -8.138  0.70 31.60  ? 121 GLU A OE2   1 
ATOM   562 N N     . ALA A 1 75 ? -2.491  0.238   -3.868  1.00 13.30  ? 122 ALA A N     1 
ATOM   563 C CA    . ALA A 1 75 ? -1.067  0.428   -3.700  1.00 7.64   ? 122 ALA A CA    1 
ATOM   564 C C     . ALA A 1 75 ? -0.279  -0.556  -4.558  1.00 13.71  ? 122 ALA A C     1 
ATOM   565 O O     . ALA A 1 75 ? -0.712  -1.694  -4.800  1.00 16.42  ? 122 ALA A O     1 
ATOM   566 C CB    . ALA A 1 75 ? -0.696  0.254   -2.222  1.00 10.88  ? 122 ALA A CB    1 
ATOM   567 N N     . ALA A 1 76 ? 0.898   -0.124  -4.991  1.00 9.72   ? 123 ALA A N     1 
ATOM   568 C CA    . ALA A 1 76 ? 1.801   -0.990  -5.716  1.00 8.98   ? 123 ALA A CA    1 
ATOM   569 C C     . ALA A 1 76 ? 3.213   -0.708  -5.246  1.00 9.01   ? 123 ALA A C     1 
ATOM   570 O O     . ALA A 1 76 ? 3.512   0.413   -4.809  1.00 10.36  ? 123 ALA A O     1 
ATOM   571 C CB    . ALA A 1 76 ? 1.682   -0.767  -7.231  1.00 15.48  ? 123 ALA A CB    1 
ATOM   572 N N     . ASN A 1 77 ? 4.073   -1.720  -5.336  1.00 9.30   ? 124 ASN A N     1 
ATOM   573 C CA    . ASN A 1 77 ? 5.491   -1.547  -5.017  1.00 8.85   ? 124 ASN A CA    1 
ATOM   574 C C     . ASN A 1 77 ? 5.664   -0.975  -3.620  1.00 13.09  ? 124 ASN A C     1 
ATOM   575 O O     . ASN A 1 77 ? 6.353   0.021   -3.421  1.00 10.84  ? 124 ASN A O     1 
ATOM   576 C CB    . ASN A 1 77 ? 6.165   -0.642  -6.048  1.00 14.73  ? 124 ASN A CB    1 
ATOM   577 C CG    . ASN A 1 77 ? 6.085   -1.208  -7.452  1.00 25.12  ? 124 ASN A CG    1 
ATOM   578 O OD1   . ASN A 1 77 ? 6.241   -2.410  -7.657  1.00 25.57  ? 124 ASN A OD1   1 
ATOM   579 N ND2   . ASN A 1 77 ? 5.837   -0.342  -8.430  1.00 28.79  ? 124 ASN A ND2   1 
ATOM   580 N N     . VAL A 1 78 ? 5.003   -1.602  -2.652  1.00 7.58   ? 125 VAL A N     1 
ATOM   581 C CA    . VAL A 1 78 ? 5.026   -1.088  -1.278  1.00 8.49   ? 125 VAL A CA    1 
ATOM   582 C C     . VAL A 1 78 ? 6.337   -1.445  -0.578  1.00 8.61   ? 125 VAL A C     1 
ATOM   583 O O     . VAL A 1 78 ? 6.688   -2.628  -0.467  1.00 10.47  ? 125 VAL A O     1 
ATOM   584 C CB    . VAL A 1 78 ? 3.844   -1.636  -0.446  1.00 6.39   ? 125 VAL A CB    1 
ATOM   585 C CG1   . VAL A 1 78 ? 3.864   -1.009  0.949   1.00 8.29   ? 125 VAL A CG1   1 
ATOM   586 C CG2   . VAL A 1 78 ? 2.514   -1.366  -1.137  1.00 7.57   ? 125 VAL A CG2   1 
ATOM   587 N N     . THR A 1 79 ? 7.041   -0.417  -0.100  1.00 9.32   ? 126 THR A N     1 
ATOM   588 C CA    A THR A 1 79 ? 8.358   -0.538  0.543   0.77 9.35   ? 126 THR A CA    1 
ATOM   589 C CA    B THR A 1 79 ? 8.305   -0.620  0.605   0.06 10.72  ? 126 THR A CA    1 
ATOM   590 C CA    C THR A 1 79 ? 8.303   -0.624  0.609   0.17 10.56  ? 126 THR A CA    1 
ATOM   591 C C     . THR A 1 79 ? 8.418   0.304   1.815   1.00 9.84   ? 126 THR A C     1 
ATOM   592 O O     . THR A 1 79 ? 7.480   1.033   2.142   1.00 10.33  ? 126 THR A O     1 
ATOM   593 C CB    A THR A 1 79 ? 9.502   -0.056  -0.369  0.77 13.41  ? 126 THR A CB    1 
ATOM   594 C CB    B THR A 1 79 ? 9.513   -0.384  -0.323  0.06 12.67  ? 126 THR A CB    1 
ATOM   595 C CB    C THR A 1 79 ? 9.512   -0.402  -0.317  0.17 12.84  ? 126 THR A CB    1 
ATOM   596 O OG1   A THR A 1 79 ? 9.347   1.349   -0.622  0.77 13.63  ? 126 THR A OG1   1 
ATOM   597 O OG1   B THR A 1 79 ? 9.066   -0.298  -1.683  0.06 14.25  ? 126 THR A OG1   1 
ATOM   598 O OG1   C THR A 1 79 ? 10.724  -0.615  0.415   0.17 11.31  ? 126 THR A OG1   1 
ATOM   599 C CG2   A THR A 1 79 ? 9.519   -0.805  -1.691  0.77 16.80  ? 126 THR A CG2   1 
ATOM   600 C CG2   B THR A 1 79 ? 10.523  -1.515  -0.187  0.06 12.83  ? 126 THR A CG2   1 
ATOM   601 C CG2   C THR A 1 79 ? 9.508   1.010   -0.866  0.17 14.25  ? 126 THR A CG2   1 
ATOM   602 N N     . GLY A 1 80 ? 9.559   0.252   2.500   1.00 14.58  ? 127 GLY A N     1 
ATOM   603 C CA    . GLY A 1 80 ? 9.787   1.194   3.584   1.00 13.71  ? 127 GLY A CA    1 
ATOM   604 C C     . GLY A 1 80 ? 10.048  2.560   2.956   1.00 15.36  ? 127 GLY A C     1 
ATOM   605 O O     . GLY A 1 80 ? 10.342  2.651   1.758   1.00 16.88  ? 127 GLY A O     1 
ATOM   606 N N     . PRO A 1 81 ? 9.926   3.641   3.744   1.00 12.90  ? 128 PRO A N     1 
ATOM   607 C CA    . PRO A 1 81 ? 10.232  4.972   3.211   1.00 17.09  ? 128 PRO A CA    1 
ATOM   608 C C     . PRO A 1 81 ? 11.691  5.054   2.768   1.00 23.43  ? 128 PRO A C     1 
ATOM   609 O O     . PRO A 1 81 ? 12.571  4.563   3.468   1.00 28.10  ? 128 PRO A O     1 
ATOM   610 C CB    . PRO A 1 81 ? 9.939   5.907   4.395   1.00 21.44  ? 128 PRO A CB    1 
ATOM   611 C CG    . PRO A 1 81 ? 9.940   5.040   5.592   1.00 25.68  ? 128 PRO A CG    1 
ATOM   612 C CD    . PRO A 1 81 ? 9.447   3.699   5.134   1.00 15.72  ? 128 PRO A CD    1 
ATOM   613 N N     . GLY A 1 82 ? 11.929  5.652   1.604   1.00 34.30  ? 129 GLY A N     1 
ATOM   614 C CA    . GLY A 1 82 ? 13.241  5.605   0.987   1.00 45.84  ? 129 GLY A CA    1 
ATOM   615 C C     . GLY A 1 82 ? 13.586  4.212   0.486   1.00 47.45  ? 129 GLY A C     1 
ATOM   616 O O     . GLY A 1 82 ? 12.702  3.415   0.147   1.00 36.75  ? 129 GLY A O     1 
ATOM   617 P P     . U   B 2 1  ? -12.354 -16.991 2.596   1.00 112.11 ? 1   U   B P     1 
ATOM   618 O OP1   . U   B 2 1  ? -12.141 -15.809 3.472   1.00 106.83 ? 1   U   B OP1   1 
ATOM   619 O OP2   . U   B 2 1  ? -13.724 -17.311 2.117   1.00 110.97 ? 1   U   B OP2   1 
ATOM   620 O "O5'" . U   B 2 1  ? -11.403 -16.847 1.324   1.00 78.39  ? 1   U   B "O5'" 1 
ATOM   621 C "C5'" . U   B 2 1  ? -9.997  -17.057 1.429   1.00 66.38  ? 1   U   B "C5'" 1 
ATOM   622 C "C4'" . U   B 2 1  ? -9.223  -15.797 1.126   1.00 57.00  ? 1   U   B "C4'" 1 
ATOM   623 O "O4'" . U   B 2 1  ? -7.923  -15.857 1.775   1.00 46.08  ? 1   U   B "O4'" 1 
ATOM   624 C "C3'" . U   B 2 1  ? -8.948  -15.531 -0.354  1.00 61.42  ? 1   U   B "C3'" 1 
ATOM   625 O "O3'" . U   B 2 1  ? -8.946  -14.123 -0.573  1.00 60.00  ? 1   U   B "O3'" 1 
ATOM   626 C "C2'" . U   B 2 1  ? -7.528  -16.060 -0.527  1.00 56.49  ? 1   U   B "C2'" 1 
ATOM   627 O "O2'" . U   B 2 1  ? -6.819  -15.512 -1.620  1.00 54.85  ? 1   U   B "O2'" 1 
ATOM   628 C "C1'" . U   B 2 1  ? -6.904  -15.673 0.811   1.00 43.10  ? 1   U   B "C1'" 1 
ATOM   629 N N1    . U   B 2 1  ? -5.753  -16.498 1.193   1.00 35.97  ? 1   U   B N1    1 
ATOM   630 C C2    . U   B 2 1  ? -4.561  -15.847 1.472   1.00 31.50  ? 1   U   B C2    1 
ATOM   631 O O2    . U   B 2 1  ? -4.429  -14.638 1.417   1.00 29.90  ? 1   U   B O2    1 
ATOM   632 N N3    . U   B 2 1  ? -3.529  -16.675 1.821   1.00 28.10  ? 1   U   B N3    1 
ATOM   633 C C4    . U   B 2 1  ? -3.589  -18.057 1.922   1.00 18.24  ? 1   U   B C4    1 
ATOM   634 O O4    . U   B 2 1  ? -2.576  -18.653 2.247   1.00 24.65  ? 1   U   B O4    1 
ATOM   635 C C5    . U   B 2 1  ? -4.853  -18.663 1.616   1.00 30.68  ? 1   U   B C5    1 
ATOM   636 C C6    . U   B 2 1  ? -5.873  -17.869 1.271   1.00 37.22  ? 1   U   B C6    1 
ATOM   637 P P     . C   B 2 2  ? -9.592  -13.498 -1.902  1.00 63.89  ? 2   C   B P     1 
ATOM   638 O OP1   . C   B 2 2  ? -10.976 -13.080 -1.565  1.00 64.06  ? 2   C   B OP1   1 
ATOM   639 O OP2   . C   B 2 2  ? -9.356  -14.419 -3.046  1.00 61.43  ? 2   C   B OP2   1 
ATOM   640 O "O5'" . C   B 2 2  ? -8.726  -12.182 -2.140  1.00 41.56  ? 2   C   B "O5'" 1 
ATOM   641 C "C5'" . C   B 2 2  ? -8.736  -11.124 -1.186  1.00 30.63  ? 2   C   B "C5'" 1 
ATOM   642 C "C4'" . C   B 2 2  ? -8.953  -9.782  -1.843  1.00 21.27  ? 2   C   B "C4'" 1 
ATOM   643 O "O4'" . C   B 2 2  ? -7.759  -9.406  -2.572  1.00 27.29  ? 2   C   B "O4'" 1 
ATOM   644 C "C3'" . C   B 2 2  ? -10.099 -9.723  -2.845  1.00 30.14  ? 2   C   B "C3'" 1 
ATOM   645 O "O3'" . C   B 2 2  ? -10.650 -8.411  -2.823  1.00 28.87  ? 2   C   B "O3'" 1 
ATOM   646 C "C2'" . C   B 2 2  ? -9.393  -9.956  -4.180  1.00 33.25  ? 2   C   B "C2'" 1 
ATOM   647 O "O2'" . C   B 2 2  ? -10.073 -9.426  -5.300  1.00 33.08  ? 2   C   B "O2'" 1 
ATOM   648 C "C1'" . C   B 2 2  ? -8.054  -9.256  -3.954  1.00 25.45  ? 2   C   B "C1'" 1 
ATOM   649 N N1    . C   B 2 2  ? -6.930  -9.858  -4.685  1.00 28.14  ? 2   C   B N1    1 
ATOM   650 C C2    . C   B 2 2  ? -6.051  -9.054  -5.415  1.00 30.34  ? 2   C   B C2    1 
ATOM   651 O O2    . C   B 2 2  ? -6.256  -7.836  -5.463  1.00 29.00  ? 2   C   B O2    1 
ATOM   652 N N3    . C   B 2 2  ? -4.999  -9.627  -6.051  1.00 33.96  ? 2   C   B N3    1 
ATOM   653 C C4    . C   B 2 2  ? -4.817  -10.948 -5.972  1.00 42.67  ? 2   C   B C4    1 
ATOM   654 N N4    . C   B 2 2  ? -3.780  -11.475 -6.619  1.00 49.87  ? 2   C   B N4    1 
ATOM   655 C C5    . C   B 2 2  ? -5.693  -11.795 -5.232  1.00 40.35  ? 2   C   B C5    1 
ATOM   656 C C6    . C   B 2 2  ? -6.722  -11.208 -4.609  1.00 37.52  ? 2   C   B C6    1 
ATOM   657 P P     . A   B 2 3  ? -12.237 -8.195  -2.779  1.00 35.31  ? 3   A   B P     1 
ATOM   658 O OP1   . A   B 2 3  ? -12.880 -9.351  -2.101  1.00 40.48  ? 3   A   B OP1   1 
ATOM   659 O OP2   . A   B 2 3  ? -12.644 -7.829  -4.160  1.00 37.04  ? 3   A   B OP2   1 
ATOM   660 O "O5'" . A   B 2 3  ? -12.425 -6.895  -1.878  1.00 35.46  ? 3   A   B "O5'" 1 
ATOM   661 C "C5'" . A   B 2 3  ? -12.200 -6.903  -0.469  1.00 32.18  ? 3   A   B "C5'" 1 
ATOM   662 C "C4'" . A   B 2 3  ? -12.422 -5.529  0.124   1.00 31.80  ? 3   A   B "C4'" 1 
ATOM   663 O "O4'" . A   B 2 3  ? -11.422 -4.620  -0.410  1.00 29.57  ? 3   A   B "O4'" 1 
ATOM   664 C "C3'" . A   B 2 3  ? -13.773 -4.894  -0.202  1.00 33.86  ? 3   A   B "C3'" 1 
ATOM   665 O "O3'" . A   B 2 3  ? -14.132 -3.979  0.834   1.00 33.69  ? 3   A   B "O3'" 1 
ATOM   666 C "C2'" . A   B 2 3  ? -13.459 -4.096  -1.459  1.00 32.56  ? 3   A   B "C2'" 1 
ATOM   667 O "O2'" . A   B 2 3  ? -14.362 -3.045  -1.726  1.00 43.14  ? 3   A   B "O2'" 1 
ATOM   668 C "C1'" . A   B 2 3  ? -12.059 -3.582  -1.142  1.00 27.57  ? 3   A   B "C1'" 1 
ATOM   669 N N9    . A   B 2 3  ? -11.247 -3.321  -2.326  1.00 20.61  ? 3   A   B N9    1 
ATOM   670 C C8    . A   B 2 3  ? -10.705 -4.259  -3.169  1.00 18.79  ? 3   A   B C8    1 
ATOM   671 N N7    . A   B 2 3  ? -10.005 -3.742  -4.148  1.00 22.10  ? 3   A   B N7    1 
ATOM   672 C C5    . A   B 2 3  ? -10.105 -2.371  -3.929  1.00 16.97  ? 3   A   B C5    1 
ATOM   673 C C6    . A   B 2 3  ? -9.572  -1.276  -4.616  1.00 24.04  ? 3   A   B C6    1 
ATOM   674 N N6    . A   B 2 3  ? -8.821  -1.399  -5.712  1.00 31.51  ? 3   A   B N6    1 
ATOM   675 N N1    . A   B 2 3  ? -9.856  -0.043  -4.140  1.00 41.95  ? 3   A   B N1    1 
ATOM   676 C C2    . A   B 2 3  ? -10.613 0.062   -3.039  1.00 41.32  ? 3   A   B C2    1 
ATOM   677 N N3    . A   B 2 3  ? -11.163 -0.896  -2.300  1.00 32.54  ? 3   A   B N3    1 
ATOM   678 C C4    . A   B 2 3  ? -10.861 -2.098  -2.809  1.00 25.70  ? 3   A   B C4    1 
ATOM   679 P P     . U   B 2 4  ? -15.490 -4.170  1.665   1.00 80.45  ? 4   U   B P     1 
ATOM   680 O OP1   . U   B 2 4  ? -15.914 -5.591  1.564   1.00 77.98  ? 4   U   B OP1   1 
ATOM   681 O OP2   . U   B 2 4  ? -16.413 -3.079  1.265   1.00 84.39  ? 4   U   B OP2   1 
ATOM   682 O "O5'" . U   B 2 4  ? -15.047 -3.891  3.166   1.00 51.69  ? 4   U   B "O5'" 1 
ATOM   683 C "C5'" . U   B 2 4  ? -14.048 -4.687  3.784   1.00 40.97  ? 4   U   B "C5'" 1 
ATOM   684 C "C4'" . U   B 2 4  ? -13.470 -4.002  4.995   1.00 33.65  ? 4   U   B "C4'" 1 
ATOM   685 O "O4'" . U   B 2 4  ? -12.541 -2.969  4.563   1.00 30.55  ? 4   U   B "O4'" 1 
ATOM   686 C "C3'" . U   B 2 4  ? -14.489 -3.316  5.912   1.00 27.38  ? 4   U   B "C3'" 1 
ATOM   687 O "O3'" . U   B 2 4  ? -14.128 -3.539  7.277   1.00 45.61  ? 4   U   B "O3'" 1 
ATOM   688 C "C2'" . U   B 2 4  ? -14.325 -1.833  5.559   1.00 36.41  ? 4   U   B "C2'" 1 
ATOM   689 O "O2'" . U   B 2 4  ? -14.671 -0.931  6.589   1.00 41.14  ? 4   U   B "O2'" 1 
ATOM   690 C "C1'" . U   B 2 4  ? -12.839 -1.758  5.227   1.00 26.49  ? 4   U   B "C1'" 1 
ATOM   691 N N1    . U   B 2 4  ? -12.458 -0.618  4.369   1.00 27.16  ? 4   U   B N1    1 
ATOM   692 C C2    . U   B 2 4  ? -11.517 0.294   4.833   1.00 23.87  ? 4   U   B C2    1 
ATOM   693 O O2    . U   B 2 4  ? -10.969 0.187   5.913   1.00 23.50  ? 4   U   B O2    1 
ATOM   694 N N3    . U   B 2 4  ? -11.211 1.349   3.993   1.00 20.22  ? 4   U   B N3    1 
ATOM   695 C C4    . U   B 2 4  ? -11.764 1.566   2.748   1.00 25.03  ? 4   U   B C4    1 
ATOM   696 O O4    . U   B 2 4  ? -11.414 2.539   2.089   1.00 29.83  ? 4   U   B O4    1 
ATOM   697 C C5    . U   B 2 4  ? -12.727 0.590   2.336   1.00 28.28  ? 4   U   B C5    1 
ATOM   698 C C6    . U   B 2 4  ? -13.039 -0.436  3.137   1.00 25.77  ? 4   U   B C6    1 
ATOM   699 P P     . G   B 2 5  ? -15.054 -4.458  8.224   1.00 57.33  ? 5   G   B P     1 
ATOM   700 O OP1   . G   B 2 5  ? -16.275 -4.818  7.461   1.00 57.02  ? 5   G   B OP1   1 
ATOM   701 O OP2   . G   B 2 5  ? -15.179 -3.784  9.541   1.00 61.52  ? 5   G   B OP2   1 
ATOM   702 O "O5'" . G   B 2 5  ? -14.199 -5.784  8.439   1.00 45.69  ? 5   G   B "O5'" 1 
ATOM   703 C "C5'" . G   B 2 5  ? -14.026 -6.705  7.373   1.00 49.39  ? 5   G   B "C5'" 1 
ATOM   704 C "C4'" . G   B 2 5  ? -12.973 -7.747  7.665   1.00 56.11  ? 5   G   B "C4'" 1 
ATOM   705 O "O4'" . G   B 2 5  ? -11.651 -7.163  7.728   1.00 60.57  ? 5   G   B "O4'" 1 
ATOM   706 C "C3'" . G   B 2 5  ? -13.089 -8.499  8.978   1.00 61.09  ? 5   G   B "C3'" 1 
ATOM   707 O "O3'" . G   B 2 5  ? -14.105 -9.486  8.963   1.00 66.86  ? 5   G   B "O3'" 1 
ATOM   708 C "C2'" . G   B 2 5  ? -11.686 -9.079  9.152   1.00 59.79  ? 5   G   B "C2'" 1 
ATOM   709 O "O2'" . G   B 2 5  ? -11.541 -10.288 8.422   1.00 59.20  ? 5   G   B "O2'" 1 
ATOM   710 C "C1'" . G   B 2 5  ? -10.811 -8.004  8.495   1.00 59.58  ? 5   G   B "C1'" 1 
ATOM   711 N N9    . G   B 2 5  ? -10.023 -7.236  9.478   1.00 55.90  ? 5   G   B N9    1 
ATOM   712 C C8    . G   B 2 5  ? -9.020  -7.814  10.213  1.00 50.60  ? 5   G   B C8    1 
ATOM   713 N N7    . G   B 2 5  ? -8.426  -7.008  11.036  1.00 49.95  ? 5   G   B N7    1 
ATOM   714 C C5    . G   B 2 5  ? -9.086  -5.807  10.838  1.00 42.67  ? 5   G   B C5    1 
ATOM   715 C C6    . G   B 2 5  ? -8.854  -4.572  11.481  1.00 41.17  ? 5   G   B C6    1 
ATOM   716 O O6    . G   B 2 5  ? -8.002  -4.317  12.353  1.00 30.13  ? 5   G   B O6    1 
ATOM   717 N N1    . G   B 2 5  ? -9.730  -3.602  10.998  1.00 48.78  ? 5   G   B N1    1 
ATOM   718 C C2    . G   B 2 5  ? -10.695 -3.801  10.032  1.00 42.98  ? 5   G   B C2    1 
ATOM   719 N N2    . G   B 2 5  ? -11.441 -2.727  9.715   1.00 35.14  ? 5   G   B N2    1 
ATOM   720 N N3    . G   B 2 5  ? -10.921 -4.961  9.425   1.00 32.20  ? 5   G   B N3    1 
ATOM   721 C C4    . G   B 2 5  ? -10.084 -5.919  9.882   1.00 47.34  ? 5   G   B C4    1 
ATOM   722 P P     . U   B 2 7  ? -15.341 -8.190  11.561  1.00 88.70  ? 7   U   B P     1 
ATOM   723 O OP1   . U   B 2 7  ? -16.261 -8.443  10.422  1.00 92.73  ? 7   U   B OP1   1 
ATOM   724 O OP2   . U   B 2 7  ? -15.754 -7.259  12.641  1.00 91.24  ? 7   U   B OP2   1 
ATOM   725 O "O5'" . U   B 2 7  ? -14.981 -9.592  12.228  1.00 86.74  ? 7   U   B "O5'" 1 
ATOM   726 C "C5'" . U   B 2 7  ? -13.689 -10.165 12.082  1.00 82.51  ? 7   U   B "C5'" 1 
ATOM   727 C "C4'" . U   B 2 7  ? -12.820 -9.885  13.282  1.00 79.21  ? 7   U   B "C4'" 1 
ATOM   728 O "O4'" . U   B 2 7  ? -11.794 -8.920  12.934  1.00 73.36  ? 7   U   B "O4'" 1 
ATOM   729 C "C3'" . U   B 2 7  ? -13.519 -9.264  14.483  1.00 80.06  ? 7   U   B "C3'" 1 
ATOM   730 O "O3'" . U   B 2 7  ? -14.207 -10.218 15.275  1.00 84.42  ? 7   U   B "O3'" 1 
ATOM   731 C "C2'" . U   B 2 7  ? -12.377 -8.573  15.215  1.00 75.57  ? 7   U   B "C2'" 1 
ATOM   732 O "O2'" . U   B 2 7  ? -11.635 -9.514  15.976  1.00 74.06  ? 7   U   B "O2'" 1 
ATOM   733 C "C1'" . U   B 2 7  ? -11.505 -8.100  14.049  1.00 71.86  ? 7   U   B "C1'" 1 
ATOM   734 N N1    . U   B 2 7  ? -11.749 -6.684  13.681  1.00 66.71  ? 7   U   B N1    1 
ATOM   735 C C2    . U   B 2 7  ? -11.109 -5.702  14.415  1.00 58.15  ? 7   U   B C2    1 
ATOM   736 O O2    . U   B 2 7  ? -10.370 -5.950  15.351  1.00 58.57  ? 7   U   B O2    1 
ATOM   737 N N3    . U   B 2 7  ? -11.368 -4.411  14.020  1.00 55.39  ? 7   U   B N3    1 
ATOM   738 C C4    . U   B 2 7  ? -12.183 -4.001  12.984  1.00 56.70  ? 7   U   B C4    1 
ATOM   739 O O4    . U   B 2 7  ? -12.317 -2.794  12.748  1.00 51.39  ? 7   U   B O4    1 
ATOM   740 C C5    . U   B 2 7  ? -12.805 -5.075  12.269  1.00 63.79  ? 7   U   B C5    1 
ATOM   741 C C6    . U   B 2 7  ? -12.571 -6.344  12.629  1.00 67.65  ? 7   U   B C6    1 
HETATM 742 S S     . SO4 C 3 .  ? 8.628   -13.776 -6.090  1.00 93.64  ? 201 SO4 A S     1 
HETATM 743 O O1    . SO4 C 3 .  ? 8.628   -12.446 -6.696  1.00 98.07  ? 201 SO4 A O1    1 
HETATM 744 O O2    . SO4 C 3 .  ? 7.758   -13.776 -4.920  1.00 91.16  ? 201 SO4 A O2    1 
HETATM 745 O O3    . SO4 C 3 .  ? 8.140   -14.750 -7.063  1.00 98.67  ? 201 SO4 A O3    1 
HETATM 746 O O4    . SO4 C 3 .  ? 9.985   -14.131 -5.685  1.00 92.50  ? 201 SO4 A O4    1 
HETATM 747 S S     . SO4 D 3 .  ? 9.758   -8.395  -5.060  1.00 74.66  ? 202 SO4 A S     1 
HETATM 748 O O1    . SO4 D 3 .  ? 9.880   -7.944  -3.677  1.00 65.03  ? 202 SO4 A O1    1 
HETATM 749 O O2    . SO4 D 3 .  ? 8.488   -7.946  -5.629  1.00 71.00  ? 202 SO4 A O2    1 
HETATM 750 O O3    . SO4 D 3 .  ? 9.818   -9.854  -5.097  1.00 76.15  ? 202 SO4 A O3    1 
HETATM 751 O O4    . SO4 D 3 .  ? 10.857  -7.839  -5.842  1.00 78.99  ? 202 SO4 A O4    1 
HETATM 752 O O     . HOH E 4 .  ? -13.775 0.174   -5.051  1.00 54.31  ? 301 HOH A O     1 
HETATM 753 O O     . HOH E 4 .  ? -8.495  2.131   -2.560  1.00 38.50  ? 302 HOH A O     1 
HETATM 754 O O     . HOH E 4 .  ? -9.888  -9.320  5.684   1.00 49.50  ? 303 HOH A O     1 
HETATM 755 O O     . HOH E 4 .  ? 3.106   -12.647 3.590   1.00 85.01  ? 304 HOH A O     1 
HETATM 756 O O     . HOH E 4 .  ? 8.282   0.710   6.975   1.00 15.71  ? 305 HOH A O     1 
HETATM 757 O O     . HOH E 4 .  ? 0.516   -11.812 3.430   1.00 19.95  ? 306 HOH A O     1 
HETATM 758 O O     . HOH E 4 .  ? -1.113  -7.309  10.652  1.00 10.19  ? 307 HOH A O     1 
HETATM 759 O O     . HOH E 4 .  ? 1.266   -7.967  9.305   1.00 17.81  ? 308 HOH A O     1 
HETATM 760 O O     . HOH E 4 .  ? 4.144   5.272   11.348  1.00 10.95  ? 309 HOH A O     1 
HETATM 761 O O     . HOH E 4 .  ? -2.215  9.083   6.991   1.00 23.00  ? 310 HOH A O     1 
HETATM 762 O O     . HOH E 4 .  ? 3.663   8.510   8.303   1.00 30.27  ? 311 HOH A O     1 
HETATM 763 O O     . HOH E 4 .  ? -1.490  15.347  8.480   1.00 25.90  ? 312 HOH A O     1 
HETATM 764 O O     . HOH E 4 .  ? 11.573  8.486   -2.295  1.00 40.04  ? 313 HOH A O     1 
HETATM 765 O O     . HOH E 4 .  ? -6.359  10.344  -2.765  1.00 14.77  ? 314 HOH A O     1 
HETATM 766 O O     . HOH E 4 .  ? -1.771  -14.619 3.382   1.00 20.93  ? 315 HOH A O     1 
HETATM 767 O O     . HOH E 4 .  ? -5.690  -12.700 -1.110  1.00 24.95  ? 316 HOH A O     1 
HETATM 768 O O     . HOH E 4 .  ? 1.827   11.023  0.874   1.00 25.44  ? 317 HOH A O     1 
HETATM 769 O O     . HOH E 4 .  ? -2.508  -3.647  -3.947  1.00 11.53  ? 318 HOH A O     1 
HETATM 770 O O     . HOH E 4 .  ? -9.100  10.153  6.597   1.00 42.36  ? 319 HOH A O     1 
HETATM 771 O O     . HOH E 4 .  ? -9.263  -12.337 10.387  1.00 29.06  ? 320 HOH A O     1 
HETATM 772 O O     . HOH E 4 .  ? -10.520 5.808   -0.304  1.00 26.96  ? 321 HOH A O     1 
HETATM 773 O O     . HOH E 4 .  ? -6.316  10.182  7.881   1.00 39.84  ? 322 HOH A O     1 
HETATM 774 O O     . HOH E 4 .  ? -10.627 6.960   2.736   1.00 24.99  ? 323 HOH A O     1 
HETATM 775 O O     . HOH E 4 .  ? 7.192   4.060   -4.606  1.00 37.85  ? 324 HOH A O     1 
HETATM 776 O O     . HOH E 4 .  ? 15.292  -9.941  4.172   1.00 52.47  ? 325 HOH A O     1 
HETATM 777 O O     . HOH E 4 .  ? -2.443  -6.004  -6.122  1.00 49.41  ? 326 HOH A O     1 
HETATM 778 O O     . HOH E 4 .  ? 8.060   2.383   -3.289  1.00 28.49  ? 327 HOH A O     1 
HETATM 779 O O     . HOH E 4 .  ? 3.330   -4.051  -6.946  1.00 17.68  ? 328 HOH A O     1 
HETATM 780 O O     . HOH E 4 .  ? 2.703   12.743  -2.140  1.00 42.68  ? 329 HOH A O     1 
HETATM 781 O O     . HOH E 4 .  ? 4.279   11.847  4.845   1.00 27.61  ? 330 HOH A O     1 
HETATM 782 O O     . HOH E 4 .  ? 3.786   11.462  -0.104  1.00 28.48  ? 331 HOH A O     1 
HETATM 783 O O     . HOH E 4 .  ? 7.072   -7.593  3.380   1.00 39.33  ? 332 HOH A O     1 
HETATM 784 O O     . HOH E 4 .  ? 6.613   -5.015  7.719   1.00 34.66  ? 333 HOH A O     1 
HETATM 785 O O     . HOH E 4 .  ? -1.015  -3.341  -7.351  1.00 28.25  ? 334 HOH A O     1 
HETATM 786 O O     . HOH E 4 .  ? 8.294   1.495   -7.248  1.00 47.41  ? 335 HOH A O     1 
HETATM 787 O O     . HOH E 4 .  ? 7.024   -13.229 9.373   1.00 50.04  ? 336 HOH A O     1 
HETATM 788 O O     . HOH E 4 .  ? 0.863   5.394   12.903  1.00 39.82  ? 337 HOH A O     1 
HETATM 789 O O     . HOH E 4 .  ? 5.155   -7.020  8.726   1.00 30.51  ? 338 HOH A O     1 
HETATM 790 O O     . HOH E 4 .  ? 2.873   -9.776  9.835   1.00 40.46  ? 339 HOH A O     1 
HETATM 791 O O     . HOH E 4 .  ? -10.032 -19.427 13.541  1.00 45.83  ? 340 HOH A O     1 
HETATM 792 O O     . HOH E 4 .  ? 5.816   10.551  7.033   1.00 40.90  ? 341 HOH A O     1 
HETATM 793 O O     . HOH E 4 .  ? 9.980   0.383   -5.272  1.00 60.05  ? 342 HOH A O     1 
HETATM 794 O O     . HOH E 4 .  ? 15.551  -7.247  3.932   1.00 56.78  ? 343 HOH A O     1 
HETATM 795 O O     . HOH E 4 .  ? 12.628  -5.213  4.509   1.00 40.86  ? 344 HOH A O     1 
HETATM 796 O O     . HOH E 4 .  ? 13.298  0.899   4.842   1.00 56.02  ? 345 HOH A O     1 
HETATM 797 O O     . HOH E 4 .  ? 10.739  0.168   6.867   1.00 24.93  ? 346 HOH A O     1 
HETATM 798 O O     . HOH E 4 .  ? 3.266   12.959  2.306   1.00 33.33  ? 347 HOH A O     1 
HETATM 799 O O     . HOH E 4 .  ? 0.986   -5.424  -7.478  1.00 44.30  ? 348 HOH A O     1 
HETATM 800 O O     . HOH E 4 .  ? 12.290  -2.079  4.571   1.00 37.62  ? 349 HOH A O     1 
HETATM 801 O O     . HOH E 4 .  ? 0.892   -15.508 4.045   1.00 24.84  ? 350 HOH A O     1 
HETATM 802 O O     . HOH E 4 .  ? 0.893   15.186  9.800   1.00 33.72  ? 351 HOH A O     1 
HETATM 803 O O     . HOH E 4 .  ? 17.389  -8.235  4.723   1.00 44.21  ? 352 HOH A O     1 
HETATM 804 O O     . HOH E 4 .  ? 2.758   16.372  10.320  1.00 53.09  ? 353 HOH A O     1 
HETATM 805 O O     . HOH E 4 .  ? 1.711   10.629  13.856  1.00 55.72  ? 354 HOH A O     1 
HETATM 806 O O     . HOH E 4 .  ? 18.339  0.824   -3.988  1.00 59.77  ? 355 HOH A O     1 
HETATM 807 O O     . HOH E 4 .  ? 7.232   -4.261  -17.508 1.00 54.51  ? 356 HOH A O     1 
HETATM 808 O O     . HOH F 4 .  ? -8.121  -6.653  -5.994  1.00 39.18  ? 101 HOH B O     1 
HETATM 809 O O     . HOH F 4 .  ? -9.696  -1.167  11.421  1.00 36.32  ? 102 HOH B O     1 
HETATM 810 O O     . HOH F 4 .  ? -8.710  -8.933  12.876  1.00 31.71  ? 103 HOH B O     1 
HETATM 811 O O     . HOH F 4 .  ? -12.157 4.969   3.104   1.00 35.04  ? 104 HOH B O     1 
HETATM 812 O O     . HOH F 4 .  ? -8.553  -4.044  -6.554  1.00 55.62  ? 105 HOH B O     1 
HETATM 813 O O     . HOH F 4 .  ? -9.220  -11.613 13.430  1.00 46.71  ? 106 HOH B O     1 
# 
loop_
_atom_site_anisotrop.id 
_atom_site_anisotrop.type_symbol 
_atom_site_anisotrop.pdbx_label_atom_id 
_atom_site_anisotrop.pdbx_label_alt_id 
_atom_site_anisotrop.pdbx_label_comp_id 
_atom_site_anisotrop.pdbx_label_asym_id 
_atom_site_anisotrop.pdbx_label_seq_id 
_atom_site_anisotrop.pdbx_PDB_ins_code 
_atom_site_anisotrop.U[1][1] 
_atom_site_anisotrop.U[2][2] 
_atom_site_anisotrop.U[3][3] 
_atom_site_anisotrop.U[1][2] 
_atom_site_anisotrop.U[1][3] 
_atom_site_anisotrop.U[2][3] 
_atom_site_anisotrop.pdbx_auth_seq_id 
_atom_site_anisotrop.pdbx_auth_comp_id 
_atom_site_anisotrop.pdbx_auth_asym_id 
_atom_site_anisotrop.pdbx_auth_atom_id 
1   N N     . LYS A 5  ? 1.1032 0.8774 0.8196 -0.0364 -0.1180 0.0010  52  LYS A N     
2   C CA    . LYS A 5  ? 1.0717 0.8701 0.8193 -0.0324 -0.1104 0.0068  52  LYS A CA    
3   C C     . LYS A 5  ? 0.9765 0.7702 0.7068 -0.0288 -0.0951 0.0099  52  LYS A C     
4   O O     . LYS A 5  ? 1.1166 0.8923 0.8156 -0.0286 -0.0829 0.0058  52  LYS A O     
5   C CB    . LYS A 5  ? 1.1061 0.9169 0.8764 -0.0318 -0.1021 0.0036  52  LYS A CB    
6   C CG    . LYS A 5  ? 1.2033 0.9987 0.9493 -0.0301 -0.0851 -0.0040 52  LYS A CG    
7   C CD    . LYS A 5  ? 1.2322 1.0394 1.0014 -0.0290 -0.0790 -0.0068 52  LYS A CD    
8   C CE    . LYS A 5  ? 1.2791 1.0871 1.0642 -0.0340 -0.0931 -0.0096 52  LYS A CE    
9   N NZ    . LYS A 5  ? 1.2481 1.0659 1.0562 -0.0333 -0.0871 -0.0121 52  LYS A NZ    
10  N N     . LYS A 6  ? 0.6761 0.4865 0.4282 -0.0259 -0.0946 0.0170  53  LYS A N     
11  C CA    . LYS A 6  ? 0.4301 0.2374 0.1699 -0.0237 -0.0815 0.0211  53  LYS A CA    
12  C C     . LYS A 6  ? 0.4255 0.2529 0.1931 -0.0210 -0.0693 0.0237  53  LYS A C     
13  O O     . LYS A 6  ? 0.3981 0.2435 0.1970 -0.0194 -0.0753 0.0254  53  LYS A O     
14  C CB    . LYS A 6  ? 0.4752 0.2779 0.2089 -0.0228 -0.0929 0.0277  53  LYS A CB    
15  C CG    . LYS A 6  ? 0.6104 0.3920 0.3140 -0.0257 -0.1068 0.0263  53  LYS A CG    
16  C CD    . LYS A 6  ? 0.6745 0.4511 0.3705 -0.0239 -0.1167 0.0340  53  LYS A CD    
17  C CE    . LYS A 6  ? 0.7710 0.5237 0.4314 -0.0270 -0.1302 0.0332  53  LYS A CE    
18  N NZ    . LYS A 6  ? 0.8757 0.6328 0.5489 -0.0297 -0.1493 0.0300  53  LYS A NZ    
19  N N     . VAL A 7  ? 0.3960 0.2208 0.1530 -0.0207 -0.0522 0.0243  54  VAL A N     
20  C CA    . VAL A 7  ? 0.3680 0.2103 0.1495 -0.0191 -0.0414 0.0276  54  VAL A CA    
21  C C     . VAL A 7  ? 0.3288 0.1764 0.1215 -0.0174 -0.0466 0.0346  54  VAL A C     
22  O O     . VAL A 7  ? 0.3649 0.1991 0.1369 -0.0183 -0.0464 0.0380  54  VAL A O     
23  C CB    . VAL A 7  ? 0.3582 0.1984 0.1288 -0.0204 -0.0210 0.0264  54  VAL A CB    
24  C CG1   . VAL A 7  ? 0.3538 0.2126 0.1515 -0.0202 -0.0121 0.0303  54  VAL A CG1   
25  C CG2   . VAL A 7  ? 0.4173 0.2524 0.1778 -0.0200 -0.0137 0.0188  54  VAL A CG2   
26  N N     A ILE A 8  ? 0.2791 0.1438 0.1023 -0.0145 -0.0505 0.0365  55  ILE A N     
27  N N     C ILE A 8  ? 0.2791 0.1438 0.1022 -0.0145 -0.0502 0.0366  55  ILE A N     
28  C CA    A ILE A 8  ? 0.3302 0.1986 0.1644 -0.0113 -0.0540 0.0423  55  ILE A CA    
29  C CA    C ILE A 8  ? 0.3141 0.1815 0.1470 -0.0113 -0.0538 0.0425  55  ILE A CA    
30  C C     A ILE A 8  ? 0.3049 0.1781 0.1468 -0.0119 -0.0403 0.0442  55  ILE A C     
31  C C     C ILE A 8  ? 0.3058 0.1817 0.1532 -0.0110 -0.0417 0.0443  55  ILE A C     
32  O O     A ILE A 8  ? 0.3173 0.1829 0.1524 -0.0119 -0.0385 0.0487  55  ILE A O     
33  O O     C ILE A 8  ? 0.3017 0.1750 0.1518 -0.0091 -0.0421 0.0488  55  ILE A O     
34  C CB    A ILE A 8  ? 0.3544 0.2379 0.2171 -0.0067 -0.0644 0.0433  55  ILE A CB    
35  C CB    C ILE A 8  ? 0.2663 0.1451 0.1222 -0.0068 -0.0674 0.0439  55  ILE A CB    
36  C CG1   A ILE A 8  ? 0.3560 0.2373 0.2160 -0.0076 -0.0792 0.0416  55  ILE A CG1   
37  C CG1   C ILE A 8  ? 0.3370 0.2340 0.2205 -0.0057 -0.0646 0.0410  55  ILE A CG1   
38  C CG2   A ILE A 8  ? 0.3201 0.2041 0.1906 -0.0017 -0.0667 0.0490  55  ILE A CG2   
39  C CG2   C ILE A 8  ? 0.3240 0.1943 0.1673 -0.0082 -0.0823 0.0432  55  ILE A CG2   
40  C CD1   A ILE A 8  ? 0.4231 0.2870 0.2571 -0.0084 -0.0883 0.0442  55  ILE A CD1   
41  C CD1   C ILE A 8  ? 0.4078 0.3187 0.3174 -0.0014 -0.0746 0.0429  55  ILE A CD1   
42  N N     . ALA A 9  ? 0.2667 0.1515 0.1229 -0.0130 -0.0318 0.0411  56  ALA A N     
43  C CA    . ALA A 9  ? 0.2386 0.1304 0.1068 -0.0145 -0.0211 0.0426  56  ALA A CA    
44  C C     . ALA A 9  ? 0.2270 0.1262 0.0987 -0.0176 -0.0103 0.0394  56  ALA A C     
45  O O     . ALA A 9  ? 0.2406 0.1420 0.1123 -0.0167 -0.0120 0.0359  56  ALA A O     
46  C CB    . ALA A 9  ? 0.2733 0.1759 0.1655 -0.0102 -0.0247 0.0433  56  ALA A CB    
47  N N     . THR A 10 ? 0.2457 0.1482 0.1208 -0.0216 0.0006  0.0411  57  THR A N     
48  C CA    A THR A 10 ? 0.2458 0.1588 0.1297 -0.0240 0.0113  0.0391  57  THR A CA    
49  C CA    B THR A 10 ? 0.2508 0.1636 0.1344 -0.0241 0.0116  0.0391  57  THR A CA    
50  C C     . THR A 10 ? 0.2171 0.1425 0.1235 -0.0263 0.0145  0.0405  57  THR A C     
51  O O     . THR A 10 ? 0.2102 0.1317 0.1193 -0.0272 0.0115  0.0429  57  THR A O     
52  C CB    A THR A 10 ? 0.2867 0.1948 0.1541 -0.0277 0.0239  0.0390  57  THR A CB    
53  C CB    B THR A 10 ? 0.3117 0.2196 0.1790 -0.0281 0.0243  0.0395  57  THR A CB    
54  O OG1   A THR A 10 ? 0.2619 0.1829 0.1417 -0.0282 0.0350  0.0364  57  THR A OG1   
55  O OG1   B THR A 10 ? 0.3281 0.2324 0.1932 -0.0325 0.0278  0.0444  57  THR A OG1   
56  C CG2   A THR A 10 ? 0.3202 0.2261 0.1862 -0.0328 0.0296  0.0441  57  THR A CG2   
57  C CG2   B THR A 10 ? 0.3299 0.2216 0.1696 -0.0260 0.0214  0.0369  57  THR A CG2   
58  N N     . LYS A 11 ? 0.2025 0.1406 0.1233 -0.0272 0.0198  0.0388  58  LYS A N     
59  C CA    . LYS A 11 ? 0.1977 0.1477 0.1395 -0.0303 0.0214  0.0396  58  LYS A CA    
60  C C     . LYS A 11 ? 0.1825 0.1290 0.1298 -0.0272 0.0118  0.0388  58  LYS A C     
61  O O     . LYS A 11 ? 0.2233 0.1682 0.1756 -0.0304 0.0115  0.0394  58  LYS A O     
62  C CB    . LYS A 11 ? 0.2874 0.2401 0.2321 -0.0374 0.0297  0.0428  58  LYS A CB    
63  C CG    . LYS A 11 ? 0.3837 0.3428 0.3250 -0.0400 0.0428  0.0435  58  LYS A CG    
64  C CD    . LYS A 11 ? 0.7066 0.6707 0.6478 -0.0349 0.0471  0.0389  58  LYS A CD    
65  C CE    . LYS A 11 ? 0.8002 0.7852 0.7628 -0.0358 0.0601  0.0376  58  LYS A CE    
66  N NZ    . LYS A 11 ? 0.7947 0.7768 0.7496 -0.0278 0.0683  0.0322  58  LYS A NZ    
67  N N     . VAL A 12 ? 0.1403 0.0851 0.0865 -0.0211 0.0047  0.0371  59  VAL A N     
68  C CA    . VAL A 12 ? 0.1334 0.0781 0.0871 -0.0166 -0.0014 0.0358  59  VAL A CA    
69  C C     . VAL A 12 ? 0.1345 0.0887 0.1014 -0.0165 -0.0011 0.0336  59  VAL A C     
70  O O     . VAL A 12 ? 0.1527 0.1140 0.1245 -0.0164 -0.0002 0.0331  59  VAL A O     
71  C CB    . VAL A 12 ? 0.1387 0.0816 0.0904 -0.0108 -0.0082 0.0355  59  VAL A CB    
72  C CG1   . VAL A 12 ? 0.1647 0.1093 0.1259 -0.0057 -0.0112 0.0350  59  VAL A CG1   
73  C CG2   . VAL A 12 ? 0.1894 0.1213 0.1253 -0.0112 -0.0108 0.0379  59  VAL A CG2   
74  N N     . LEU A 13 ? 0.1399 0.0920 0.1096 -0.0168 -0.0024 0.0326  60  LEU A N     
75  C CA    . LEU A 13 ? 0.1307 0.0891 0.1084 -0.0166 -0.0039 0.0309  60  LEU A CA    
76  C C     . LEU A 13 ? 0.1162 0.0735 0.0952 -0.0095 -0.0057 0.0300  60  LEU A C     
77  O O     . LEU A 13 ? 0.1194 0.0699 0.0952 -0.0057 -0.0063 0.0308  60  LEU A O     
78  C CB    . LEU A 13 ? 0.1369 0.0908 0.1129 -0.0228 -0.0050 0.0306  60  LEU A CB    
79  C CG    . LEU A 13 ? 0.1786 0.1386 0.1597 -0.0316 -0.0026 0.0321  60  LEU A CG    
80  C CD1   . LEU A 13 ? 0.2973 0.2491 0.2752 -0.0390 -0.0051 0.0314  60  LEU A CD1   
81  C CD2   . LEU A 13 ? 0.1934 0.1704 0.1891 -0.0333 -0.0031 0.0333  60  LEU A CD2   
82  N N     . GLY A 14 ? 0.0882 0.0531 0.0737 -0.0079 -0.0062 0.0293  61  GLY A N     
83  C CA    . GLY A 14 ? 0.0816 0.0466 0.0696 -0.0024 -0.0060 0.0291  61  GLY A CA    
84  C C     . GLY A 14 ? 0.1022 0.0716 0.0929 -0.0025 -0.0055 0.0291  61  GLY A C     
85  O O     . GLY A 14 ? 0.1169 0.0911 0.1096 -0.0058 -0.0071 0.0295  61  GLY A O     
86  N N     . THR A 15 ? 0.0957 0.0634 0.0871 0.0014  -0.0035 0.0302  62  THR A N     
87  C CA    A THR A 15 ? 0.0913 0.0605 0.0816 0.0017  -0.0017 0.0315  62  THR A CA    
88  C CA    B THR A 15 ? 0.0967 0.0663 0.0872 0.0016  -0.0017 0.0315  62  THR A CA    
89  C C     . THR A 15 ? 0.0984 0.0772 0.1010 0.0033  0.0001  0.0328  62  THR A C     
90  O O     . THR A 15 ? 0.1096 0.0918 0.1216 0.0060  0.0018  0.0347  62  THR A O     
91  C CB    A THR A 15 ? 0.1511 0.1086 0.1298 0.0047  0.0027  0.0331  62  THR A CB    
92  C CB    B THR A 15 ? 0.1490 0.1068 0.1273 0.0041  0.0023  0.0331  62  THR A CB    
93  O OG1   A THR A 15 ? 0.2319 0.1772 0.1980 0.0019  -0.0002 0.0301  62  THR A OG1   
94  O OG1   B THR A 15 ? 0.1571 0.1137 0.1409 0.0105  0.0081  0.0339  62  THR A OG1   
95  C CG2   A THR A 15 ? 0.1852 0.1413 0.1549 0.0042  0.0045  0.0343  62  THR A CG2   
96  C CG2   B THR A 15 ? 0.1871 0.1330 0.1510 0.0002  -0.0015 0.0299  62  THR A CG2   
97  N N     . VAL A 16 ? 0.0715 0.0539 0.0755 0.0017  -0.0007 0.0329  63  VAL A N     
98  C CA    . VAL A 16 ? 0.0611 0.0491 0.0754 0.0015  0.0007  0.0349  63  VAL A CA    
99  C C     . VAL A 16 ? 0.0815 0.0694 0.0979 0.0034  0.0077  0.0393  63  VAL A C     
100 O O     . VAL A 16 ? 0.1194 0.1004 0.1228 0.0040  0.0110  0.0404  63  VAL A O     
101 C CB    . VAL A 16 ? 0.0699 0.0573 0.0828 0.0004  -0.0013 0.0346  63  VAL A CB    
102 C CG1   . VAL A 16 ? 0.0995 0.0884 0.1210 -0.0010 -0.0001 0.0372  63  VAL A CG1   
103 C CG2   . VAL A 16 ? 0.0718 0.0607 0.0863 -0.0001 -0.0051 0.0321  63  VAL A CG2   
104 N N     . LYS A 17 ? 0.0951 0.0903 0.1279 0.0044  0.0104  0.0429  64  LYS A N     
105 C CA    . LYS A 17 ? 0.0991 0.0973 0.1396 0.0067  0.0209  0.0486  64  LYS A CA    
106 C C     . LYS A 17 ? 0.1514 0.1503 0.1920 0.0027  0.0231  0.0503  64  LYS A C     
107 O O     . LYS A 17 ? 0.1465 0.1394 0.1744 0.0032  0.0302  0.0517  64  LYS A O     
108 C CB    . LYS A 17 ? 0.1152 0.1258 0.1802 0.0088  0.0216  0.0514  64  LYS A CB    
109 C CG    . LYS A 17 ? 0.3234 0.3320 0.3868 0.0164  0.0239  0.0490  64  LYS A CG    
110 C CD    . LYS A 17 ? 0.4516 0.4760 0.5435 0.0198  0.0225  0.0518  64  LYS A CD    
111 C CE    . LYS A 17 ? 0.5173 0.5583 0.6342 0.0178  0.0312  0.0570  64  LYS A CE    
112 N NZ    . LYS A 17 ? 0.6899 0.7255 0.7941 0.0175  0.0463  0.0587  64  LYS A NZ    
113 N N     . TRP A 18 ? 0.0865 0.0898 0.1388 -0.0016 0.0165  0.0501  65  TRP A N     
114 C CA    . TRP A 18 ? 0.1036 0.1031 0.1544 -0.0057 0.0168  0.0513  65  TRP A CA    
115 C C     . TRP A 18 ? 0.0838 0.0810 0.1381 -0.0089 0.0075  0.0485  65  TRP A C     
116 O O     . TRP A 18 ? 0.0784 0.0796 0.1409 -0.0094 0.0015  0.0469  65  TRP A O     
117 C CB    . TRP A 18 ? 0.1450 0.1521 0.2109 -0.0082 0.0251  0.0566  65  TRP A CB    
118 C CG    . TRP A 18 ? 0.1609 0.1820 0.2537 -0.0101 0.0223  0.0584  65  TRP A CG    
119 C CD1   . TRP A 18 ? 0.2259 0.2587 0.3347 -0.0057 0.0258  0.0602  65  TRP A CD1   
120 C CD2   . TRP A 18 ? 0.1223 0.1460 0.2286 -0.0167 0.0141  0.0584  65  TRP A CD2   
121 N NE1   . TRP A 18 ? 0.2292 0.2733 0.3609 -0.0093 0.0182  0.0611  65  TRP A NE1   
122 C CE2   . TRP A 18 ? 0.2254 0.2635 0.3551 -0.0168 0.0109  0.0599  65  TRP A CE2   
123 C CE3   . TRP A 18 ? 0.0987 0.1122 0.1983 -0.0225 0.0088  0.0567  65  TRP A CE3   
124 C CZ2   . TRP A 18 ? 0.1832 0.2257 0.3277 -0.0234 0.0009  0.0596  65  TRP A CZ2   
125 C CZ3   . TRP A 18 ? 0.1434 0.1595 0.2573 -0.0290 0.0008  0.0564  65  TRP A CZ3   
126 C CH2   . TRP A 18 ? 0.1748 0.2057 0.3104 -0.0300 -0.0039 0.0576  65  TRP A CH2   
127 N N     . PHE A 19 ? 0.0828 0.0705 0.1281 -0.0106 0.0066  0.0482  66  PHE A N     
128 C CA    . PHE A 19 ? 0.0895 0.0711 0.1362 -0.0130 0.0000  0.0457  66  PHE A CA    
129 C C     . PHE A 19 ? 0.1034 0.0753 0.1478 -0.0168 0.0020  0.0486  66  PHE A C     
130 O O     . PHE A 19 ? 0.1154 0.0793 0.1472 -0.0149 0.0050  0.0508  66  PHE A O     
131 C CB    . PHE A 19 ? 0.0802 0.0564 0.1155 -0.0085 -0.0035 0.0413  66  PHE A CB    
132 C CG    . PHE A 19 ? 0.0855 0.0531 0.1211 -0.0097 -0.0083 0.0384  66  PHE A CG    
133 C CD1   . PHE A 19 ? 0.0974 0.0659 0.1370 -0.0117 -0.0131 0.0356  66  PHE A CD1   
134 C CD2   . PHE A 19 ? 0.1094 0.0644 0.1386 -0.0084 -0.0083 0.0386  66  PHE A CD2   
135 C CE1   . PHE A 19 ? 0.1215 0.0770 0.1565 -0.0130 -0.0175 0.0321  66  PHE A CE1   
136 C CE2   . PHE A 19 ? 0.1425 0.0852 0.1698 -0.0087 -0.0117 0.0353  66  PHE A CE2   
137 C CZ    . PHE A 19 ? 0.1326 0.0749 0.1618 -0.0113 -0.0160 0.0314  66  PHE A CZ    
138 N N     . ASN A 20 ? 0.1048 0.0757 0.1604 -0.0230 -0.0010 0.0490  67  ASN A N     
139 C CA    . ASN A 20 ? 0.1231 0.0834 0.1772 -0.0283 0.0013  0.0521  67  ASN A CA    
140 C C     . ASN A 20 ? 0.1344 0.0774 0.1799 -0.0283 -0.0042 0.0485  67  ASN A C     
141 O O     . ASN A 20 ? 0.1344 0.0753 0.1844 -0.0308 -0.0107 0.0442  67  ASN A O     
142 C CB    . ASN A 20 ? 0.1270 0.0972 0.2005 -0.0364 0.0022  0.0551  67  ASN A CB    
143 C CG    . ASN A 20 ? 0.1589 0.1182 0.2307 -0.0437 0.0063  0.0590  67  ASN A CG    
144 O OD1   . ASN A 20 ? 0.1737 0.1165 0.2385 -0.0466 0.0019  0.0570  67  ASN A OD1   
145 N ND2   . ASN A 20 ? 0.2316 0.1983 0.3088 -0.0469 0.0157  0.0647  67  ASN A ND2   
146 N N     . VAL A 21 ? 0.1480 0.0763 0.1794 -0.0250 -0.0018 0.0504  68  VAL A N     
147 C CA    . VAL A 21 ? 0.1611 0.0716 0.1841 -0.0218 -0.0054 0.0472  68  VAL A CA    
148 C C     . VAL A 21 ? 0.1828 0.0784 0.2079 -0.0299 -0.0064 0.0474  68  VAL A C     
149 O O     . VAL A 21 ? 0.2006 0.0792 0.2198 -0.0283 -0.0093 0.0432  68  VAL A O     
150 C CB    . VAL A 21 ? 0.1763 0.0769 0.1854 -0.0133 -0.0037 0.0499  68  VAL A CB    
151 C CG1   . VAL A 21 ? 0.1921 0.1073 0.1999 -0.0066 -0.0044 0.0486  68  VAL A CG1   
152 C CG2   . VAL A 21 ? 0.2228 0.1134 0.2235 -0.0167 0.0007  0.0570  68  VAL A CG2   
153 N N     . ARG A 22 ? 0.1882 0.0891 0.2218 -0.0387 -0.0033 0.0519  69  ARG A N     
154 C CA    . ARG A 22 ? 0.2106 0.0988 0.2485 -0.0487 -0.0045 0.0521  69  ARG A CA    
155 C C     . ARG A 22 ? 0.2139 0.1083 0.2635 -0.0542 -0.0134 0.0459  69  ARG A C     
156 O O     . ARG A 22 ? 0.2345 0.1114 0.2790 -0.0574 -0.0186 0.0411  69  ARG A O     
157 C CB    . ARG A 22 ? 0.2206 0.1140 0.2653 -0.0573 0.0027  0.0596  69  ARG A CB    
158 C CG    . ARG A 22 ? 0.2432 0.1278 0.2970 -0.0698 0.0014  0.0602  69  ARG A CG    
159 C CD    . ARG A 22 ? 0.2858 0.1714 0.3422 -0.0780 0.0112  0.0686  69  ARG A CD    
160 N NE    . ARG A 22 ? 0.4982 0.3725 0.5629 -0.0912 0.0103  0.0692  69  ARG A NE    
161 C CZ    . ARG A 22 ? 0.6383 0.5084 0.7052 -0.1015 0.0190  0.0764  69  ARG A CZ    
162 N NH1   . ARG A 22 ? 0.7333 0.6084 0.7918 -0.0998 0.0291  0.0836  69  ARG A NH1   
163 N NH2   . ARG A 22 ? 0.6332 0.4926 0.7088 -0.1143 0.0174  0.0763  69  ARG A NH2   
164 N N     . ASN A 23 ? 0.1846 0.1018 0.2474 -0.0543 -0.0156 0.0458  70  ASN A N     
165 C CA    . ASN A 23 ? 0.2399 0.1639 0.3127 -0.0594 -0.0259 0.0411  70  ASN A CA    
166 C C     . ASN A 23 ? 0.2085 0.1287 0.2696 -0.0522 -0.0317 0.0346  70  ASN A C     
167 O O     . ASN A 23 ? 0.1958 0.1134 0.2560 -0.0559 -0.0416 0.0295  70  ASN A O     
168 C CB    . ASN A 23 ? 0.2846 0.2347 0.3803 -0.0630 -0.0256 0.0456  70  ASN A CB    
169 C CG    . ASN A 23 ? 0.4067 0.3616 0.5161 -0.0719 -0.0192 0.0516  70  ASN A CG    
170 O OD1   . ASN A 23 ? 0.5345 0.4759 0.6438 -0.0809 -0.0221 0.0508  70  ASN A OD1   
171 N ND2   . ASN A 23 ? 0.4354 0.4078 0.5556 -0.0697 -0.0096 0.0574  70  ASN A ND2   
172 N N     . GLY A 24 ? 0.1618 0.0814 0.2128 -0.0424 -0.0259 0.0350  71  GLY A N     
173 C CA    . GLY A 24 ? 0.1572 0.0710 0.1962 -0.0355 -0.0287 0.0291  71  GLY A CA    
174 C C     . GLY A 24 ? 0.1692 0.0986 0.2131 -0.0344 -0.0327 0.0285  71  GLY A C     
175 O O     . GLY A 24 ? 0.1573 0.0784 0.1898 -0.0323 -0.0373 0.0230  71  GLY A O     
176 N N     . TYR A 25 ? 0.1238 0.0731 0.1829 -0.0352 -0.0302 0.0341  72  TYR A N     
177 C CA    . TYR A 25 ? 0.1089 0.0711 0.1725 -0.0325 -0.0331 0.0345  72  TYR A CA    
178 C C     . TYR A 25 ? 0.1000 0.0790 0.1738 -0.0285 -0.0247 0.0401  72  TYR A C     
179 O O     . TYR A 25 ? 0.0973 0.0784 0.1740 -0.0288 -0.0172 0.0437  72  TYR A O     
180 C CB    . TYR A 25 ? 0.1245 0.0905 0.1971 -0.0391 -0.0447 0.0334  72  TYR A CB    
181 C CG    . TYR A 25 ? 0.1162 0.0989 0.2125 -0.0437 -0.0442 0.0390  72  TYR A CG    
182 C CD1   . TYR A 25 ? 0.1816 0.1834 0.2944 -0.0401 -0.0413 0.0438  72  TYR A CD1   
183 C CD2   . TYR A 25 ? 0.2310 0.2093 0.3334 -0.0515 -0.0456 0.0392  72  TYR A CD2   
184 C CE1   . TYR A 25 ? 0.2223 0.2396 0.3578 -0.0430 -0.0387 0.0486  72  TYR A CE1   
185 C CE2   . TYR A 25 ? 0.2618 0.2564 0.3875 -0.0564 -0.0438 0.0444  72  TYR A CE2   
186 C CZ    . TYR A 25 ? 0.3068 0.3217 0.4494 -0.0516 -0.0399 0.0490  72  TYR A CZ    
187 O OH    . TYR A 25 ? 0.3992 0.4313 0.5666 -0.0554 -0.0363 0.0538  72  TYR A OH    
188 N N     . GLY A 26 ? 0.0815 0.0690 0.1572 -0.0248 -0.0257 0.0406  73  GLY A N     
189 C CA    . GLY A 26 ? 0.0708 0.0706 0.1536 -0.0204 -0.0177 0.0449  73  GLY A CA    
190 C C     . GLY A 26 ? 0.0694 0.0747 0.1561 -0.0180 -0.0219 0.0456  73  GLY A C     
191 O O     . GLY A 26 ? 0.0702 0.0730 0.1570 -0.0210 -0.0324 0.0435  73  GLY A O     
192 N N     . PHE A 27 ? 0.0570 0.0672 0.1423 -0.0124 -0.0143 0.0477  74  PHE A N     
193 C CA    . PHE A 27 ? 0.0843 0.0974 0.1678 -0.0072 -0.0171 0.0468  74  PHE A CA    
194 C C     . PHE A 27 ? 0.0902 0.0971 0.1548 -0.0025 -0.0108 0.0436  74  PHE A C     
195 O O     . PHE A 27 ? 0.0617 0.0671 0.1204 -0.0013 -0.0033 0.0437  74  PHE A O     
196 C CB    . PHE A 27 ? 0.0658 0.0940 0.1722 -0.0044 -0.0148 0.0509  74  PHE A CB    
197 C CG    . PHE A 27 ? 0.0799 0.1165 0.2049 -0.0097 -0.0244 0.0521  74  PHE A CG    
198 C CD1   . PHE A 27 ? 0.1212 0.1558 0.2425 -0.0090 -0.0354 0.0497  74  PHE A CD1   
199 C CD2   . PHE A 27 ? 0.1348 0.1750 0.2711 -0.0157 -0.0219 0.0539  74  PHE A CD2   
200 C CE1   . PHE A 27 ? 0.1344 0.1731 0.2674 -0.0143 -0.0453 0.0500  74  PHE A CE1   
201 C CE2   . PHE A 27 ? 0.1559 0.2007 0.3044 -0.0210 -0.0312 0.0538  74  PHE A CE2   
202 C CZ    . PHE A 27 ? 0.1468 0.1914 0.2946 -0.0203 -0.0434 0.0519  74  PHE A CZ    
203 N N     . ILE A 28 ? 0.0769 0.0790 0.1296 -0.0007 -0.0145 0.0396  75  ILE A N     
204 C CA    . ILE A 28 ? 0.0576 0.0534 0.0942 0.0017  -0.0104 0.0360  75  ILE A CA    
205 C C     . ILE A 28 ? 0.0950 0.0895 0.1324 0.0061  -0.0105 0.0370  75  ILE A C     
206 O O     . ILE A 28 ? 0.1278 0.1235 0.1696 0.0067  -0.0167 0.0378  75  ILE A O     
207 C CB    . ILE A 28 ? 0.0799 0.0693 0.1031 -0.0005 -0.0130 0.0321  75  ILE A CB    
208 C CG1   . ILE A 28 ? 0.0873 0.0764 0.1106 -0.0025 -0.0124 0.0312  75  ILE A CG1   
209 C CG2   . ILE A 28 ? 0.1308 0.1152 0.1427 0.0003  -0.0099 0.0302  75  ILE A CG2   
210 C CD1   . ILE A 28 ? 0.1070 0.0898 0.1216 -0.0036 -0.0144 0.0297  75  ILE A CD1   
211 N N     . ASN A 29 ? 0.0709 0.0606 0.1025 0.0097  -0.0047 0.0370  76  ASN A N     
212 C CA    . ASN A 29 ? 0.0876 0.0714 0.1172 0.0151  -0.0046 0.0373  76  ASN A CA    
213 C C     . ASN A 29 ? 0.0923 0.0626 0.1026 0.0129  -0.0073 0.0341  76  ASN A C     
214 O O     . ASN A 29 ? 0.1062 0.0701 0.1054 0.0097  -0.0052 0.0323  76  ASN A O     
215 C CB    . ASN A 29 ? 0.1093 0.0907 0.1416 0.0216  0.0051  0.0393  76  ASN A CB    
216 C CG    . ASN A 29 ? 0.1372 0.1127 0.1709 0.0296  0.0064  0.0390  76  ASN A CG    
217 O OD1   . ASN A 29 ? 0.1825 0.1412 0.1991 0.0312  0.0075  0.0363  76  ASN A OD1   
218 N ND2   . ASN A 29 ? 0.1597 0.1483 0.2144 0.0340  0.0050  0.0416  76  ASN A ND2   
219 N N     . ARG A 30 ? 0.0881 0.0542 0.0947 0.0142  -0.0122 0.0346  77  ARG A N     
220 C CA    . ARG A 30 ? 0.0970 0.0514 0.0876 0.0118  -0.0117 0.0338  77  ARG A CA    
221 C C     . ARG A 30 ? 0.1598 0.1021 0.1433 0.0141  -0.0072 0.0339  77  ARG A C     
222 O O     . ARG A 30 ? 0.1383 0.0737 0.1241 0.0190  -0.0108 0.0336  77  ARG A O     
223 C CB    . ARG A 30 ? 0.1191 0.0712 0.1075 0.0135  -0.0168 0.0363  77  ARG A CB    
224 C CG    . ARG A 30 ? 0.1492 0.1078 0.1388 0.0093  -0.0219 0.0361  77  ARG A CG    
225 C CD    . ARG A 30 ? 0.1438 0.0973 0.1275 0.0108  -0.0290 0.0388  77  ARG A CD    
226 N NE    . ARG A 30 ? 0.1540 0.0955 0.1233 0.0093  -0.0263 0.0403  77  ARG A NE    
227 C CZ    . ARG A 30 ? 0.2207 0.1541 0.1777 0.0079  -0.0312 0.0427  77  ARG A CZ    
228 N NH1   . ARG A 30 ? 0.2549 0.1902 0.2111 0.0082  -0.0400 0.0433  77  ARG A NH1   
229 N NH2   . ARG A 30 ? 0.2414 0.1633 0.1859 0.0054  -0.0282 0.0445  77  ARG A NH2   
230 N N     . ASN A 31 ? 0.1150 0.0550 0.0947 0.0071  -0.0060 0.0333  78  ASN A N     
231 C CA    . ASN A 31 ? 0.1639 0.0894 0.1348 0.0064  -0.0056 0.0314  78  ASN A CA    
232 C C     . ASN A 31 ? 0.2135 0.1266 0.1791 0.0085  -0.0070 0.0327  78  ASN A C     
233 O O     . ASN A 31 ? 0.2483 0.1461 0.2062 0.0118  -0.0058 0.0306  78  ASN A O     
234 C CB    . ASN A 31 ? 0.1786 0.1010 0.1406 -0.0022 -0.0057 0.0285  78  ASN A CB    
235 C CG    . ASN A 31 ? 0.1985 0.1295 0.1631 -0.0033 -0.0052 0.0278  78  ASN A CG    
236 O OD1   . ASN A 31 ? 0.2038 0.1397 0.1738 0.0023  -0.0031 0.0291  78  ASN A OD1   
237 N ND2   . ASN A 31 ? 0.2382 0.1710 0.2001 -0.0111 -0.0078 0.0268  78  ASN A ND2   
238 N N     . ASP A 32 ? 0.1381 0.0549 0.1043 0.0074  -0.0092 0.0356  79  ASP A N     
239 C CA    . ASP A 32 ? 0.1766 0.0804 0.1355 0.0087  -0.0113 0.0381  79  ASP A CA    
240 C C     . ASP A 32 ? 0.1893 0.0927 0.1571 0.0190  -0.0138 0.0419  79  ASP A C     
241 O O     . ASP A 32 ? 0.2740 0.1634 0.2373 0.0226  -0.0150 0.0435  79  ASP A O     
242 C CB    . ASP A 32 ? 0.1911 0.0953 0.1420 0.0025  -0.0125 0.0399  79  ASP A CB    
243 C CG    . ASP A 32 ? 0.2147 0.1309 0.1693 0.0040  -0.0148 0.0410  79  ASP A CG    
244 O OD1   . ASP A 32 ? 0.1738 0.1008 0.1387 0.0081  -0.0154 0.0401  79  ASP A OD1   
245 O OD2   . ASP A 32 ? 0.2995 0.2124 0.2443 0.0003  -0.0162 0.0427  79  ASP A OD2   
246 N N     . THR A 33 ? 0.1512 0.0691 0.1317 0.0241  -0.0143 0.0435  80  THR A N     
247 C CA    . THR A 33 ? 0.1595 0.0802 0.1499 0.0349  -0.0165 0.0472  80  THR A CA    
248 C C     . THR A 33 ? 0.1611 0.0816 0.1507 0.0430  -0.0183 0.0392  80  THR A C     
249 O O     . THR A 33 ? 0.1744 0.0984 0.1783 0.0522  -0.0228 0.0405  80  THR A O     
250 C CB    . THR A 33 ? 0.1611 0.0881 0.1478 0.0352  -0.0243 0.0490  80  THR A CB    
251 O OG1   . THR A 33 ? 0.1445 0.0838 0.1350 0.0302  -0.0259 0.0452  80  THR A OG1   
252 C CG2   . THR A 33 ? 0.1729 0.0893 0.1439 0.0277  -0.0275 0.0507  80  THR A CG2   
253 N N     . LYS A 34 ? 0.1445 0.0712 0.1414 0.0360  -0.0170 0.0370  81  LYS A N     
254 C CA    . LYS A 34 ? 0.1939 0.1348 0.2083 0.0414  -0.0088 0.0369  81  LYS A CA    
255 C C     . LYS A 34 ? 0.1900 0.1534 0.2264 0.0432  -0.0112 0.0397  81  LYS A C     
256 O O     . LYS A 34 ? 0.1622 0.1397 0.2187 0.0479  -0.0044 0.0410  81  LYS A O     
257 C CB    . LYS A 34 ? 0.1881 0.1202 0.2051 0.0512  -0.0011 0.0354  81  LYS A CB    
258 C CG    . LYS A 34 ? 0.2230 0.1322 0.2182 0.0482  0.0024  0.0320  81  LYS A CG    
259 C CD    . LYS A 34 ? 0.3319 0.2385 0.3127 0.0382  0.0048  0.0299  81  LYS A CD    
260 C CE    . LYS A 34 ? 0.4132 0.2966 0.3708 0.0341  0.0066  0.0254  81  LYS A CE    
261 N NZ    . LYS A 34 ? 0.2925 0.1746 0.2379 0.0226  0.0048  0.0234  81  LYS A NZ    
262 N N     . GLU A 35 ? 0.1220 0.0891 0.1551 0.0383  -0.0197 0.0411  82  GLU A N     
263 C CA    . GLU A 35 ? 0.1109 0.0977 0.1649 0.0362  -0.0249 0.0435  82  GLU A CA    
264 C C     . GLU A 35 ? 0.1114 0.1052 0.1670 0.0269  -0.0238 0.0425  82  GLU A C     
265 O O     . GLU A 35 ? 0.1073 0.0915 0.1448 0.0217  -0.0230 0.0401  82  GLU A O     
266 C CB    . GLU A 35 ? 0.1458 0.1308 0.1952 0.0360  -0.0361 0.0456  82  GLU A CB    
267 C CG    . GLU A 35 ? 0.1834 0.1653 0.2368 0.0464  -0.0393 0.0484  82  GLU A CG    
268 C CD    . GLU A 35 ? 0.3475 0.3499 0.4326 0.0523  -0.0396 0.0502  82  GLU A CD    
269 O OE1   . GLU A 35 ? 0.2956 0.3148 0.3988 0.0458  -0.0422 0.0509  82  GLU A OE1   
270 O OE2   . GLU A 35 ? 0.4811 0.4821 0.5734 0.0633  -0.0368 0.0508  82  GLU A OE2   
271 N N     . ASP A 36 ? 0.0881 0.0985 0.1662 0.0248  -0.0239 0.0446  83  ASP A N     
272 C CA    . ASP A 36 ? 0.0937 0.1080 0.1736 0.0165  -0.0239 0.0445  83  ASP A CA    
273 C C     . ASP A 36 ? 0.1187 0.1282 0.1892 0.0105  -0.0352 0.0430  83  ASP A C     
274 O O     . ASP A 36 ? 0.1148 0.1258 0.1885 0.0114  -0.0443 0.0441  83  ASP A O     
275 C CB    . ASP A 36 ? 0.1188 0.1496 0.2254 0.0152  -0.0199 0.0483  83  ASP A CB    
276 C CG    . ASP A 36 ? 0.2468 0.2809 0.3594 0.0205  -0.0053 0.0501  83  ASP A CG    
277 O OD1   . ASP A 36 ? 0.1868 0.2082 0.2805 0.0244  0.0003  0.0479  83  ASP A OD1   
278 O OD2   . ASP A 36 ? 0.2346 0.2826 0.3687 0.0202  0.0009  0.0536  83  ASP A OD2   
279 N N     . VAL A 37 ? 0.0777 0.0805 0.1354 0.0051  -0.0345 0.0407  84  VAL A N     
280 C CA    A VAL A 37 ? 0.1267 0.1224 0.1731 -0.0004 -0.0433 0.0389  84  VAL A CA    
281 C CA    B VAL A 37 ? 0.0829 0.0792 0.1308 -0.0004 -0.0439 0.0392  84  VAL A CA    
282 C C     . VAL A 37 ? 0.0841 0.0826 0.1397 -0.0059 -0.0445 0.0393  84  VAL A C     
283 O O     . VAL A 37 ? 0.0902 0.0894 0.1464 -0.0056 -0.0359 0.0395  84  VAL A O     
284 C CB    A VAL A 37 ? 0.1346 0.1166 0.1556 -0.0006 -0.0400 0.0359  84  VAL A CB    
285 C CB    B VAL A 37 ? 0.1540 0.1359 0.1753 -0.0008 -0.0426 0.0362  84  VAL A CB    
286 C CG1   A VAL A 37 ? 0.1786 0.1501 0.1839 -0.0050 -0.0479 0.0343  84  VAL A CG1   
287 C CG1   B VAL A 37 ? 0.1602 0.1365 0.1726 0.0034  -0.0441 0.0374  84  VAL A CG1   
288 C CG2   A VAL A 37 ? 0.1379 0.1148 0.1504 0.0042  -0.0380 0.0367  84  VAL A CG2   
289 C CG2   B VAL A 37 ? 0.1187 0.0988 0.1337 -0.0009 -0.0323 0.0343  84  VAL A CG2   
290 N N     . PHE A 38 ? 0.0862 0.0842 0.1466 -0.0111 -0.0555 0.0393  85  PHE A N     
291 C CA    . PHE A 38 ? 0.0862 0.0828 0.1526 -0.0174 -0.0588 0.0390  85  PHE A CA    
292 C C     . PHE A 38 ? 0.1080 0.0885 0.1496 -0.0175 -0.0528 0.0336  85  PHE A C     
293 O O     . PHE A 38 ? 0.1557 0.1254 0.1756 -0.0157 -0.0542 0.0310  85  PHE A O     
294 C CB    . PHE A 38 ? 0.1030 0.0969 0.1719 -0.0238 -0.0718 0.0373  85  PHE A CB    
295 C CG    . PHE A 38 ? 0.1115 0.0971 0.1795 -0.0317 -0.0748 0.0342  85  PHE A CG    
296 C CD1   . PHE A 38 ? 0.1488 0.1445 0.2386 -0.0348 -0.0698 0.0373  85  PHE A CD1   
297 C CD2   . PHE A 38 ? 0.1407 0.1050 0.1818 -0.0352 -0.0809 0.0273  85  PHE A CD2   
298 C CE1   . PHE A 38 ? 0.1510 0.1363 0.2368 -0.0413 -0.0716 0.0342  85  PHE A CE1   
299 C CE2   . PHE A 38 ? 0.1787 0.1308 0.2153 -0.0407 -0.0815 0.0232  85  PHE A CE2   
300 C CZ    . PHE A 38 ? 0.1648 0.1277 0.2241 -0.0438 -0.0774 0.0270  85  PHE A CZ    
301 N N     . VAL A 39 ? 0.0914 0.0700 0.1362 -0.0188 -0.0453 0.0329  86  VAL A N     
302 C CA    . VAL A 39 ? 0.0924 0.0572 0.1184 -0.0176 -0.0406 0.0280  86  VAL A CA    
303 C C     . VAL A 39 ? 0.1455 0.1011 0.1742 -0.0222 -0.0422 0.0260  86  VAL A C     
304 O O     . VAL A 39 ? 0.1305 0.0922 0.1752 -0.0244 -0.0392 0.0304  86  VAL A O     
305 C CB    . VAL A 39 ? 0.0973 0.0663 0.1215 -0.0119 -0.0297 0.0293  86  VAL A CB    
306 C CG1   . VAL A 39 ? 0.0951 0.0750 0.1341 -0.0113 -0.0241 0.0335  86  VAL A CG1   
307 C CG2   . VAL A 39 ? 0.1596 0.1187 0.1719 -0.0096 -0.0251 0.0251  86  VAL A CG2   
308 N N     . HIS A 40 ? 0.1241 0.0622 0.1345 -0.0236 -0.0461 0.0195  87  HIS A N     
309 C CA    . HIS A 40 ? 0.1372 0.0596 0.1451 -0.0273 -0.0476 0.0162  87  HIS A CA    
310 C C     . HIS A 40 ? 0.1390 0.0526 0.1373 -0.0193 -0.0370 0.0136  87  HIS A C     
311 O O     . HIS A 40 ? 0.1665 0.0833 0.1556 -0.0131 -0.0308 0.0118  87  HIS A O     
312 C CB    . HIS A 40 ? 0.1977 0.1021 0.1886 -0.0333 -0.0590 0.0092  87  HIS A CB    
313 C CG    . HIS A 40 ? 0.2420 0.1328 0.2309 -0.0368 -0.0600 0.0057  87  HIS A CG    
314 N ND1   . HIS A 40 ? 0.3383 0.2055 0.3056 -0.0330 -0.0556 -0.0020 87  HIS A ND1   
315 C CD2   . HIS A 40 ? 0.2325 0.1301 0.2385 -0.0432 -0.0628 0.0091  87  HIS A CD2   
316 C CE1   . HIS A 40 ? 0.3689 0.2274 0.3394 -0.0372 -0.0572 -0.0033 87  HIS A CE1   
317 N NE2   . HIS A 40 ? 0.2716 0.1480 0.2651 -0.0442 -0.0616 0.0036  87  HIS A NE2   
318 N N     . GLN A 41 ? 0.1467 0.0509 0.1486 -0.0193 -0.0346 0.0139  88  GLN A N     
319 C CA    . GLN A 41 ? 0.1552 0.0514 0.1523 -0.0103 -0.0263 0.0127  88  GLN A CA    
320 C C     . GLN A 41 ? 0.2091 0.0930 0.1871 -0.0039 -0.0220 0.0042  88  GLN A C     
321 O O     . GLN A 41 ? 0.2077 0.0985 0.1875 0.0050  -0.0133 0.0042  88  GLN A O     
322 C CB    . GLN A 41 ? 0.1687 0.0560 0.1692 -0.0109 -0.0244 0.0138  88  GLN A CB    
323 C CG    . GLN A 41 ? 0.2532 0.1223 0.2450 -0.0179 -0.0305 0.0079  88  GLN A CG    
324 C CD    . GLN A 41 ? 0.2635 0.1269 0.2622 -0.0214 -0.0291 0.0116  88  GLN A CD    
325 O OE1   . GLN A 41 ? 0.2629 0.1321 0.2679 -0.0169 -0.0228 0.0179  88  GLN A OE1   
326 N NE2   . GLN A 41 ? 0.2959 0.1470 0.2912 -0.0301 -0.0355 0.0079  88  GLN A NE2   
327 N N     . THR A 42 ? 0.2165 0.0833 0.1760 -0.0086 -0.0279 -0.0031 89  THR A N     
328 C CA    . THR A 42 ? 0.2556 0.1072 0.1916 -0.0024 -0.0213 -0.0119 89  THR A CA    
329 C C     . THR A 42 ? 0.2608 0.1284 0.1925 0.0009  -0.0145 -0.0107 89  THR A C     
330 O O     . THR A 42 ? 0.3030 0.1636 0.2197 0.0073  -0.0042 -0.0160 89  THR A O     
331 C CB    . THR A 42 ? 0.2492 0.0736 0.1591 -0.0093 -0.0305 -0.0207 89  THR A CB    
332 O OG1   . THR A 42 ? 0.3026 0.1357 0.2123 -0.0189 -0.0431 -0.0178 89  THR A OG1   
333 C CG2   . THR A 42 ? 0.3311 0.1441 0.2471 -0.0129 -0.0346 -0.0219 89  THR A CG2   
334 N N     . ALA A 43 ? 0.1962 0.0838 0.1410 -0.0033 -0.0189 -0.0035 90  ALA A N     
335 C CA    . ALA A 43 ? 0.1886 0.0884 0.1291 -0.0018 -0.0137 -0.0013 90  ALA A CA    
336 C C     . ALA A 43 ? 0.2235 0.1416 0.1815 0.0042  -0.0035 0.0028  90  ALA A C     
337 O O     . ALA A 43 ? 0.2203 0.1481 0.1771 0.0047  0.0022  0.0047  90  ALA A O     
338 C CB    . ALA A 43 ? 0.2409 0.1506 0.1866 -0.0081 -0.0240 0.0041  90  ALA A CB    
339 N N     . ILE A 44 ? 0.1580 0.0799 0.1324 0.0077  -0.0029 0.0051  91  ILE A N     
340 C CA    . ILE A 44 ? 0.1497 0.0888 0.1418 0.0128  0.0029  0.0096  91  ILE A CA    
341 C C     . ILE A 44 ? 0.2247 0.1628 0.2188 0.0219  0.0130  0.0058  91  ILE A C     
342 O O     . ILE A 44 ? 0.2427 0.1645 0.2313 0.0269  0.0147  0.0012  91  ILE A O     
343 C CB    . ILE A 44 ? 0.1457 0.0884 0.1519 0.0125  -0.0025 0.0154  91  ILE A CB    
344 C CG1   . ILE A 44 ? 0.1149 0.0608 0.1221 0.0045  -0.0095 0.0191  91  ILE A CG1   
345 C CG2   . ILE A 44 ? 0.1370 0.0952 0.1576 0.0171  -0.0001 0.0202  91  ILE A CG2   
346 C CD1   . ILE A 44 ? 0.1644 0.1094 0.1811 0.0028  -0.0125 0.0246  91  ILE A CD1   
347 N N     . LYS A 45 ? 0.1907 0.1461 0.1943 0.0240  0.0203  0.0076  92  LYS A N     
348 C CA    . LYS A 45 ? 0.2161 0.1756 0.2274 0.0333  0.0317  0.0044  92  LYS A CA    
349 C C     . LYS A 45 ? 0.2747 0.2407 0.3075 0.0415  0.0291  0.0079  92  LYS A C     
350 O O     . LYS A 45 ? 0.3234 0.2988 0.3671 0.0386  0.0201  0.0144  92  LYS A O     
351 C CB    . LYS A 45 ? 0.3128 0.2910 0.3315 0.0314  0.0409  0.0062  92  LYS A CB    
352 C CG    . LYS A 45 ? 0.4748 0.4405 0.4669 0.0259  0.0468  0.0024  92  LYS A CG    
353 C CD    . LYS A 45 ? 0.6353 0.6163 0.6333 0.0243  0.0599  0.0042  92  LYS A CD    
354 C CE    . LYS A 45 ? 0.6873 0.6826 0.7074 0.0346  0.0733  0.0025  92  LYS A CE    
355 N NZ    . LYS A 45 ? 0.6994 0.7151 0.7329 0.0309  0.0866  0.0058  92  LYS A NZ    
356 N N     . LYS A 46 ? 0.4817 0.4405 0.5182 0.0527  0.0368  0.0038  93  LYS A N     
357 C CA    . LYS A 46 ? 0.6279 0.5867 0.6815 0.0622  0.0326  0.0074  93  LYS A CA    
358 C C     . LYS A 46 ? 0.7103 0.6965 0.7903 0.0630  0.0268  0.0160  93  LYS A C     
359 O O     . LYS A 46 ? 0.6612 0.6707 0.7567 0.0622  0.0321  0.0171  93  LYS A O     
360 C CB    . LYS A 46 ? 0.6963 0.6458 0.7510 0.0750  0.0428  0.0009  93  LYS A CB    
361 C CG    . LYS A 46 ? 0.7738 0.7488 0.8479 0.0806  0.0544  0.0000  93  LYS A CG    
362 C CD    . LYS A 46 ? 0.8238 0.7919 0.9005 0.0925  0.0610  -0.0060 93  LYS A CD    
363 C CE    . LYS A 46 ? 0.8056 0.8035 0.9153 0.0994  0.0599  -0.0013 93  LYS A CE    
364 N NZ    . LYS A 46 ? 0.7945 0.8186 0.9191 0.0973  0.0723  -0.0014 93  LYS A NZ    
365 N N     . ASN A 47 ? 0.8200 0.8026 0.8995 0.0611  0.0143  0.0212  94  ASN A N     
366 C CA    . ASN A 47 ? 0.9068 0.9088 0.9985 0.0582  0.0049  0.0275  94  ASN A CA    
367 C C     . ASN A 47 ? 0.9105 0.9269 1.0212 0.0676  0.0051  0.0276  94  ASN A C     
368 O O     . ASN A 47 ? 0.9304 0.9383 1.0427 0.0773  0.0110  0.0233  94  ASN A O     
369 C CB    . ASN A 47 ? 1.0117 1.0004 1.0882 0.0531  -0.0056 0.0318  94  ASN A CB    
370 C CG    . ASN A 47 ? 1.1253 1.1267 1.2064 0.0514  -0.0149 0.0371  94  ASN A CG    
371 O OD1   . ASN A 47 ? 1.1893 1.2004 1.2832 0.0586  -0.0181 0.0384  94  ASN A OD1   
372 N ND2   . ASN A 47 ? 1.1493 1.1497 1.2188 0.0424  -0.0192 0.0397  94  ASN A ND2   
373 N N     . LYS A 51 ? 0.7711 0.6054 0.7628 0.0644  -0.0107 0.0511  98  LYS A N     
374 C CA    . LYS A 51 ? 0.7162 0.5717 0.7162 0.0671  -0.0167 0.0448  98  LYS A CA    
375 C C     . LYS A 51 ? 0.5780 0.4354 0.5775 0.0567  -0.0129 0.0389  98  LYS A C     
376 O O     . LYS A 51 ? 0.3515 0.1964 0.3481 0.0574  -0.0097 0.0318  98  LYS A O     
377 C CB    . LYS A 51 ? 0.7357 0.5939 0.7480 0.0811  -0.0207 0.0387  98  LYS A CB    
378 C CG    . LYS A 51 ? 0.6821 0.5636 0.7146 0.0840  -0.0187 0.0322  98  LYS A CG    
379 C CD    . LYS A 51 ? 0.7083 0.6127 0.7446 0.0756  -0.0186 0.0361  98  LYS A CD    
380 C CE    . LYS A 51 ? 0.7404 0.6670 0.7934 0.0752  -0.0130 0.0309  98  LYS A CE    
381 N NZ    . LYS A 51 ? 0.7027 0.6506 0.7599 0.0666  -0.0153 0.0351  98  LYS A NZ    
382 N N     . TYR A 52 ? 0.5350 0.4061 0.5355 0.0474  -0.0134 0.0418  99  TYR A N     
383 C CA    . TYR A 52 ? 0.3834 0.2590 0.3850 0.0379  -0.0108 0.0375  99  TYR A CA    
384 C C     . TYR A 52 ? 0.5256 0.4165 0.5377 0.0424  -0.0107 0.0319  99  TYR A C     
385 O O     . TYR A 52 ? 0.4669 0.3785 0.4867 0.0392  -0.0113 0.0333  99  TYR A O     
386 C CB    . TYR A 52 ? 0.3529 0.2402 0.3538 0.0271  -0.0113 0.0418  99  TYR A CB    
387 C CG    . TYR A 52 ? 0.4703 0.3435 0.4627 0.0223  -0.0098 0.0477  99  TYR A CG    
388 C CD1   . TYR A 52 ? 0.4957 0.3683 0.4812 0.0253  -0.0112 0.0545  99  TYR A CD1   
389 C CD2   . TYR A 52 ? 0.4425 0.3025 0.4339 0.0140  -0.0071 0.0468  99  TYR A CD2   
390 C CE1   . TYR A 52 ? 0.4992 0.3571 0.4755 0.0209  -0.0082 0.0606  99  TYR A CE1   
391 C CE2   . TYR A 52 ? 0.3518 0.1991 0.3375 0.0084  -0.0047 0.0528  99  TYR A CE2   
392 C CZ    . TYR A 52 ? 0.5023 0.3477 0.4796 0.0122  -0.0044 0.0599  99  TYR A CZ    
393 O OH    . TYR A 52 ? 0.4756 0.3077 0.4462 0.0066  -0.0006 0.0661  99  TYR A OH    
394 N N     . LEU A 53 ? 0.7106 0.5901 0.7233 0.0495  -0.0091 0.0250  100 LEU A N     
395 C CA    . LEU A 53 ? 0.7742 0.6694 0.8012 0.0558  -0.0045 0.0198  100 LEU A CA    
396 C C     . LEU A 53 ? 0.7745 0.6813 0.8018 0.0479  -0.0011 0.0187  100 LEU A C     
397 O O     . LEU A 53 ? 0.8363 0.7616 0.8743 0.0512  0.0044  0.0182  100 LEU A O     
398 C CB    . LEU A 53 ? 0.7604 0.6394 0.7872 0.0638  0.0008  0.0109  100 LEU A CB    
399 C CG    . LEU A 53 ? 0.7725 0.6647 0.8064 0.0719  0.0126  0.0051  100 LEU A CG    
400 C CD1   . LEU A 53 ? 0.7538 0.6750 0.8092 0.0784  0.0123  0.0108  100 LEU A CD1   
401 C CD2   . LEU A 53 ? 0.9040 0.7772 0.9316 0.0806  0.0198  -0.0041 100 LEU A CD2   
402 N N     . ARG A 54 ? 0.4050 0.3012 0.4210 0.0374  -0.0041 0.0190  101 ARG A N     
403 C CA    . ARG A 54 ? 0.4244 0.3316 0.4419 0.0299  -0.0036 0.0191  101 ARG A CA    
404 C C     . ARG A 54 ? 0.3380 0.2538 0.3548 0.0199  -0.0082 0.0249  101 ARG A C     
405 O O     . ARG A 54 ? 0.3089 0.2151 0.3208 0.0127  -0.0102 0.0249  101 ARG A O     
406 C CB    . ARG A 54 ? 0.2916 0.1837 0.2936 0.0260  -0.0022 0.0101  101 ARG A CB    
407 C CG    . ARG A 54 ? 0.3233 0.2096 0.3194 0.0361  0.0071  0.0024  101 ARG A CG    
408 C CD    . ARG A 54 ? 0.2989 0.1659 0.2710 0.0319  0.0082  -0.0073 101 ARG A CD    
409 N NE    . ARG A 54 ? 0.3008 0.1542 0.2626 0.0430  0.0193  -0.0156 101 ARG A NE    
410 C CZ    . ARG A 54 ? 0.5211 0.3836 0.4772 0.0467  0.0301  -0.0195 101 ARG A CZ    
411 N NH1   . ARG A 54 ? 0.4238 0.3065 0.3828 0.0397  0.0292  -0.0152 101 ARG A NH1   
412 N NH2   . ARG A 54 ? 0.4976 0.3475 0.4446 0.0577  0.0431  -0.0273 101 ARG A NH2   
413 N N     . SER A 55 ? 0.2314 0.1661 0.2541 0.0197  -0.0086 0.0289  102 SER A N     
414 C CA    . SER A 55 ? 0.1286 0.0715 0.1496 0.0125  -0.0099 0.0324  102 SER A CA    
415 C C     . SER A 55 ? 0.1279 0.0875 0.1526 0.0126  -0.0099 0.0336  102 SER A C     
416 O O     . SER A 55 ? 0.1440 0.1104 0.1749 0.0177  -0.0096 0.0335  102 SER A O     
417 C CB    . SER A 55 ? 0.1882 0.1241 0.2046 0.0126  -0.0104 0.0365  102 SER A CB    
418 O OG    . SER A 55 ? 0.2469 0.1863 0.2640 0.0196  -0.0123 0.0389  102 SER A OG    
419 N N     . VAL A 56 ? 0.1232 0.0891 0.1458 0.0073  -0.0094 0.0346  103 VAL A N     
420 C CA    . VAL A 56 ? 0.0984 0.0747 0.1201 0.0067  -0.0095 0.0353  103 VAL A CA    
421 C C     . VAL A 56 ? 0.1213 0.0951 0.1363 0.0050  -0.0085 0.0381  103 VAL A C     
422 O O     . VAL A 56 ? 0.1380 0.1056 0.1520 0.0029  -0.0068 0.0399  103 VAL A O     
423 C CB    . VAL A 56 ? 0.0958 0.0778 0.1185 0.0038  -0.0086 0.0331  103 VAL A CB    
424 C CG1   . VAL A 56 ? 0.0912 0.0735 0.1173 0.0058  -0.0085 0.0321  103 VAL A CG1   
425 C CG2   . VAL A 56 ? 0.1200 0.1000 0.1440 0.0002  -0.0081 0.0327  103 VAL A CG2   
426 N N     . GLY A 57 ? 0.1003 0.0770 0.1096 0.0055  -0.0096 0.0392  104 GLY A N     
427 C CA    . GLY A 57 ? 0.1032 0.0733 0.1010 0.0047  -0.0079 0.0425  104 GLY A CA    
428 C C     . GLY A 57 ? 0.0896 0.0613 0.0835 0.0024  -0.0040 0.0417  104 GLY A C     
429 O O     . GLY A 57 ? 0.1027 0.0796 0.0991 0.0022  -0.0049 0.0390  104 GLY A O     
430 N N     . ASP A 58 ? 0.1121 0.0785 0.0999 0.0005  0.0012  0.0448  105 ASP A N     
431 C CA    . ASP A 58 ? 0.1277 0.0963 0.1136 -0.0003 0.0067  0.0453  105 ASP A CA    
432 C C     . ASP A 58 ? 0.1199 0.0827 0.0905 0.0006  0.0039  0.0443  105 ASP A C     
433 O O     . ASP A 58 ? 0.1402 0.0938 0.0949 0.0006  -0.0004 0.0462  105 ASP A O     
434 C CB    . ASP A 58 ? 0.1274 0.0927 0.1093 -0.0021 0.0149  0.0503  105 ASP A CB    
435 C CG    . ASP A 58 ? 0.1681 0.1381 0.1659 -0.0048 0.0177  0.0525  105 ASP A CG    
436 O OD1   . ASP A 58 ? 0.1612 0.1339 0.1695 -0.0054 0.0122  0.0501  105 ASP A OD1   
437 O OD2   . ASP A 58 ? 0.2055 0.1756 0.2041 -0.0069 0.0259  0.0567  105 ASP A OD2   
438 N N     . GLY A 59 ? 0.1209 0.0869 0.0945 0.0013  0.0051  0.0419  106 GLY A N     
439 C CA    . GLY A 59 ? 0.1569 0.1161 0.1157 0.0012  0.0025  0.0416  106 GLY A CA    
440 C C     . GLY A 59 ? 0.1727 0.1356 0.1355 0.0012  -0.0048 0.0391  106 GLY A C     
441 O O     . GLY A 59 ? 0.1643 0.1218 0.1173 -0.0017 -0.0091 0.0372  106 GLY A O     
442 N N     . GLU A 60 ? 0.1160 0.0881 0.0936 0.0009  -0.0081 0.0380  107 GLU A N     
443 C CA    . GLU A 60 ? 0.1126 0.0928 0.0998 -0.0014 -0.0147 0.0371  107 GLU A CA    
444 C C     . GLU A 60 ? 0.1172 0.0991 0.1089 -0.0037 -0.0133 0.0348  107 GLU A C     
445 O O     . GLU A 60 ? 0.1257 0.1066 0.1198 -0.0020 -0.0083 0.0330  107 GLU A O     
446 C CB    . GLU A 60 ? 0.2030 0.1902 0.2034 0.0009  -0.0155 0.0376  107 GLU A CB    
447 C CG    . GLU A 60 ? 0.3128 0.3100 0.3265 0.0004  -0.0199 0.0386  107 GLU A CG    
448 C CD    . GLU A 60 ? 0.2614 0.2618 0.2856 0.0050  -0.0194 0.0393  107 GLU A CD    
449 O OE1   . GLU A 60 ? 0.2352 0.2285 0.2557 0.0068  -0.0161 0.0384  107 GLU A OE1   
450 O OE2   . GLU A 60 ? 0.3213 0.3316 0.3591 0.0068  -0.0222 0.0407  107 GLU A OE2   
451 N N     . THR A 61 ? 0.0814 0.0645 0.0736 -0.0084 -0.0189 0.0357  108 THR A N     
452 C CA    . THR A 61 ? 0.0739 0.0573 0.0695 -0.0115 -0.0165 0.0337  108 THR A CA    
453 C C     . THR A 61 ? 0.0943 0.0890 0.1043 -0.0112 -0.0148 0.0341  108 THR A C     
454 O O     . THR A 61 ? 0.1012 0.1062 0.1220 -0.0111 -0.0173 0.0350  108 THR A O     
455 C CB    . THR A 61 ? 0.1693 0.1475 0.1584 -0.0183 -0.0207 0.0317  108 THR A CB    
456 O OG1   . THR A 61 ? 0.1747 0.1368 0.1452 -0.0175 -0.0206 0.0297  108 THR A OG1   
457 C CG2   . THR A 61 ? 0.1783 0.1557 0.1707 -0.0225 -0.0176 0.0312  108 THR A CG2   
458 N N     . VAL A 62 ? 0.0933 0.0852 0.1027 -0.0102 -0.0106 0.0334  109 VAL A N     
459 C CA    . VAL A 62 ? 0.0903 0.0880 0.1064 -0.0096 -0.0072 0.0327  109 VAL A CA    
460 C C     . VAL A 62 ? 0.1097 0.1019 0.1186 -0.0132 -0.0040 0.0323  109 VAL A C     
461 O O     . VAL A 62 ? 0.1123 0.0953 0.1120 -0.0143 -0.0051 0.0321  109 VAL A O     
462 C CB    . VAL A 62 ? 0.0954 0.0905 0.1124 -0.0048 -0.0065 0.0323  109 VAL A CB    
463 C CG1   . VAL A 62 ? 0.1064 0.1046 0.1297 -0.0014 -0.0087 0.0339  109 VAL A CG1   
464 C CG2   . VAL A 62 ? 0.0922 0.0809 0.1024 -0.0042 -0.0072 0.0304  109 VAL A CG2   
465 N N     . GLU A 63 ? 0.0971 0.0937 0.1085 -0.0138 0.0012  0.0316  110 GLU A N     
466 C CA    . GLU A 63 ? 0.0971 0.0862 0.0971 -0.0175 0.0056  0.0322  110 GLU A CA    
467 C C     . GLU A 63 ? 0.1309 0.1140 0.1217 -0.0137 0.0078  0.0301  110 GLU A C     
468 O O     . GLU A 63 ? 0.1133 0.1011 0.1108 -0.0095 0.0098  0.0276  110 GLU A O     
469 C CB    . GLU A 63 ? 0.1510 0.1491 0.1589 -0.0235 0.0120  0.0334  110 GLU A CB    
470 C CG    . GLU A 63 ? 0.1776 0.1650 0.1704 -0.0290 0.0179  0.0356  110 GLU A CG    
471 C CD    . GLU A 63 ? 0.3897 0.3875 0.3937 -0.0374 0.0251  0.0380  110 GLU A CD    
472 O OE1   . GLU A 63 ? 0.3742 0.3869 0.3983 -0.0398 0.0218  0.0380  110 GLU A OE1   
473 O OE2   . GLU A 63 ? 0.3960 0.3869 0.3896 -0.0403 0.0331  0.0395  110 GLU A OE2   
474 N N     . PHE A 64 ? 0.1243 0.0945 0.0984 -0.0147 0.0060  0.0311  111 PHE A N     
475 C CA    . PHE A 64 ? 0.1230 0.0841 0.0843 -0.0121 0.0045  0.0286  111 PHE A CA    
476 C C     . PHE A 64 ? 0.1409 0.0869 0.0794 -0.0147 0.0029  0.0309  111 PHE A C     
477 O O     . PHE A 64 ? 0.1466 0.0910 0.0844 -0.0166 0.0020  0.0338  111 PHE A O     
478 C CB    . PHE A 64 ? 0.1160 0.0777 0.0848 -0.0089 -0.0042 0.0276  111 PHE A CB    
479 C CG    . PHE A 64 ? 0.1154 0.0776 0.0894 -0.0087 -0.0102 0.0312  111 PHE A CG    
480 C CD1   . PHE A 64 ? 0.1681 0.1255 0.1369 -0.0073 -0.0162 0.0312  111 PHE A CD1   
481 C CD2   . PHE A 64 ? 0.0921 0.0627 0.0779 -0.0078 -0.0082 0.0308  111 PHE A CD2   
482 C CE1   . PHE A 64 ? 0.1864 0.1483 0.1640 -0.0043 -0.0179 0.0315  111 PHE A CE1   
483 C CE2   . PHE A 64 ? 0.1385 0.1093 0.1269 -0.0054 -0.0097 0.0300  111 PHE A CE2   
484 C CZ    . PHE A 64 ? 0.1469 0.1139 0.1326 -0.0032 -0.0136 0.0307  111 PHE A CZ    
485 N N     . ASP A 65 ? 0.1606 0.0958 0.0814 -0.0138 0.0021  0.0281  112 ASP A N     
486 C CA    . ASP A 65 ? 0.1696 0.0891 0.0668 -0.0154 -0.0037 0.0302  112 ASP A CA    
487 C C     . ASP A 65 ? 0.2054 0.1247 0.1088 -0.0129 -0.0184 0.0298  112 ASP A C     
488 O O     . ASP A 65 ? 0.1941 0.1191 0.1102 -0.0116 -0.0224 0.0279  112 ASP A O     
489 C CB    . ASP A 65 ? 0.2248 0.1299 0.0941 -0.0164 0.0034  0.0269  112 ASP A CB    
490 C CG    . ASP A 65 ? 0.3430 0.2542 0.2137 -0.0181 0.0215  0.0268  112 ASP A CG    
491 O OD1   . ASP A 65 ? 0.3289 0.2516 0.2162 -0.0211 0.0251  0.0307  112 ASP A OD1   
492 O OD2   . ASP A 65 ? 0.3764 0.2845 0.2381 -0.0158 0.0315  0.0214  112 ASP A OD2   
493 N N     . VAL A 66 ? 0.1905 0.1063 0.0899 -0.0122 -0.0257 0.0314  113 VAL A N     
494 C CA    . VAL A 66 ? 0.1710 0.0891 0.0791 -0.0105 -0.0390 0.0314  113 VAL A CA    
495 C C     . VAL A 66 ? 0.2012 0.1037 0.0849 -0.0125 -0.0470 0.0299  113 VAL A C     
496 O O     . VAL A 66 ? 0.2214 0.1133 0.0861 -0.0132 -0.0440 0.0313  113 VAL A O     
497 C CB    . VAL A 66 ? 0.1983 0.1253 0.1236 -0.0066 -0.0418 0.0348  113 VAL A CB    
498 C CG1   . VAL A 66 ? 0.2464 0.1793 0.1852 -0.0049 -0.0542 0.0354  113 VAL A CG1   
499 C CG2   . VAL A 66 ? 0.2225 0.1610 0.1662 -0.0048 -0.0332 0.0349  113 VAL A CG2   
500 N N     . VAL A 67 ? 0.2075 0.1073 0.0909 -0.0142 -0.0571 0.0269  114 VAL A N     
501 C CA    . VAL A 67 ? 0.2545 0.1379 0.1144 -0.0169 -0.0665 0.0244  114 VAL A CA    
502 C C     . VAL A 67 ? 0.2609 0.1523 0.1398 -0.0175 -0.0827 0.0257  114 VAL A C     
503 O O     . VAL A 67 ? 0.2585 0.1662 0.1664 -0.0171 -0.0849 0.0268  114 VAL A O     
504 C CB    . VAL A 67 ? 0.3544 0.2214 0.1893 -0.0194 -0.0624 0.0174  114 VAL A CB    
505 C CG1   . VAL A 67 ? 0.3709 0.2354 0.1941 -0.0178 -0.0433 0.0165  114 VAL A CG1   
506 C CG2   . VAL A 67 ? 0.4196 0.2916 0.2701 -0.0212 -0.0693 0.0141  114 VAL A CG2   
507 N N     . GLU A 68 ? 0.3435 0.2247 0.2081 -0.0186 -0.0932 0.0266  115 GLU A N     
508 C CA    . GLU A 68 ? 0.4799 0.3720 0.3667 -0.0189 -0.1082 0.0292  115 GLU A CA    
509 C C     . GLU A 68 ? 0.6801 0.5577 0.5494 -0.0243 -0.1213 0.0257  115 GLU A C     
510 O O     . GLU A 68 ? 0.6918 0.5547 0.5372 -0.0248 -0.1284 0.0266  115 GLU A O     
511 C CB    . GLU A 68 ? 0.5795 0.4776 0.4736 -0.0137 -0.1117 0.0355  115 GLU A CB    
512 C CG    . GLU A 68 ? 0.7073 0.6204 0.6288 -0.0124 -0.1258 0.0390  115 GLU A CG    
513 C CD    . GLU A 68 ? 0.7026 0.6327 0.6499 -0.0044 -0.1218 0.0445  115 GLU A CD    
514 O OE1   . GLU A 68 ? 0.6675 0.5912 0.6032 -0.0002 -0.1126 0.0465  115 GLU A OE1   
515 O OE2   . GLU A 68 ? 0.7796 0.7288 0.7583 -0.0023 -0.1269 0.0467  115 GLU A OE2   
516 N N     . GLY A 69 ? 0.7759 0.6557 0.6552 -0.0288 -0.1245 0.0217  116 GLY A N     
517 C CA    . GLY A 69 ? 0.9438 0.8176 0.8212 -0.0344 -0.1402 0.0197  116 GLY A CA    
518 C C     . GLY A 69 ? 1.0076 0.9058 0.9236 -0.0333 -0.1499 0.0261  116 GLY A C     
519 O O     . GLY A 69 ? 0.9719 0.8882 0.9117 -0.0278 -0.1420 0.0304  116 GLY A O     
520 N N     . GLU A 70 ? 1.1188 1.0178 1.0412 -0.0381 -0.1662 0.0265  117 GLU A N     
521 C CA    . GLU A 70 ? 1.1319 1.0552 1.0910 -0.0362 -0.1754 0.0328  117 GLU A CA    
522 C C     . GLU A 70 ? 0.9453 0.8905 0.9438 -0.0402 -0.1748 0.0337  117 GLU A C     
523 O O     . GLU A 70 ? 0.9880 0.9514 1.0156 -0.0415 -0.1850 0.0377  117 GLU A O     
524 C CB    . GLU A 70 ? 1.2769 1.1918 1.2232 -0.0385 -0.1950 0.0344  117 GLU A CB    
525 C CG    . GLU A 70 ? 1.3404 1.2386 1.2545 -0.0329 -0.1953 0.0366  117 GLU A CG    
526 C CD    . GLU A 70 ? 1.3978 1.2677 1.2670 -0.0343 -0.1847 0.0310  117 GLU A CD    
527 O OE1   . GLU A 70 ? 1.4037 1.2594 1.2563 -0.0405 -0.1850 0.0245  117 GLU A OE1   
528 O OE2   . GLU A 70 ? 1.3861 1.2494 1.2395 -0.0289 -0.1742 0.0330  117 GLU A OE2   
529 N N     . LYS A 71 ? 0.7534 0.6973 0.7535 -0.0420 -0.1622 0.0305  118 LYS A N     
530 C CA    . LYS A 71 ? 0.4606 0.4275 0.4991 -0.0427 -0.1546 0.0334  118 LYS A CA    
531 C C     . LYS A 71 ? 0.4269 0.4080 0.4797 -0.0335 -0.1406 0.0374  118 LYS A C     
532 O O     . LYS A 71 ? 0.5139 0.5151 0.5979 -0.0318 -0.1324 0.0408  118 LYS A O     
533 C CB    . LYS A 71 ? 0.5415 0.4997 0.5752 -0.0487 -0.1483 0.0287  118 LYS A CB    
534 C CG    . LYS A 71 ? 0.6131 0.5830 0.6736 -0.0568 -0.1538 0.0297  118 LYS A CG    
535 C CD    . LYS A 71 ? 0.6943 0.6469 0.7399 -0.0636 -0.1513 0.0237  118 LYS A CD    
536 C CE    . LYS A 71 ? 0.8228 0.7448 0.8249 -0.0657 -0.1588 0.0160  118 LYS A CE    
537 N NZ    . LYS A 71 ? 0.8464 0.7502 0.8340 -0.0711 -0.1552 0.0092  118 LYS A NZ    
538 N N     . GLY A 72 ? 0.4009 0.3699 0.4285 -0.0279 -0.1371 0.0368  119 GLY A N     
539 C CA    . GLY A 72 ? 0.3912 0.3697 0.4272 -0.0194 -0.1248 0.0399  119 GLY A CA    
540 C C     . GLY A 72 ? 0.3048 0.2679 0.3131 -0.0176 -0.1136 0.0367  119 GLY A C     
541 O O     . GLY A 72 ? 0.3482 0.2922 0.3283 -0.0218 -0.1156 0.0323  119 GLY A O     
542 N N     . ALA A 73 ? 0.2781 0.2488 0.2937 -0.0112 -0.1014 0.0388  120 ALA A N     
543 C CA    . ALA A 73 ? 0.2468 0.2055 0.2395 -0.0097 -0.0906 0.0366  120 ALA A CA    
544 C C     . ALA A 73 ? 0.2901 0.2512 0.2879 -0.0125 -0.0826 0.0342  120 ALA A C     
545 O O     . ALA A 73 ? 0.2624 0.2386 0.2859 -0.0119 -0.0782 0.0361  120 ALA A O     
546 C CB    . ALA A 73 ? 0.2711 0.2338 0.2666 -0.0023 -0.0820 0.0397  120 ALA A CB    
547 N N     . GLU A 74 ? 0.2230 0.1685 0.1953 -0.0151 -0.0799 0.0305  121 GLU A N     
548 C CA    A GLU A 74 ? 0.2009 0.1461 0.1752 -0.0168 -0.0742 0.0286  121 GLU A CA    
549 C CA    B GLU A 74 ? 0.2007 0.1468 0.1762 -0.0166 -0.0737 0.0288  121 GLU A CA    
550 C C     . GLU A 74 ? 0.2318 0.1683 0.1868 -0.0142 -0.0619 0.0277  121 GLU A C     
551 O O     . GLU A 74 ? 0.2059 0.1312 0.1381 -0.0137 -0.0594 0.0268  121 GLU A O     
552 C CB    A GLU A 74 ? 0.2156 0.1491 0.1802 -0.0234 -0.0841 0.0238  121 GLU A CB    
553 C CB    B GLU A 74 ? 0.2303 0.1668 0.1997 -0.0231 -0.0834 0.0245  121 GLU A CB    
554 C CG    A GLU A 74 ? 0.2768 0.1889 0.2075 -0.0255 -0.0896 0.0191  121 GLU A CG    
555 C CG    B GLU A 74 ? 0.2263 0.1386 0.1577 -0.0253 -0.0858 0.0182  121 GLU A CG    
556 C CD    A GLU A 74 ? 0.3961 0.2935 0.3158 -0.0316 -0.0968 0.0124  121 GLU A CD    
557 C CD    B GLU A 74 ? 0.3595 0.2593 0.2850 -0.0315 -0.0920 0.0112  121 GLU A CD    
558 O OE1   A GLU A 74 ? 0.4620 0.3375 0.3486 -0.0318 -0.0928 0.0057  121 GLU A OE1   
559 O OE1   B GLU A 74 ? 0.4170 0.3212 0.3587 -0.0319 -0.0840 0.0096  121 GLU A OE1   
560 O OE2   A GLU A 74 ? 0.3847 0.2922 0.3288 -0.0358 -0.1041 0.0139  121 GLU A OE2   
561 O OE2   B GLU A 74 ? 0.4688 0.3549 0.3770 -0.0345 -0.1001 0.0083  121 GLU A OE2   
562 N N     . ALA A 75 ? 0.1976 0.1420 0.1656 -0.0129 -0.0507 0.0264  122 ALA A N     
563 C CA    . ALA A 75 ? 0.1298 0.0719 0.0885 -0.0109 -0.0376 0.0247  122 ALA A CA    
564 C C     . ALA A 75 ? 0.2176 0.1462 0.1570 -0.0117 -0.0336 0.0182  122 ALA A C     
565 O O     . ALA A 75 ? 0.2550 0.1763 0.1928 -0.0137 -0.0389 0.0141  122 ALA A O     
566 C CB    . ALA A 75 ? 0.1596 0.1148 0.1391 -0.0088 -0.0300 0.0261  122 ALA A CB    
567 N N     . ALA A 76 ? 0.1729 0.0976 0.0987 -0.0103 -0.0229 0.0172  123 ALA A N     
568 C CA    . ALA A 76 ? 0.1726 0.0863 0.0823 -0.0088 -0.0144 0.0109  123 ALA A CA    
569 C C     . ALA A 76 ? 0.1658 0.0909 0.0858 -0.0057 0.0003  0.0118  123 ALA A C     
570 O O     . ALA A 76 ? 0.1767 0.1120 0.1050 -0.0074 0.0026  0.0170  123 ALA A O     
571 C CB    . ALA A 76 ? 0.2732 0.1669 0.1482 -0.0110 -0.0167 0.0085  123 ALA A CB    
572 N N     . ASN A 77 ? 0.1696 0.0931 0.0906 -0.0014 0.0093  0.0067  124 ASN A N     
573 C CA    . ASN A 77 ? 0.1548 0.0922 0.0896 0.0020  0.0230  0.0076  124 ASN A CA    
574 C C     . ASN A 77 ? 0.1931 0.1498 0.1546 0.0011  0.0197  0.0133  124 ASN A C     
575 O O     . ASN A 77 ? 0.1585 0.1262 0.1272 -0.0017 0.0245  0.0171  124 ASN A O     
576 C CB    . ASN A 77 ? 0.2362 0.1702 0.1535 -0.0007 0.0335  0.0086  124 ASN A CB    
577 C CG    . ASN A 77 ? 0.3864 0.2978 0.2704 0.0005  0.0383  0.0023  124 ASN A CG    
578 O OD1   . ASN A 77 ? 0.3966 0.2988 0.2762 0.0060  0.0415  -0.0045 124 ASN A OD1   
579 N ND2   . ASN A 77 ? 0.4463 0.3447 0.3029 -0.0044 0.0383  0.0047  124 ASN A ND2   
580 N N     . VAL A 78 ? 0.1185 0.0774 0.0921 0.0025  0.0115  0.0141  125 VAL A N     
581 C CA    . VAL A 78 ? 0.1191 0.0921 0.1116 0.0016  0.0078  0.0192  125 VAL A CA    
582 C C     . VAL A 78 ? 0.1102 0.0966 0.1202 0.0057  0.0131  0.0200  125 VAL A C     
583 O O     . VAL A 78 ? 0.1325 0.1170 0.1483 0.0117  0.0149  0.0178  125 VAL A O     
584 C CB    . VAL A 78 ? 0.0917 0.0618 0.0893 0.0012  -0.0009 0.0208  125 VAL A CB    
585 C CG1   . VAL A 78 ? 0.1082 0.0891 0.1177 0.0006  -0.0030 0.0254  125 VAL A CG1   
586 C CG2   . VAL A 78 ? 0.1132 0.0744 0.1001 -0.0025 -0.0078 0.0205  125 VAL A CG2   
587 N N     . THR A 79 ? 0.1118 0.1109 0.1313 0.0024  0.0143  0.0233  126 THR A N     
588 C CA    A THR A 79 ? 0.0997 0.1157 0.1398 0.0046  0.0168  0.0250  126 THR A CA    
589 C CA    B THR A 79 ? 0.1172 0.1327 0.1574 0.0051  0.0163  0.0249  126 THR A CA    
590 C CA    C THR A 79 ? 0.1152 0.1307 0.1554 0.0051  0.0163  0.0249  126 THR A CA    
591 C C     . THR A 79 ? 0.1008 0.1245 0.1485 0.0000  0.0088  0.0290  126 THR A C     
592 O O     . THR A 79 ? 0.1137 0.1288 0.1499 -0.0040 0.0041  0.0299  126 THR A O     
593 C CB    A THR A 79 ? 0.1459 0.1717 0.1917 0.0029  0.0281  0.0245  126 THR A CB    
594 C CB    B THR A 79 ? 0.1363 0.1617 0.1835 0.0051  0.0281  0.0239  126 THR A CB    
595 C CB    C THR A 79 ? 0.1383 0.1637 0.1857 0.0052  0.0280  0.0239  126 THR A CB    
596 O OG1   A THR A 79 ? 0.1525 0.1760 0.1894 -0.0062 0.0282  0.0269  126 THR A OG1   
597 O OG1   B THR A 79 ? 0.1687 0.1794 0.1936 0.0039  0.0351  0.0206  126 THR A OG1   
598 O OG1   C THR A 79 ? 0.1032 0.1492 0.1774 0.0081  0.0282  0.0262  126 THR A OG1   
599 C CG2   A THR A 79 ? 0.1971 0.2119 0.2292 0.0078  0.0385  0.0195  126 THR A CG2   
600 C CG2   B THR A 79 ? 0.1280 0.1646 0.1949 0.0145  0.0330  0.0227  126 THR A CG2   
601 C CG2   C THR A 79 ? 0.1600 0.1839 0.1976 -0.0040 0.0311  0.0258  126 THR A CG2   
602 N N     . GLY A 80 ? 0.1492 0.1888 0.2160 0.0008  0.0070  0.0311  127 GLY A N     
603 C CA    . GLY A 80 ? 0.1353 0.1802 0.2055 -0.0057 -0.0013 0.0339  127 GLY A CA    
604 C C     . GLY A 80 ? 0.1574 0.2024 0.2239 -0.0149 0.0028  0.0339  127 GLY A C     
605 O O     . GLY A 80 ? 0.1764 0.2226 0.2424 -0.0157 0.0130  0.0330  127 GLY A O     
606 N N     . PRO A 81 ? 0.1296 0.1702 0.1903 -0.0221 -0.0043 0.0349  128 PRO A N     
607 C CA    . PRO A 81 ? 0.1850 0.2224 0.2420 -0.0319 -0.0011 0.0356  128 PRO A CA    
608 C C     . PRO A 81 ? 0.2504 0.3085 0.3311 -0.0370 0.0045  0.0375  128 PRO A C     
609 O O     . PRO A 81 ? 0.2967 0.3724 0.3986 -0.0355 -0.0010 0.0383  128 PRO A O     
610 C CB    . PRO A 81 ? 0.2470 0.2738 0.2938 -0.0374 -0.0112 0.0353  128 PRO A CB    
611 C CG    . PRO A 81 ? 0.2980 0.3295 0.3484 -0.0319 -0.0195 0.0353  128 PRO A CG    
612 C CD    . PRO A 81 ? 0.1702 0.2039 0.2230 -0.0217 -0.0146 0.0353  128 PRO A CD    
613 N N     . GLY A 82 ? 0.3908 0.4458 0.4666 -0.0417 0.0151  0.0379  129 GLY A N     
614 C CA    . GLY A 82 ? 0.5248 0.5975 0.6196 -0.0439 0.0244  0.0376  129 GLY A CA    
615 C C     . GLY A 82 ? 0.5361 0.6224 0.6444 -0.0329 0.0330  0.0368  129 GLY A C     
616 O O     . GLY A 82 ? 0.4087 0.4838 0.5038 -0.0248 0.0353  0.0358  129 GLY A O     
617 P P     . U   B 1  ? 1.4064 1.3164 1.5369 -0.1233 -0.0505 0.0417  1   U   B P     
618 O OP1   . U   B 1  ? 1.3300 1.2620 1.4670 -0.1130 -0.0401 0.0475  1   U   B OP1   
619 O OP2   . U   B 1  ? 1.3801 1.3022 1.5342 -0.1378 -0.0598 0.0422  1   U   B OP2   
620 O "O5'" . U   B 1  ? 0.9931 0.8857 1.0997 -0.1158 -0.0617 0.0318  1   U   B "O5'" 
621 C "C5'" . U   B 1  ? 0.8565 0.7277 0.9378 -0.1047 -0.0557 0.0285  1   U   B "C5'" 
622 C "C4'" . U   B 1  ? 0.7363 0.6189 0.8106 -0.0922 -0.0560 0.0267  1   U   B "C4'" 
623 O "O4'" . U   B 1  ? 0.6072 0.4781 0.6655 -0.0809 -0.0456 0.0273  1   U   B "O4'" 
624 C "C3'" . U   B 1  ? 0.8004 0.6738 0.8595 -0.0906 -0.0687 0.0176  1   U   B "C3'" 
625 O "O3'" . U   B 1  ? 0.7734 0.6681 0.8383 -0.0844 -0.0710 0.0193  1   U   B "O3'" 
626 C "C2'" . U   B 1  ? 0.7553 0.6023 0.7885 -0.0812 -0.0631 0.0117  1   U   B "C2'" 
627 O "O2'" . U   B 1  ? 0.7434 0.5831 0.7577 -0.0745 -0.0682 0.0042  1   U   B "O2'" 
628 C "C1'" . U   B 1  ? 0.5803 0.4378 0.6193 -0.0728 -0.0497 0.0193  1   U   B "C1'" 
629 N N1    . U   B 1  ? 0.5026 0.3378 0.5262 -0.0648 -0.0418 0.0181  1   U   B N1    
630 C C2    . U   B 1  ? 0.4473 0.2860 0.4636 -0.0519 -0.0356 0.0186  1   U   B C2    
631 O O2    . U   B 1  ? 0.4194 0.2769 0.4399 -0.0481 -0.0359 0.0195  1   U   B O2    
632 N N3    . U   B 1  ? 0.4141 0.2336 0.4198 -0.0435 -0.0291 0.0182  1   U   B N3    
633 C C4    . U   B 1  ? 0.2988 0.0947 0.2997 -0.0465 -0.0279 0.0176  1   U   B C4    
634 O O4    . U   B 1  ? 0.3869 0.1686 0.3809 -0.0363 -0.0223 0.0183  1   U   B O4    
635 C C5    . U   B 1  ? 0.4561 0.2469 0.4626 -0.0610 -0.0343 0.0167  1   U   B C5    
636 C C6    . U   B 1  ? 0.5280 0.3397 0.5465 -0.0697 -0.0411 0.0170  1   U   B C6    
637 P P     . C   B 2  ? 0.8209 0.7215 0.8848 -0.0878 -0.0867 0.0154  2   C   B P     
638 O OP1   . C   B 2  ? 0.8038 0.7313 0.8988 -0.0942 -0.0903 0.0225  2   C   B OP1   
639 O OP2   . C   B 2  ? 0.8077 0.6796 0.8467 -0.0919 -0.0960 0.0059  2   C   B OP2   
640 O "O5'" . C   B 2  ? 0.5395 0.4465 0.5930 -0.0762 -0.0845 0.0148  2   C   B "O5'" 
641 C "C5'" . C   B 2  ? 0.3875 0.3178 0.4584 -0.0702 -0.0760 0.0222  2   C   B "C5'" 
642 C "C4'" . C   B 2  ? 0.2640 0.2074 0.3370 -0.0662 -0.0830 0.0230  2   C   B "C4'" 
643 O "O4'" . C   B 2  ? 0.3548 0.2818 0.4001 -0.0600 -0.0835 0.0170  2   C   B "O4'" 
644 C "C3'" . C   B 2  ? 0.3726 0.3204 0.4520 -0.0729 -0.0983 0.0225  2   C   B "C3'" 
645 O "O3'" . C   B 2  ? 0.3442 0.3132 0.4395 -0.0681 -0.1002 0.0278  2   C   B "O3'" 
646 C "C2'" . C   B 2  ? 0.4323 0.3541 0.4770 -0.0724 -0.1071 0.0136  2   C   B "C2'" 
647 O "O2'" . C   B 2  ? 0.4314 0.3543 0.4711 -0.0746 -0.1214 0.0128  2   C   B "O2'" 
648 C "C1'" . C   B 2  ? 0.3404 0.2572 0.3693 -0.0627 -0.0969 0.0121  2   C   B "C1'" 
649 N N1    . C   B 2  ? 0.3950 0.2836 0.3904 -0.0602 -0.0952 0.0031  2   C   B N1    
650 C C2    . C   B 2  ? 0.4342 0.3134 0.4051 -0.0539 -0.0941 -0.0008 2   C   B C2    
651 O O2    . C   B 2  ? 0.4103 0.3040 0.3875 -0.0514 -0.0967 0.0038  2   C   B O2    
652 N N3    . C   B 2  ? 0.4987 0.3524 0.4394 -0.0501 -0.0889 -0.0095 2   C   B N3    
653 C C4    . C   B 2  ? 0.6162 0.4535 0.5518 -0.0517 -0.0858 -0.0142 2   C   B C4    
654 N N4    . C   B 2  ? 0.7249 0.5377 0.6321 -0.0459 -0.0789 -0.0228 2   C   B N4    
655 C C5    . C   B 2  ? 0.5766 0.4211 0.5356 -0.0589 -0.0882 -0.0101 2   C   B C5    
656 C C6    . C   B 2  ? 0.5223 0.3928 0.5102 -0.0633 -0.0923 -0.0016 2   C   B C6    
657 P P     . A   B 3  ? 0.4074 0.3994 0.5348 -0.0730 -0.1068 0.0336  3   A   B P     
658 O OP1   . A   B 3  ? 0.4660 0.4616 0.6105 -0.0820 -0.1029 0.0353  3   A   B OP1   
659 O OP2   . A   B 3  ? 0.4348 0.4212 0.5512 -0.0745 -0.1236 0.0308  3   A   B OP2   
660 O "O5'" . A   B 3  ? 0.3948 0.4099 0.5424 -0.0637 -0.0960 0.0403  3   A   B "O5'" 
661 C "C5'" . A   B 3  ? 0.3467 0.3706 0.5053 -0.0605 -0.0792 0.0444  3   A   B "C5'" 
662 C "C4'" . A   B 3  ? 0.3314 0.3729 0.5038 -0.0511 -0.0712 0.0491  3   A   B "C4'" 
663 O "O4'" . A   B 3  ? 0.3138 0.3452 0.4646 -0.0441 -0.0735 0.0463  3   A   B "O4'" 
664 C "C3'" . A   B 3  ? 0.3423 0.4037 0.5403 -0.0507 -0.0775 0.0526  3   A   B "C3'" 
665 O "O3'" . A   B 3  ? 0.3287 0.4072 0.5442 -0.0428 -0.0639 0.0573  3   A   B "O3'" 
666 C "C2'" . A   B 3  ? 0.3351 0.3870 0.5152 -0.0469 -0.0905 0.0495  3   A   B "C2'" 
667 O "O2'" . A   B 3  ? 0.4579 0.5257 0.6554 -0.0416 -0.0947 0.0527  3   A   B "O2'" 
668 C "C1'" . A   B 3  ? 0.2839 0.3232 0.4406 -0.0403 -0.0818 0.0474  3   A   B "C1'" 
669 N N9    . A   B 3  ? 0.2117 0.2322 0.3391 -0.0395 -0.0916 0.0425  3   A   B N9    
670 C C8    . A   B 3  ? 0.2031 0.2035 0.3073 -0.0455 -0.0999 0.0369  3   A   B C8    
671 N N7    . A   B 3  ? 0.2591 0.2443 0.3360 -0.0429 -0.1057 0.0332  3   A   B N7    
672 C C5    . A   B 3  ? 0.1882 0.1845 0.2721 -0.0351 -0.1016 0.0370  3   A   B C5    
673 C C6    . A   B 3  ? 0.2874 0.2753 0.3505 -0.0295 -0.1031 0.0361  3   A   B C6    
674 N N6    . A   B 3  ? 0.4002 0.3669 0.4302 -0.0310 -0.1089 0.0314  3   A   B N6    
675 N N1    . A   B 3  ? 0.5060 0.5065 0.5814 -0.0219 -0.0973 0.0399  3   A   B N1    
676 C C2    . A   B 3  ? 0.4816 0.5016 0.5870 -0.0197 -0.0897 0.0440  3   A   B C2    
677 N N3    . A   B 3  ? 0.3598 0.3900 0.4865 -0.0245 -0.0864 0.0457  3   A   B N3    
678 C C4    . A   B 3  ? 0.2814 0.2989 0.3960 -0.0325 -0.0930 0.0422  3   A   B C4    
679 P P     . U   B 4  ? 0.9015 1.0036 1.1517 -0.0453 -0.0557 0.0627  4   U   B P     
680 O OP1   . U   B 4  ? 0.8687 0.9687 1.1254 -0.0580 -0.0603 0.0624  4   U   B OP1   
681 O OP2   . U   B 4  ? 0.9390 1.0585 1.2091 -0.0389 -0.0607 0.0649  4   U   B OP2   
682 O "O5'" . U   B 4  ? 0.5374 0.6413 0.7852 -0.0392 -0.0347 0.0652  4   U   B "O5'" 
683 C "C5'" . U   B 4  ? 0.4140 0.5016 0.6409 -0.0420 -0.0275 0.0639  4   U   B "C5'" 
684 C "C4'" . U   B 4  ? 0.3248 0.4113 0.5424 -0.0335 -0.0109 0.0655  4   U   B "C4'" 
685 O "O4'" . U   B 4  ? 0.2940 0.3722 0.4947 -0.0256 -0.0144 0.0628  4   U   B "O4'" 
686 C "C3'" . U   B 4  ? 0.2319 0.3372 0.4711 -0.0283 0.0026  0.0697  4   U   B "C3'" 
687 O "O3'" . U   B 4  ? 0.4685 0.5683 0.6962 -0.0270 0.0196  0.0716  4   U   B "O3'" 
688 C "C2'" . U   B 4  ? 0.3464 0.4538 0.5834 -0.0173 0.0010  0.0683  4   U   B "C2'" 
689 O "O2'" . U   B 4  ? 0.4018 0.5168 0.6444 -0.0083 0.0168  0.0702  4   U   B "O2'" 
690 C "C1'" . U   B 4  ? 0.2372 0.3245 0.4446 -0.0161 -0.0039 0.0647  4   U   B "C1'" 
691 N N1    . U   B 4  ? 0.2496 0.3333 0.4490 -0.0097 -0.0123 0.0621  4   U   B N1    
692 C C2    . U   B 4  ? 0.2166 0.2917 0.3986 -0.0023 -0.0051 0.0608  4   U   B C2    
693 O O2    . U   B 4  ? 0.2167 0.2871 0.3893 -0.0007 0.0072  0.0617  4   U   B O2    
694 N N3    . U   B 4  ? 0.1751 0.2452 0.3479 0.0029  -0.0131 0.0581  4   U   B N3    
695 C C4    . U   B 4  ? 0.2338 0.3062 0.4111 0.0018  -0.0274 0.0570  4   U   B C4    
696 O O4    . U   B 4  ? 0.3016 0.3664 0.4653 0.0069  -0.0329 0.0548  4   U   B O4    
697 C C5    . U   B 4  ? 0.2655 0.3475 0.4614 -0.0057 -0.0348 0.0587  4   U   B C5    
698 C C6    . U   B 4  ? 0.2282 0.3157 0.4352 -0.0113 -0.0272 0.0610  4   U   B C6    
699 P P     . G   B 5  ? 0.6091 0.7179 0.8514 -0.0345 0.0315  0.0760  5   G   B P     
700 O OP1   . G   B 5  ? 0.5888 0.7155 0.8621 -0.0414 0.0224  0.0776  5   G   B OP1   
701 O OP2   . G   B 5  ? 0.6628 0.7744 0.9005 -0.0269 0.0506  0.0782  5   G   B OP2   
702 O "O5'" . G   B 5  ? 0.4759 0.5648 0.6955 -0.0431 0.0297  0.0753  5   G   B "O5'" 
703 C "C5'" . G   B 5  ? 0.5258 0.6064 0.7442 -0.0515 0.0142  0.0725  5   G   B "C5'" 
704 C "C4'" . G   B 5  ? 0.6277 0.6850 0.8193 -0.0556 0.0144  0.0709  5   G   B "C4'" 
705 O "O4'" . G   B 5  ? 0.6966 0.7413 0.8636 -0.0467 0.0140  0.0677  5   G   B "O4'" 
706 C "C3'" . G   B 5  ? 0.6952 0.7465 0.8792 -0.0603 0.0286  0.0754  5   G   B "C3'" 
707 O "O3'" . G   B 5  ? 0.7606 0.8174 0.9624 -0.0725 0.0290  0.0785  5   G   B "O3'" 
708 C "C2'" . G   B 5  ? 0.6979 0.7239 0.8498 -0.0586 0.0262  0.0729  5   G   B "C2'" 
709 O "O2'" . G   B 5  ? 0.6962 0.7082 0.8447 -0.0670 0.0166  0.0706  5   G   B "O2'" 
710 C "C1'" . G   B 5  ? 0.6979 0.7242 0.8417 -0.0485 0.0192  0.0682  5   G   B "C1'" 
711 N N9    . G   B 5  ? 0.6591 0.6808 0.7840 -0.0398 0.0282  0.0687  5   G   B N9    
712 C C8    . G   B 5  ? 0.6067 0.6099 0.7058 -0.0391 0.0306  0.0688  5   G   B C8    
713 N N7    . G   B 5  ? 0.6046 0.6052 0.6880 -0.0321 0.0365  0.0689  5   G   B N7    
714 C C5    . G   B 5  ? 0.5014 0.5186 0.6010 -0.0274 0.0400  0.0687  5   G   B C5    
715 C C6    . G   B 5  ? 0.4851 0.5038 0.5755 -0.0193 0.0474  0.0682  5   G   B C6    
716 O O6    . G   B 5  ? 0.3577 0.3642 0.4230 -0.0159 0.0508  0.0675  5   G   B O6    
717 N N1    . G   B 5  ? 0.5684 0.6035 0.6815 -0.0153 0.0495  0.0683  5   G   B N1    
718 C C2    . G   B 5  ? 0.4811 0.5304 0.6217 -0.0191 0.0431  0.0691  5   G   B C2    
719 N N2    . G   B 5  ? 0.3709 0.4343 0.5300 -0.0133 0.0448  0.0694  5   G   B N2    
720 N N3    . G   B 5  ? 0.3423 0.3904 0.4905 -0.0279 0.0348  0.0692  5   G   B N3    
721 C C4    . G   B 5  ? 0.5471 0.5781 0.6735 -0.0315 0.0347  0.0689  5   G   B C4    
722 P P     . U   B 7  ? 1.0248 1.1074 1.2381 -0.0639 0.0671  0.0887  7   U   B P     
723 O OP1   . U   B 7  ? 1.0597 1.1587 1.3048 -0.0708 0.0552  0.0879  7   U   B OP1   
724 O OP2   . U   B 7  ? 1.0533 1.1459 1.2675 -0.0559 0.0848  0.0913  7   U   B OP2   
725 O "O5'" . U   B 7  ? 1.0140 1.0756 1.2062 -0.0749 0.0709  0.0921  7   U   B "O5'" 
726 C "C5'" . U   B 7  ? 0.9792 1.0145 1.1411 -0.0743 0.0625  0.0892  7   U   B "C5'" 
727 C "C4'" . U   B 7  ? 0.9531 0.9735 1.0832 -0.0677 0.0716  0.0911  7   U   B "C4'" 
728 O "O4'" . U   B 7  ? 0.8845 0.9013 1.0015 -0.0559 0.0650  0.0855  7   U   B "O4'" 
729 C "C3'" . U   B 7  ? 0.9597 0.9910 1.0911 -0.0651 0.0894  0.0958  7   U   B "C3'" 
730 O "O3'" . U   B 7  ? 1.0159 1.0445 1.1472 -0.0763 0.0997  0.1030  7   U   B "O3'" 
731 C "C2'" . U   B 7  ? 0.9190 0.9351 1.0172 -0.0549 0.0913  0.0939  7   U   B "C2'" 
732 O "O2'" . U   B 7  ? 0.9178 0.9102 0.9858 -0.0596 0.0905  0.0979  7   U   B "O2'" 
733 C "C1'" . U   B 7  ? 0.8722 0.8868 0.9714 -0.0485 0.0759  0.0869  7   U   B "C1'" 
734 N N1    . U   B 7  ? 0.7970 0.8275 0.9101 -0.0386 0.0775  0.0833  7   U   B N1    
735 C C2    . U   B 7  ? 0.6982 0.7217 0.7895 -0.0294 0.0833  0.0814  7   U   B C2    
736 O O2    . U   B 7  ? 0.7191 0.7255 0.7808 -0.0293 0.0859  0.0828  7   U   B O2    
737 N N3    . U   B 7  ? 0.6552 0.6904 0.7590 -0.0206 0.0849  0.0783  7   U   B N3    
738 C C4    . U   B 7  ? 0.6549 0.7088 0.7906 -0.0196 0.0799  0.0775  7   U   B C4    
739 O O4    . U   B 7  ? 0.5831 0.6438 0.7255 -0.0108 0.0816  0.0753  7   U   B O4    
740 C C5    . U   B 7  ? 0.7351 0.7967 0.8918 -0.0297 0.0722  0.0795  7   U   B C5    
741 C C6    . U   B 7  ? 0.7921 0.8416 0.9368 -0.0387 0.0718  0.0819  7   U   B C6    
742 S S     . SO4 C .  ? 1.2776 1.0842 1.1962 0.0739  0.0574  -0.0474 201 SO4 A S     
743 O O1    . SO4 C .  ? 1.3338 1.1514 1.2411 0.0689  0.0635  -0.0468 201 SO4 A O1    
744 O O2    . SO4 C .  ? 1.2404 1.0502 1.1729 0.0663  0.0424  -0.0392 201 SO4 A O2    
745 O O3    . SO4 C .  ? 1.3618 1.1365 1.2509 0.0713  0.0555  -0.0573 201 SO4 A O3    
746 O O4    . SO4 C .  ? 1.2479 1.0730 1.1937 0.0880  0.0672  -0.0453 201 SO4 A O4    
747 S S     . SO4 D .  ? 0.9842 0.8968 0.9559 0.0595  0.0703  -0.0207 202 SO4 A S     
748 O O1    . SO4 D .  ? 0.8432 0.7815 0.8462 0.0573  0.0604  -0.0108 202 SO4 A O1    
749 O O2    . SO4 D .  ? 0.9534 0.8487 0.8956 0.0472  0.0600  -0.0224 202 SO4 A O2    
750 O O3    . SO4 D .  ? 1.0124 0.9018 0.9790 0.0700  0.0717  -0.0270 202 SO4 A O3    
751 O O4    . SO4 D .  ? 1.0337 0.9595 1.0079 0.0637  0.0889  -0.0223 202 SO4 A O4    
752 O O     . HOH E .  ? 0.6278 0.6682 0.7674 -0.0244 -0.1253 0.0491  301 HOH A O     
753 O O     . HOH E .  ? 0.4628 0.4677 0.5323 -0.0064 -0.0717 0.0420  302 HOH A O     
754 O O     . HOH E .  ? 0.5820 0.5838 0.7148 -0.0560 -0.0115 0.0566  303 HOH A O     
755 O O     . HOH E .  ? 1.1165 0.9930 1.1205 0.0197  -0.0078 0.0264  304 HOH A O     
756 O O     . HOH E .  ? 0.1750 0.2001 0.2217 -0.0029 -0.0231 0.0389  305 HOH A O     
757 O O     . HOH E .  ? 0.2863 0.1755 0.2961 -0.0025 -0.0133 0.0273  306 HOH A O     
758 O O     . HOH E .  ? 0.1457 0.0946 0.1471 -0.0067 0.0040  0.0526  307 HOH A O     
759 O O     . HOH E .  ? 0.2426 0.1881 0.2461 0.0032  -0.0062 0.0468  308 HOH A O     
760 O O     . HOH E .  ? 0.1747 0.1233 0.1181 -0.0113 -0.0208 0.0309  309 HOH A O     
761 O O     . HOH E .  ? 0.3196 0.2549 0.2993 0.0192  0.0067  0.0311  310 HOH A O     
762 O O     . HOH E .  ? 0.4216 0.3553 0.3731 -0.0165 -0.0140 0.0257  311 HOH A O     
763 O O     . HOH E .  ? 0.4152 0.2495 0.3191 0.0242  0.0105  0.0125  312 HOH A O     
764 O O     . HOH E .  ? 0.4986 0.5046 0.5181 -0.0545 0.0446  0.0429  313 HOH A O     
765 O O     . HOH E .  ? 0.2053 0.1550 0.2007 0.0292  -0.0457 0.0493  314 HOH A O     
766 O O     . HOH E .  ? 0.3107 0.1646 0.3198 -0.0228 -0.0174 0.0277  315 HOH A O     
767 O O     . HOH E .  ? 0.3502 0.2273 0.3705 -0.0565 -0.0595 0.0105  316 HOH A O     
768 O O     . HOH E .  ? 0.3588 0.2886 0.3192 -0.0088 -0.0070 0.0339  317 HOH A O     
769 O O     . HOH E .  ? 0.1824 0.1061 0.1498 -0.0213 -0.0537 0.0133  318 HOH A O     
770 O O     . HOH E .  ? 0.5153 0.5022 0.5918 0.0621  0.0233  0.0405  319 HOH A O     
771 O O     . HOH E .  ? 0.3565 0.3095 0.4381 -0.0661 0.0267  0.0748  320 HOH A O     
772 O O     . HOH E .  ? 0.2930 0.3258 0.4055 0.0230  -0.0511 0.0500  321 HOH A O     
773 O O     . HOH E .  ? 0.5160 0.4632 0.5347 0.0513  0.0289  0.0342  322 HOH A O     
774 O O     . HOH E .  ? 0.2611 0.2996 0.3886 0.0379  -0.0193 0.0502  323 HOH A O     
775 O O     . HOH E .  ? 0.5104 0.4726 0.4550 -0.0211 0.0346  0.0304  324 HOH A O     
776 O O     . HOH E .  ? 0.5958 0.6449 0.7528 0.0913  0.0026  0.0285  325 HOH A O     
777 O O     . HOH E .  ? 0.6963 0.5677 0.6133 -0.0290 -0.0653 -0.0047 326 HOH A O     
778 O O     . HOH E .  ? 0.3710 0.3583 0.3529 -0.0126 0.0362  0.0255  327 HOH A O     
779 O O     . HOH E .  ? 0.3035 0.1843 0.1841 0.0002  0.0034  -0.0085 328 HOH A O     
780 O O     . HOH E .  ? 0.5929 0.5013 0.5277 -0.0170 -0.0058 0.0414  329 HOH A O     
781 O O     . HOH E .  ? 0.3940 0.3100 0.3451 -0.0259 -0.0107 0.0259  330 HOH A O     
782 O O     . HOH E .  ? 0.4004 0.3277 0.3539 -0.0210 -0.0028 0.0355  331 HOH A O     
783 O O     . HOH E .  ? 0.4937 0.4585 0.5420 0.0358  -0.0017 0.0284  332 HOH A O     
784 O O     . HOH E .  ? 0.4308 0.4209 0.4651 0.0185  -0.0186 0.0403  333 HOH A O     
785 O O     . HOH E .  ? 0.4390 0.3142 0.3201 -0.0197 -0.0511 -0.0003 334 HOH A O     
786 O O     . HOH E .  ? 0.6494 0.5943 0.5576 -0.0093 0.0627  0.0166  335 HOH A O     
787 O O     . HOH E .  ? 0.6661 0.5664 0.6688 0.0507  -0.0230 0.0538  336 HOH A O     
788 O O     . HOH E .  ? 0.5567 0.4829 0.4733 0.0032  0.0061  0.0311  337 HOH A O     
789 O O     . HOH E .  ? 0.3927 0.3575 0.4088 0.0189  -0.0170 0.0432  338 HOH A O     
790 O O     . HOH E .  ? 0.5384 0.4653 0.5333 0.0133  -0.0113 0.0507  339 HOH A O     
791 O O     . HOH E .  ? 0.6385 0.4569 0.6458 -0.1138 0.0507  0.1047  340 HOH A O     
792 O O     . HOH E .  ? 0.5588 0.4838 0.5114 -0.0372 -0.0209 0.0250  341 HOH A O     
793 O O     . HOH E .  ? 0.7716 0.7611 0.7489 0.0000  0.0685  0.0157  342 HOH A O     
794 O O     . HOH E .  ? 0.6334 0.7186 0.8055 0.0702  0.0059  0.0310  343 HOH A O     
795 O O     . HOH E .  ? 0.4553 0.5149 0.5823 0.0441  -0.0030 0.0352  344 HOH A O     
796 O O     . HOH E .  ? 0.6320 0.7299 0.7665 -0.0050 -0.0114 0.0397  345 HOH A O     
797 O O     . HOH E .  ? 0.2683 0.3249 0.3540 0.0000  -0.0278 0.0415  346 HOH A O     
798 O O     . HOH E .  ? 0.4695 0.3786 0.4184 -0.0195 -0.0069 0.0309  347 HOH A O     
799 O O     . HOH E .  ? 0.6555 0.5076 0.5200 -0.0105 -0.0266 -0.0146 348 HOH A O     
800 O O     . HOH E .  ? 0.4087 0.4863 0.5345 0.0201  -0.0061 0.0383  349 HOH A O     
801 O O     . HOH E .  ? 0.3703 0.2060 0.3678 0.0019  -0.0085 0.0296  350 HOH A O     
802 O O     . HOH E .  ? 0.5315 0.3475 0.4024 0.0017  0.0008  0.0056  351 HOH A O     
803 O O     . HOH E .  ? 0.4563 0.5633 0.6600 0.0850  -0.0022 0.0335  352 HOH A O     
804 O O     . HOH E .  ? 0.7916 0.5860 0.6395 -0.0182 -0.0118 0.0001  353 HOH A O     
805 O O     . HOH E .  ? 0.8079 0.6564 0.6528 -0.0028 -0.0001 0.0069  354 HOH A O     
806 O O     . HOH E .  ? 0.6520 0.8011 0.8180 0.0009  0.1080  0.0254  355 HOH A O     
807 O O     . HOH E .  ? 0.9006 0.6421 0.5284 0.0080  0.0837  -0.0399 356 HOH A O     
808 O O     . HOH F .  ? 0.5227 0.4417 0.5242 -0.0547 -0.1138 0.0125  101 HOH B O     
809 O O     . HOH F .  ? 0.4110 0.4498 0.5191 0.0004  0.0607  0.0660  102 HOH B O     
810 O O     . HOH F .  ? 0.3886 0.3670 0.4493 -0.0436 0.0483  0.0783  103 HOH B O     
811 O O     . HOH F .  ? 0.3630 0.4334 0.5349 0.0278  -0.0181 0.0555  104 HOH B O     
812 O O     . HOH F .  ? 0.7238 0.6613 0.7285 -0.0449 -0.1186 0.0209  105 HOH B O     
813 O O     . HOH F .  ? 0.5912 0.5417 0.6417 -0.0621 0.0502  0.0870  106 HOH B O     
# 
loop_
_pdbx_poly_seq_scheme.asym_id 
_pdbx_poly_seq_scheme.entity_id 
_pdbx_poly_seq_scheme.seq_id 
_pdbx_poly_seq_scheme.mon_id 
_pdbx_poly_seq_scheme.ndb_seq_num 
_pdbx_poly_seq_scheme.pdb_seq_num 
_pdbx_poly_seq_scheme.auth_seq_num 
_pdbx_poly_seq_scheme.pdb_mon_id 
_pdbx_poly_seq_scheme.auth_mon_id 
_pdbx_poly_seq_scheme.pdb_strand_id 
_pdbx_poly_seq_scheme.pdb_ins_code 
_pdbx_poly_seq_scheme.hetero 
A 1 1  GLY 1  48  ?   ?   ?   A . n 
A 1 2  SER 2  49  ?   ?   ?   A . n 
A 1 3  GLY 3  50  ?   ?   ?   A . n 
A 1 4  ASP 4  51  ?   ?   ?   A . n 
A 1 5  LYS 5  52  52  LYS LYS A . n 
A 1 6  LYS 6  53  53  LYS LYS A . n 
A 1 7  VAL 7  54  54  VAL VAL A . n 
A 1 8  ILE 8  55  55  ILE ILE A . n 
A 1 9  ALA 9  56  56  ALA ALA A . n 
A 1 10 THR 10 57  57  THR THR A . n 
A 1 11 LYS 11 58  58  LYS LYS A . n 
A 1 12 VAL 12 59  59  VAL VAL A . n 
A 1 13 LEU 13 60  60  LEU LEU A . n 
A 1 14 GLY 14 61  61  GLY GLY A . n 
A 1 15 THR 15 62  62  THR THR A . n 
A 1 16 VAL 16 63  63  VAL VAL A . n 
A 1 17 LYS 17 64  64  LYS LYS A . n 
A 1 18 TRP 18 65  65  TRP TRP A . n 
A 1 19 PHE 19 66  66  PHE PHE A . n 
A 1 20 ASN 20 67  67  ASN ASN A . n 
A 1 21 VAL 21 68  68  VAL VAL A . n 
A 1 22 ARG 22 69  69  ARG ARG A . n 
A 1 23 ASN 23 70  70  ASN ASN A . n 
A 1 24 GLY 24 71  71  GLY GLY A . n 
A 1 25 TYR 25 72  72  TYR TYR A . n 
A 1 26 GLY 26 73  73  GLY GLY A . n 
A 1 27 PHE 27 74  74  PHE PHE A . n 
A 1 28 ILE 28 75  75  ILE ILE A . n 
A 1 29 ASN 29 76  76  ASN ASN A . n 
A 1 30 ARG 30 77  77  ARG ARG A . n 
A 1 31 ASN 31 78  78  ASN ASN A . n 
A 1 32 ASP 32 79  79  ASP ASP A . n 
A 1 33 THR 33 80  80  THR THR A . n 
A 1 34 LYS 34 81  81  LYS LYS A . n 
A 1 35 GLU 35 82  82  GLU GLU A . n 
A 1 36 ASP 36 83  83  ASP ASP A . n 
A 1 37 VAL 37 84  84  VAL VAL A . n 
A 1 38 PHE 38 85  85  PHE PHE A . n 
A 1 39 VAL 39 86  86  VAL VAL A . n 
A 1 40 HIS 40 87  87  HIS HIS A . n 
A 1 41 GLN 41 88  88  GLN GLN A . n 
A 1 42 THR 42 89  89  THR THR A . n 
A 1 43 ALA 43 90  90  ALA ALA A . n 
A 1 44 ILE 44 91  91  ILE ILE A . n 
A 1 45 LYS 45 92  92  LYS LYS A . n 
A 1 46 LYS 46 93  93  LYS LYS A . n 
A 1 47 ASN 47 94  94  ASN ASN A . n 
A 1 48 ASN 48 95  ?   ?   ?   A . n 
A 1 49 PRO 49 96  ?   ?   ?   A . n 
A 1 50 ARG 50 97  ?   ?   ?   A . n 
A 1 51 LYS 51 98  98  LYS LYS A . n 
A 1 52 TYR 52 99  99  TYR TYR A . n 
A 1 53 LEU 53 100 100 LEU LEU A . n 
A 1 54 ARG 54 101 101 ARG ARG A . n 
A 1 55 SER 55 102 102 SER SER A . n 
A 1 56 VAL 56 103 103 VAL VAL A . n 
A 1 57 GLY 57 104 104 GLY GLY A . n 
A 1 58 ASP 58 105 105 ASP ASP A . n 
A 1 59 GLY 59 106 106 GLY GLY A . n 
A 1 60 GLU 60 107 107 GLU GLU A . n 
A 1 61 THR 61 108 108 THR THR A . n 
A 1 62 VAL 62 109 109 VAL VAL A . n 
A 1 63 GLU 63 110 110 GLU GLU A . n 
A 1 64 PHE 64 111 111 PHE PHE A . n 
A 1 65 ASP 65 112 112 ASP ASP A . n 
A 1 66 VAL 66 113 113 VAL VAL A . n 
A 1 67 VAL 67 114 114 VAL VAL A . n 
A 1 68 GLU 68 115 115 GLU GLU A . n 
A 1 69 GLY 69 116 116 GLY GLY A . n 
A 1 70 GLU 70 117 117 GLU GLU A . n 
A 1 71 LYS 71 118 118 LYS LYS A . n 
A 1 72 GLY 72 119 119 GLY GLY A . n 
A 1 73 ALA 73 120 120 ALA ALA A . n 
A 1 74 GLU 74 121 121 GLU GLU A . n 
A 1 75 ALA 75 122 122 ALA ALA A . n 
A 1 76 ALA 76 123 123 ALA ALA A . n 
A 1 77 ASN 77 124 124 ASN ASN A . n 
A 1 78 VAL 78 125 125 VAL VAL A . n 
A 1 79 THR 79 126 126 THR THR A . n 
A 1 80 GLY 80 127 127 GLY GLY A . n 
A 1 81 PRO 81 128 128 PRO PRO A . n 
A 1 82 GLY 82 129 129 GLY GLY A . n 
A 1 83 GLY 83 130 ?   ?   ?   A . n 
B 2 1  U   1  1   1   U   U   B . n 
B 2 2  C   2  2   2   C   C   B . n 
B 2 3  A   3  3   3   A   A   B . n 
B 2 4  U   4  4   4   U   U   B . n 
B 2 5  G   5  5   5   G   G   B . n 
B 2 6  U   6  6   ?   ?   ?   B . n 
B 2 7  U   7  7   6   U   U   B . n 
# 
loop_
_pdbx_nonpoly_scheme.asym_id 
_pdbx_nonpoly_scheme.entity_id 
_pdbx_nonpoly_scheme.mon_id 
_pdbx_nonpoly_scheme.ndb_seq_num 
_pdbx_nonpoly_scheme.pdb_seq_num 
_pdbx_nonpoly_scheme.auth_seq_num 
_pdbx_nonpoly_scheme.pdb_mon_id 
_pdbx_nonpoly_scheme.auth_mon_id 
_pdbx_nonpoly_scheme.pdb_strand_id 
_pdbx_nonpoly_scheme.pdb_ins_code 
C 3 SO4 1  201 202 SO4 SO4 A . 
D 3 SO4 1  202 203 SO4 SO4 A . 
E 4 HOH 1  301 52  HOH HOH A . 
E 4 HOH 2  302 21  HOH HOH A . 
E 4 HOH 3  303 67  HOH HOH A . 
E 4 HOH 4  304 33  HOH HOH A . 
E 4 HOH 5  305 4   HOH HOH A . 
E 4 HOH 6  306 8   HOH HOH A . 
E 4 HOH 7  307 1   HOH HOH A . 
E 4 HOH 8  308 7   HOH HOH A . 
E 4 HOH 9  309 2   HOH HOH A . 
E 4 HOH 10 310 6   HOH HOH A . 
E 4 HOH 11 311 13  HOH HOH A . 
E 4 HOH 12 312 12  HOH HOH A . 
E 4 HOH 13 313 18  HOH HOH A . 
E 4 HOH 14 314 5   HOH HOH A . 
E 4 HOH 15 315 14  HOH HOH A . 
E 4 HOH 16 316 56  HOH HOH A . 
E 4 HOH 17 317 29  HOH HOH A . 
E 4 HOH 18 318 3   HOH HOH A . 
E 4 HOH 19 319 63  HOH HOH A . 
E 4 HOH 20 320 16  HOH HOH A . 
E 4 HOH 21 321 57  HOH HOH A . 
E 4 HOH 22 322 54  HOH HOH A . 
E 4 HOH 23 323 15  HOH HOH A . 
E 4 HOH 24 324 26  HOH HOH A . 
E 4 HOH 25 325 62  HOH HOH A . 
E 4 HOH 26 326 40  HOH HOH A . 
E 4 HOH 27 327 10  HOH HOH A . 
E 4 HOH 28 328 9   HOH HOH A . 
E 4 HOH 29 329 58  HOH HOH A . 
E 4 HOH 30 330 23  HOH HOH A . 
E 4 HOH 31 331 37  HOH HOH A . 
E 4 HOH 32 332 49  HOH HOH A . 
E 4 HOH 33 333 25  HOH HOH A . 
E 4 HOH 34 334 19  HOH HOH A . 
E 4 HOH 35 335 60  HOH HOH A . 
E 4 HOH 36 336 55  HOH HOH A . 
E 4 HOH 37 337 31  HOH HOH A . 
E 4 HOH 38 338 32  HOH HOH A . 
E 4 HOH 39 339 34  HOH HOH A . 
E 4 HOH 40 340 28  HOH HOH A . 
E 4 HOH 41 341 47  HOH HOH A . 
E 4 HOH 42 342 61  HOH HOH A . 
E 4 HOH 43 343 64  HOH HOH A . 
E 4 HOH 44 344 42  HOH HOH A . 
E 4 HOH 45 345 48  HOH HOH A . 
E 4 HOH 46 346 11  HOH HOH A . 
E 4 HOH 47 347 22  HOH HOH A . 
E 4 HOH 48 348 30  HOH HOH A . 
E 4 HOH 49 349 65  HOH HOH A . 
E 4 HOH 50 350 27  HOH HOH A . 
E 4 HOH 51 351 50  HOH HOH A . 
E 4 HOH 52 352 41  HOH HOH A . 
E 4 HOH 53 353 59  HOH HOH A . 
E 4 HOH 54 354 39  HOH HOH A . 
E 4 HOH 55 355 66  HOH HOH A . 
E 4 HOH 56 356 35  HOH HOH A . 
F 4 HOH 1  101 17  HOH HOH B . 
F 4 HOH 2  102 45  HOH HOH B . 
F 4 HOH 3  103 46  HOH HOH B . 
F 4 HOH 4  104 20  HOH HOH B . 
F 4 HOH 5  105 38  HOH HOH B . 
F 4 HOH 6  106 53  HOH HOH B . 
# 
_pdbx_struct_assembly.id                   1 
_pdbx_struct_assembly.details              author_defined_assembly 
_pdbx_struct_assembly.method_details       ? 
_pdbx_struct_assembly.oligomeric_details   dimeric 
_pdbx_struct_assembly.oligomeric_count     2 
# 
_pdbx_struct_assembly_gen.assembly_id       1 
_pdbx_struct_assembly_gen.oper_expression   1 
_pdbx_struct_assembly_gen.asym_id_list      A,B,C,D,E,F 
# 
loop_
_pdbx_struct_assembly_prop.biol_id 
_pdbx_struct_assembly_prop.type 
_pdbx_struct_assembly_prop.value 
_pdbx_struct_assembly_prop.details 
1 'ABSA (A^2)' 1570 ? 
1 MORE         -24  ? 
1 'SSA (A^2)'  5610 ? 
# 
_pdbx_struct_oper_list.id                   1 
_pdbx_struct_oper_list.type                 'identity operation' 
_pdbx_struct_oper_list.name                 1_555 
_pdbx_struct_oper_list.symmetry_operation   x,y,z 
_pdbx_struct_oper_list.matrix[1][1]         1.0000000000 
_pdbx_struct_oper_list.matrix[1][2]         0.0000000000 
_pdbx_struct_oper_list.matrix[1][3]         0.0000000000 
_pdbx_struct_oper_list.vector[1]            0.0000000000 
_pdbx_struct_oper_list.matrix[2][1]         0.0000000000 
_pdbx_struct_oper_list.matrix[2][2]         1.0000000000 
_pdbx_struct_oper_list.matrix[2][3]         0.0000000000 
_pdbx_struct_oper_list.vector[2]            0.0000000000 
_pdbx_struct_oper_list.matrix[3][1]         0.0000000000 
_pdbx_struct_oper_list.matrix[3][2]         0.0000000000 
_pdbx_struct_oper_list.matrix[3][3]         1.0000000000 
_pdbx_struct_oper_list.vector[3]            0.0000000000 
# 
loop_
_pdbx_audit_revision_history.ordinal 
_pdbx_audit_revision_history.data_content_type 
_pdbx_audit_revision_history.major_revision 
_pdbx_audit_revision_history.minor_revision 
_pdbx_audit_revision_history.revision_date 
1 'Structure model' 1 0 2018-12-05 
2 'Structure model' 1 1 2019-06-19 
3 'Structure model' 1 2 2019-07-24 
4 'Structure model' 1 3 2023-11-22 
# 
_pdbx_audit_revision_details.ordinal             1 
_pdbx_audit_revision_details.revision_ordinal    1 
_pdbx_audit_revision_details.data_content_type   'Structure model' 
_pdbx_audit_revision_details.provider            repository 
_pdbx_audit_revision_details.type                'Initial release' 
_pdbx_audit_revision_details.description         ? 
_pdbx_audit_revision_details.details             ? 
# 
loop_
_pdbx_audit_revision_group.ordinal 
_pdbx_audit_revision_group.revision_ordinal 
_pdbx_audit_revision_group.data_content_type 
_pdbx_audit_revision_group.group 
1 2 'Structure model' 'Data collection'        
2 2 'Structure model' 'Database references'    
3 3 'Structure model' 'Data collection'        
4 3 'Structure model' 'Database references'    
5 4 'Structure model' 'Data collection'        
6 4 'Structure model' 'Database references'    
7 4 'Structure model' 'Refinement description' 
# 
loop_
_pdbx_audit_revision_category.ordinal 
_pdbx_audit_revision_category.revision_ordinal 
_pdbx_audit_revision_category.data_content_type 
_pdbx_audit_revision_category.category 
1 2 'Structure model' citation                      
2 2 'Structure model' citation_author               
3 3 'Structure model' citation                      
4 3 'Structure model' citation_author               
5 4 'Structure model' chem_comp_atom                
6 4 'Structure model' chem_comp_bond                
7 4 'Structure model' database_2                    
8 4 'Structure model' pdbx_initial_refinement_model 
# 
loop_
_pdbx_audit_revision_item.ordinal 
_pdbx_audit_revision_item.revision_ordinal 
_pdbx_audit_revision_item.data_content_type 
_pdbx_audit_revision_item.item 
1  2 'Structure model' '_citation.country'                   
2  2 'Structure model' '_citation.journal_abbrev'            
3  2 'Structure model' '_citation.journal_id_ASTM'           
4  2 'Structure model' '_citation.journal_id_CSD'            
5  2 'Structure model' '_citation.journal_id_ISSN'           
6  2 'Structure model' '_citation.pdbx_database_id_DOI'      
7  2 'Structure model' '_citation.pdbx_database_id_PubMed'   
8  2 'Structure model' '_citation.title'                     
9  2 'Structure model' '_citation.year'                      
10 3 'Structure model' '_citation.journal_volume'            
11 3 'Structure model' '_citation.page_first'                
12 3 'Structure model' '_citation.page_last'                 
13 3 'Structure model' '_citation_author.identifier_ORCID'   
14 4 'Structure model' '_database_2.pdbx_DOI'                
15 4 'Structure model' '_database_2.pdbx_database_accession' 
# 
_pdbx_refine_tls.pdbx_refine_id   'X-RAY DIFFRACTION' 
_pdbx_refine_tls.id               1 
_pdbx_refine_tls.details          ? 
_pdbx_refine_tls.method           refined 
_pdbx_refine_tls.origin_x         -1.8298 
_pdbx_refine_tls.origin_y         -1.9070 
_pdbx_refine_tls.origin_z         0.7822 
_pdbx_refine_tls.T[1][1]          0.0738 
_pdbx_refine_tls.T[2][2]          0.0469 
_pdbx_refine_tls.T[3][3]          0.0983 
_pdbx_refine_tls.T[1][2]          -0.0098 
_pdbx_refine_tls.T[1][3]          -0.0266 
_pdbx_refine_tls.T[2][3]          0.0307 
_pdbx_refine_tls.L[1][1]          1.4594 
_pdbx_refine_tls.L[2][2]          3.3542 
_pdbx_refine_tls.L[3][3]          2.3828 
_pdbx_refine_tls.L[1][2]          0.0883 
_pdbx_refine_tls.L[1][3]          0.0870 
_pdbx_refine_tls.L[2][3]          -0.3660 
_pdbx_refine_tls.S[1][1]          -0.0602 
_pdbx_refine_tls.S[1][2]          0.0978 
_pdbx_refine_tls.S[1][3]          -0.1449 
_pdbx_refine_tls.S[2][1]          -0.2153 
_pdbx_refine_tls.S[2][2]          0.0454 
_pdbx_refine_tls.S[2][3]          0.2347 
_pdbx_refine_tls.S[3][1]          0.1365 
_pdbx_refine_tls.S[3][2]          -0.1065 
_pdbx_refine_tls.S[3][3]          -0.0515 
# 
_pdbx_refine_tls_group.pdbx_refine_id      'X-RAY DIFFRACTION' 
_pdbx_refine_tls_group.id                  1 
_pdbx_refine_tls_group.refine_tls_id       1 
_pdbx_refine_tls_group.beg_auth_asym_id    ? 
_pdbx_refine_tls_group.beg_auth_seq_id     ? 
_pdbx_refine_tls_group.beg_label_asym_id   ? 
_pdbx_refine_tls_group.beg_label_seq_id    ? 
_pdbx_refine_tls_group.end_auth_asym_id    ? 
_pdbx_refine_tls_group.end_auth_seq_id     ? 
_pdbx_refine_tls_group.end_label_asym_id   ? 
_pdbx_refine_tls_group.end_label_seq_id    ? 
_pdbx_refine_tls_group.selection           ? 
_pdbx_refine_tls_group.selection_details   all 
# 
loop_
_software.citation_id 
_software.classification 
_software.compiler_name 
_software.compiler_version 
_software.contact_author 
_software.contact_author_email 
_software.date 
_software.description 
_software.dependencies 
_software.hardware 
_software.language 
_software.location 
_software.mods 
_software.name 
_software.os 
_software.os_version 
_software.type 
_software.version 
_software.pdbx_ordinal 
? refinement       ? ? ? ? ? ? ? ? ? ? ? PHENIX   ? ? ? 1.9_1692 1 
? 'data reduction' ? ? ? ? ? ? ? ? ? ? ? HKL-2000 ? ? ? .        2 
? 'data scaling'   ? ? ? ? ? ? ? ? ? ? ? HKL-2000 ? ? ? .        3 
? phasing          ? ? ? ? ? ? ? ? ? ? ? PHENIX   ? ? ? .        4 
# 
loop_
_pdbx_distant_solvent_atoms.id 
_pdbx_distant_solvent_atoms.PDB_model_num 
_pdbx_distant_solvent_atoms.auth_atom_id 
_pdbx_distant_solvent_atoms.label_alt_id 
_pdbx_distant_solvent_atoms.auth_asym_id 
_pdbx_distant_solvent_atoms.auth_comp_id 
_pdbx_distant_solvent_atoms.auth_seq_id 
_pdbx_distant_solvent_atoms.PDB_ins_code 
_pdbx_distant_solvent_atoms.neighbor_macromolecule_distance 
_pdbx_distant_solvent_atoms.neighbor_ligand_distance 
1 1 O ? A HOH 353 ? 6.63 . 
2 1 O ? A HOH 354 ? 6.66 . 
3 1 O ? A HOH 355 ? 7.28 . 
4 1 O ? A HOH 356 ? 9.99 . 
# 
loop_
_pdbx_unobs_or_zero_occ_residues.id 
_pdbx_unobs_or_zero_occ_residues.PDB_model_num 
_pdbx_unobs_or_zero_occ_residues.polymer_flag 
_pdbx_unobs_or_zero_occ_residues.occupancy_flag 
_pdbx_unobs_or_zero_occ_residues.auth_asym_id 
_pdbx_unobs_or_zero_occ_residues.auth_comp_id 
_pdbx_unobs_or_zero_occ_residues.auth_seq_id 
_pdbx_unobs_or_zero_occ_residues.PDB_ins_code 
_pdbx_unobs_or_zero_occ_residues.label_asym_id 
_pdbx_unobs_or_zero_occ_residues.label_comp_id 
_pdbx_unobs_or_zero_occ_residues.label_seq_id 
1 1 Y 1 A GLY 48  ? A GLY 1  
2 1 Y 1 A SER 49  ? A SER 2  
3 1 Y 1 A GLY 50  ? A GLY 3  
4 1 Y 1 A ASP 51  ? A ASP 4  
5 1 Y 1 A ASN 95  ? A ASN 48 
6 1 Y 1 A PRO 96  ? A PRO 49 
7 1 Y 1 A ARG 97  ? A ARG 50 
8 1 Y 1 A GLY 130 ? A GLY 83 
9 1 Y 1 B U   6   ? B U   6  
# 
loop_
_chem_comp_atom.comp_id 
_chem_comp_atom.atom_id 
_chem_comp_atom.type_symbol 
_chem_comp_atom.pdbx_aromatic_flag 
_chem_comp_atom.pdbx_stereo_config 
_chem_comp_atom.pdbx_ordinal 
A   OP3    O N N 1   
A   P      P N N 2   
A   OP1    O N N 3   
A   OP2    O N N 4   
A   "O5'"  O N N 5   
A   "C5'"  C N N 6   
A   "C4'"  C N R 7   
A   "O4'"  O N N 8   
A   "C3'"  C N S 9   
A   "O3'"  O N N 10  
A   "C2'"  C N R 11  
A   "O2'"  O N N 12  
A   "C1'"  C N R 13  
A   N9     N Y N 14  
A   C8     C Y N 15  
A   N7     N Y N 16  
A   C5     C Y N 17  
A   C6     C Y N 18  
A   N6     N N N 19  
A   N1     N Y N 20  
A   C2     C Y N 21  
A   N3     N Y N 22  
A   C4     C Y N 23  
A   HOP3   H N N 24  
A   HOP2   H N N 25  
A   "H5'"  H N N 26  
A   "H5''" H N N 27  
A   "H4'"  H N N 28  
A   "H3'"  H N N 29  
A   "HO3'" H N N 30  
A   "H2'"  H N N 31  
A   "HO2'" H N N 32  
A   "H1'"  H N N 33  
A   H8     H N N 34  
A   H61    H N N 35  
A   H62    H N N 36  
A   H2     H N N 37  
ALA N      N N N 38  
ALA CA     C N S 39  
ALA C      C N N 40  
ALA O      O N N 41  
ALA CB     C N N 42  
ALA OXT    O N N 43  
ALA H      H N N 44  
ALA H2     H N N 45  
ALA HA     H N N 46  
ALA HB1    H N N 47  
ALA HB2    H N N 48  
ALA HB3    H N N 49  
ALA HXT    H N N 50  
ARG N      N N N 51  
ARG CA     C N S 52  
ARG C      C N N 53  
ARG O      O N N 54  
ARG CB     C N N 55  
ARG CG     C N N 56  
ARG CD     C N N 57  
ARG NE     N N N 58  
ARG CZ     C N N 59  
ARG NH1    N N N 60  
ARG NH2    N N N 61  
ARG OXT    O N N 62  
ARG H      H N N 63  
ARG H2     H N N 64  
ARG HA     H N N 65  
ARG HB2    H N N 66  
ARG HB3    H N N 67  
ARG HG2    H N N 68  
ARG HG3    H N N 69  
ARG HD2    H N N 70  
ARG HD3    H N N 71  
ARG HE     H N N 72  
ARG HH11   H N N 73  
ARG HH12   H N N 74  
ARG HH21   H N N 75  
ARG HH22   H N N 76  
ARG HXT    H N N 77  
ASN N      N N N 78  
ASN CA     C N S 79  
ASN C      C N N 80  
ASN O      O N N 81  
ASN CB     C N N 82  
ASN CG     C N N 83  
ASN OD1    O N N 84  
ASN ND2    N N N 85  
ASN OXT    O N N 86  
ASN H      H N N 87  
ASN H2     H N N 88  
ASN HA     H N N 89  
ASN HB2    H N N 90  
ASN HB3    H N N 91  
ASN HD21   H N N 92  
ASN HD22   H N N 93  
ASN HXT    H N N 94  
ASP N      N N N 95  
ASP CA     C N S 96  
ASP C      C N N 97  
ASP O      O N N 98  
ASP CB     C N N 99  
ASP CG     C N N 100 
ASP OD1    O N N 101 
ASP OD2    O N N 102 
ASP OXT    O N N 103 
ASP H      H N N 104 
ASP H2     H N N 105 
ASP HA     H N N 106 
ASP HB2    H N N 107 
ASP HB3    H N N 108 
ASP HD2    H N N 109 
ASP HXT    H N N 110 
C   OP3    O N N 111 
C   P      P N N 112 
C   OP1    O N N 113 
C   OP2    O N N 114 
C   "O5'"  O N N 115 
C   "C5'"  C N N 116 
C   "C4'"  C N R 117 
C   "O4'"  O N N 118 
C   "C3'"  C N S 119 
C   "O3'"  O N N 120 
C   "C2'"  C N R 121 
C   "O2'"  O N N 122 
C   "C1'"  C N R 123 
C   N1     N N N 124 
C   C2     C N N 125 
C   O2     O N N 126 
C   N3     N N N 127 
C   C4     C N N 128 
C   N4     N N N 129 
C   C5     C N N 130 
C   C6     C N N 131 
C   HOP3   H N N 132 
C   HOP2   H N N 133 
C   "H5'"  H N N 134 
C   "H5''" H N N 135 
C   "H4'"  H N N 136 
C   "H3'"  H N N 137 
C   "HO3'" H N N 138 
C   "H2'"  H N N 139 
C   "HO2'" H N N 140 
C   "H1'"  H N N 141 
C   H41    H N N 142 
C   H42    H N N 143 
C   H5     H N N 144 
C   H6     H N N 145 
G   OP3    O N N 146 
G   P      P N N 147 
G   OP1    O N N 148 
G   OP2    O N N 149 
G   "O5'"  O N N 150 
G   "C5'"  C N N 151 
G   "C4'"  C N R 152 
G   "O4'"  O N N 153 
G   "C3'"  C N S 154 
G   "O3'"  O N N 155 
G   "C2'"  C N R 156 
G   "O2'"  O N N 157 
G   "C1'"  C N R 158 
G   N9     N Y N 159 
G   C8     C Y N 160 
G   N7     N Y N 161 
G   C5     C Y N 162 
G   C6     C N N 163 
G   O6     O N N 164 
G   N1     N N N 165 
G   C2     C N N 166 
G   N2     N N N 167 
G   N3     N N N 168 
G   C4     C Y N 169 
G   HOP3   H N N 170 
G   HOP2   H N N 171 
G   "H5'"  H N N 172 
G   "H5''" H N N 173 
G   "H4'"  H N N 174 
G   "H3'"  H N N 175 
G   "HO3'" H N N 176 
G   "H2'"  H N N 177 
G   "HO2'" H N N 178 
G   "H1'"  H N N 179 
G   H8     H N N 180 
G   H1     H N N 181 
G   H21    H N N 182 
G   H22    H N N 183 
GLN N      N N N 184 
GLN CA     C N S 185 
GLN C      C N N 186 
GLN O      O N N 187 
GLN CB     C N N 188 
GLN CG     C N N 189 
GLN CD     C N N 190 
GLN OE1    O N N 191 
GLN NE2    N N N 192 
GLN OXT    O N N 193 
GLN H      H N N 194 
GLN H2     H N N 195 
GLN HA     H N N 196 
GLN HB2    H N N 197 
GLN HB3    H N N 198 
GLN HG2    H N N 199 
GLN HG3    H N N 200 
GLN HE21   H N N 201 
GLN HE22   H N N 202 
GLN HXT    H N N 203 
GLU N      N N N 204 
GLU CA     C N S 205 
GLU C      C N N 206 
GLU O      O N N 207 
GLU CB     C N N 208 
GLU CG     C N N 209 
GLU CD     C N N 210 
GLU OE1    O N N 211 
GLU OE2    O N N 212 
GLU OXT    O N N 213 
GLU H      H N N 214 
GLU H2     H N N 215 
GLU HA     H N N 216 
GLU HB2    H N N 217 
GLU HB3    H N N 218 
GLU HG2    H N N 219 
GLU HG3    H N N 220 
GLU HE2    H N N 221 
GLU HXT    H N N 222 
GLY N      N N N 223 
GLY CA     C N N 224 
GLY C      C N N 225 
GLY O      O N N 226 
GLY OXT    O N N 227 
GLY H      H N N 228 
GLY H2     H N N 229 
GLY HA2    H N N 230 
GLY HA3    H N N 231 
GLY HXT    H N N 232 
HIS N      N N N 233 
HIS CA     C N S 234 
HIS C      C N N 235 
HIS O      O N N 236 
HIS CB     C N N 237 
HIS CG     C Y N 238 
HIS ND1    N Y N 239 
HIS CD2    C Y N 240 
HIS CE1    C Y N 241 
HIS NE2    N Y N 242 
HIS OXT    O N N 243 
HIS H      H N N 244 
HIS H2     H N N 245 
HIS HA     H N N 246 
HIS HB2    H N N 247 
HIS HB3    H N N 248 
HIS HD1    H N N 249 
HIS HD2    H N N 250 
HIS HE1    H N N 251 
HIS HE2    H N N 252 
HIS HXT    H N N 253 
HOH O      O N N 254 
HOH H1     H N N 255 
HOH H2     H N N 256 
ILE N      N N N 257 
ILE CA     C N S 258 
ILE C      C N N 259 
ILE O      O N N 260 
ILE CB     C N S 261 
ILE CG1    C N N 262 
ILE CG2    C N N 263 
ILE CD1    C N N 264 
ILE OXT    O N N 265 
ILE H      H N N 266 
ILE H2     H N N 267 
ILE HA     H N N 268 
ILE HB     H N N 269 
ILE HG12   H N N 270 
ILE HG13   H N N 271 
ILE HG21   H N N 272 
ILE HG22   H N N 273 
ILE HG23   H N N 274 
ILE HD11   H N N 275 
ILE HD12   H N N 276 
ILE HD13   H N N 277 
ILE HXT    H N N 278 
LEU N      N N N 279 
LEU CA     C N S 280 
LEU C      C N N 281 
LEU O      O N N 282 
LEU CB     C N N 283 
LEU CG     C N N 284 
LEU CD1    C N N 285 
LEU CD2    C N N 286 
LEU OXT    O N N 287 
LEU H      H N N 288 
LEU H2     H N N 289 
LEU HA     H N N 290 
LEU HB2    H N N 291 
LEU HB3    H N N 292 
LEU HG     H N N 293 
LEU HD11   H N N 294 
LEU HD12   H N N 295 
LEU HD13   H N N 296 
LEU HD21   H N N 297 
LEU HD22   H N N 298 
LEU HD23   H N N 299 
LEU HXT    H N N 300 
LYS N      N N N 301 
LYS CA     C N S 302 
LYS C      C N N 303 
LYS O      O N N 304 
LYS CB     C N N 305 
LYS CG     C N N 306 
LYS CD     C N N 307 
LYS CE     C N N 308 
LYS NZ     N N N 309 
LYS OXT    O N N 310 
LYS H      H N N 311 
LYS H2     H N N 312 
LYS HA     H N N 313 
LYS HB2    H N N 314 
LYS HB3    H N N 315 
LYS HG2    H N N 316 
LYS HG3    H N N 317 
LYS HD2    H N N 318 
LYS HD3    H N N 319 
LYS HE2    H N N 320 
LYS HE3    H N N 321 
LYS HZ1    H N N 322 
LYS HZ2    H N N 323 
LYS HZ3    H N N 324 
LYS HXT    H N N 325 
PHE N      N N N 326 
PHE CA     C N S 327 
PHE C      C N N 328 
PHE O      O N N 329 
PHE CB     C N N 330 
PHE CG     C Y N 331 
PHE CD1    C Y N 332 
PHE CD2    C Y N 333 
PHE CE1    C Y N 334 
PHE CE2    C Y N 335 
PHE CZ     C Y N 336 
PHE OXT    O N N 337 
PHE H      H N N 338 
PHE H2     H N N 339 
PHE HA     H N N 340 
PHE HB2    H N N 341 
PHE HB3    H N N 342 
PHE HD1    H N N 343 
PHE HD2    H N N 344 
PHE HE1    H N N 345 
PHE HE2    H N N 346 
PHE HZ     H N N 347 
PHE HXT    H N N 348 
PRO N      N N N 349 
PRO CA     C N S 350 
PRO C      C N N 351 
PRO O      O N N 352 
PRO CB     C N N 353 
PRO CG     C N N 354 
PRO CD     C N N 355 
PRO OXT    O N N 356 
PRO H      H N N 357 
PRO HA     H N N 358 
PRO HB2    H N N 359 
PRO HB3    H N N 360 
PRO HG2    H N N 361 
PRO HG3    H N N 362 
PRO HD2    H N N 363 
PRO HD3    H N N 364 
PRO HXT    H N N 365 
SER N      N N N 366 
SER CA     C N S 367 
SER C      C N N 368 
SER O      O N N 369 
SER CB     C N N 370 
SER OG     O N N 371 
SER OXT    O N N 372 
SER H      H N N 373 
SER H2     H N N 374 
SER HA     H N N 375 
SER HB2    H N N 376 
SER HB3    H N N 377 
SER HG     H N N 378 
SER HXT    H N N 379 
SO4 S      S N N 380 
SO4 O1     O N N 381 
SO4 O2     O N N 382 
SO4 O3     O N N 383 
SO4 O4     O N N 384 
THR N      N N N 385 
THR CA     C N S 386 
THR C      C N N 387 
THR O      O N N 388 
THR CB     C N R 389 
THR OG1    O N N 390 
THR CG2    C N N 391 
THR OXT    O N N 392 
THR H      H N N 393 
THR H2     H N N 394 
THR HA     H N N 395 
THR HB     H N N 396 
THR HG1    H N N 397 
THR HG21   H N N 398 
THR HG22   H N N 399 
THR HG23   H N N 400 
THR HXT    H N N 401 
TRP N      N N N 402 
TRP CA     C N S 403 
TRP C      C N N 404 
TRP O      O N N 405 
TRP CB     C N N 406 
TRP CG     C Y N 407 
TRP CD1    C Y N 408 
TRP CD2    C Y N 409 
TRP NE1    N Y N 410 
TRP CE2    C Y N 411 
TRP CE3    C Y N 412 
TRP CZ2    C Y N 413 
TRP CZ3    C Y N 414 
TRP CH2    C Y N 415 
TRP OXT    O N N 416 
TRP H      H N N 417 
TRP H2     H N N 418 
TRP HA     H N N 419 
TRP HB2    H N N 420 
TRP HB3    H N N 421 
TRP HD1    H N N 422 
TRP HE1    H N N 423 
TRP HE3    H N N 424 
TRP HZ2    H N N 425 
TRP HZ3    H N N 426 
TRP HH2    H N N 427 
TRP HXT    H N N 428 
TYR N      N N N 429 
TYR CA     C N S 430 
TYR C      C N N 431 
TYR O      O N N 432 
TYR CB     C N N 433 
TYR CG     C Y N 434 
TYR CD1    C Y N 435 
TYR CD2    C Y N 436 
TYR CE1    C Y N 437 
TYR CE2    C Y N 438 
TYR CZ     C Y N 439 
TYR OH     O N N 440 
TYR OXT    O N N 441 
TYR H      H N N 442 
TYR H2     H N N 443 
TYR HA     H N N 444 
TYR HB2    H N N 445 
TYR HB3    H N N 446 
TYR HD1    H N N 447 
TYR HD2    H N N 448 
TYR HE1    H N N 449 
TYR HE2    H N N 450 
TYR HH     H N N 451 
TYR HXT    H N N 452 
U   OP3    O N N 453 
U   P      P N N 454 
U   OP1    O N N 455 
U   OP2    O N N 456 
U   "O5'"  O N N 457 
U   "C5'"  C N N 458 
U   "C4'"  C N R 459 
U   "O4'"  O N N 460 
U   "C3'"  C N S 461 
U   "O3'"  O N N 462 
U   "C2'"  C N R 463 
U   "O2'"  O N N 464 
U   "C1'"  C N R 465 
U   N1     N N N 466 
U   C2     C N N 467 
U   O2     O N N 468 
U   N3     N N N 469 
U   C4     C N N 470 
U   O4     O N N 471 
U   C5     C N N 472 
U   C6     C N N 473 
U   HOP3   H N N 474 
U   HOP2   H N N 475 
U   "H5'"  H N N 476 
U   "H5''" H N N 477 
U   "H4'"  H N N 478 
U   "H3'"  H N N 479 
U   "HO3'" H N N 480 
U   "H2'"  H N N 481 
U   "HO2'" H N N 482 
U   "H1'"  H N N 483 
U   H3     H N N 484 
U   H5     H N N 485 
U   H6     H N N 486 
VAL N      N N N 487 
VAL CA     C N S 488 
VAL C      C N N 489 
VAL O      O N N 490 
VAL CB     C N N 491 
VAL CG1    C N N 492 
VAL CG2    C N N 493 
VAL OXT    O N N 494 
VAL H      H N N 495 
VAL H2     H N N 496 
VAL HA     H N N 497 
VAL HB     H N N 498 
VAL HG11   H N N 499 
VAL HG12   H N N 500 
VAL HG13   H N N 501 
VAL HG21   H N N 502 
VAL HG22   H N N 503 
VAL HG23   H N N 504 
VAL HXT    H N N 505 
# 
loop_
_chem_comp_bond.comp_id 
_chem_comp_bond.atom_id_1 
_chem_comp_bond.atom_id_2 
_chem_comp_bond.value_order 
_chem_comp_bond.pdbx_aromatic_flag 
_chem_comp_bond.pdbx_stereo_config 
_chem_comp_bond.pdbx_ordinal 
A   OP3   P      sing N N 1   
A   OP3   HOP3   sing N N 2   
A   P     OP1    doub N N 3   
A   P     OP2    sing N N 4   
A   P     "O5'"  sing N N 5   
A   OP2   HOP2   sing N N 6   
A   "O5'" "C5'"  sing N N 7   
A   "C5'" "C4'"  sing N N 8   
A   "C5'" "H5'"  sing N N 9   
A   "C5'" "H5''" sing N N 10  
A   "C4'" "O4'"  sing N N 11  
A   "C4'" "C3'"  sing N N 12  
A   "C4'" "H4'"  sing N N 13  
A   "O4'" "C1'"  sing N N 14  
A   "C3'" "O3'"  sing N N 15  
A   "C3'" "C2'"  sing N N 16  
A   "C3'" "H3'"  sing N N 17  
A   "O3'" "HO3'" sing N N 18  
A   "C2'" "O2'"  sing N N 19  
A   "C2'" "C1'"  sing N N 20  
A   "C2'" "H2'"  sing N N 21  
A   "O2'" "HO2'" sing N N 22  
A   "C1'" N9     sing N N 23  
A   "C1'" "H1'"  sing N N 24  
A   N9    C8     sing Y N 25  
A   N9    C4     sing Y N 26  
A   C8    N7     doub Y N 27  
A   C8    H8     sing N N 28  
A   N7    C5     sing Y N 29  
A   C5    C6     sing Y N 30  
A   C5    C4     doub Y N 31  
A   C6    N6     sing N N 32  
A   C6    N1     doub Y N 33  
A   N6    H61    sing N N 34  
A   N6    H62    sing N N 35  
A   N1    C2     sing Y N 36  
A   C2    N3     doub Y N 37  
A   C2    H2     sing N N 38  
A   N3    C4     sing Y N 39  
ALA N     CA     sing N N 40  
ALA N     H      sing N N 41  
ALA N     H2     sing N N 42  
ALA CA    C      sing N N 43  
ALA CA    CB     sing N N 44  
ALA CA    HA     sing N N 45  
ALA C     O      doub N N 46  
ALA C     OXT    sing N N 47  
ALA CB    HB1    sing N N 48  
ALA CB    HB2    sing N N 49  
ALA CB    HB3    sing N N 50  
ALA OXT   HXT    sing N N 51  
ARG N     CA     sing N N 52  
ARG N     H      sing N N 53  
ARG N     H2     sing N N 54  
ARG CA    C      sing N N 55  
ARG CA    CB     sing N N 56  
ARG CA    HA     sing N N 57  
ARG C     O      doub N N 58  
ARG C     OXT    sing N N 59  
ARG CB    CG     sing N N 60  
ARG CB    HB2    sing N N 61  
ARG CB    HB3    sing N N 62  
ARG CG    CD     sing N N 63  
ARG CG    HG2    sing N N 64  
ARG CG    HG3    sing N N 65  
ARG CD    NE     sing N N 66  
ARG CD    HD2    sing N N 67  
ARG CD    HD3    sing N N 68  
ARG NE    CZ     sing N N 69  
ARG NE    HE     sing N N 70  
ARG CZ    NH1    sing N N 71  
ARG CZ    NH2    doub N N 72  
ARG NH1   HH11   sing N N 73  
ARG NH1   HH12   sing N N 74  
ARG NH2   HH21   sing N N 75  
ARG NH2   HH22   sing N N 76  
ARG OXT   HXT    sing N N 77  
ASN N     CA     sing N N 78  
ASN N     H      sing N N 79  
ASN N     H2     sing N N 80  
ASN CA    C      sing N N 81  
ASN CA    CB     sing N N 82  
ASN CA    HA     sing N N 83  
ASN C     O      doub N N 84  
ASN C     OXT    sing N N 85  
ASN CB    CG     sing N N 86  
ASN CB    HB2    sing N N 87  
ASN CB    HB3    sing N N 88  
ASN CG    OD1    doub N N 89  
ASN CG    ND2    sing N N 90  
ASN ND2   HD21   sing N N 91  
ASN ND2   HD22   sing N N 92  
ASN OXT   HXT    sing N N 93  
ASP N     CA     sing N N 94  
ASP N     H      sing N N 95  
ASP N     H2     sing N N 96  
ASP CA    C      sing N N 97  
ASP CA    CB     sing N N 98  
ASP CA    HA     sing N N 99  
ASP C     O      doub N N 100 
ASP C     OXT    sing N N 101 
ASP CB    CG     sing N N 102 
ASP CB    HB2    sing N N 103 
ASP CB    HB3    sing N N 104 
ASP CG    OD1    doub N N 105 
ASP CG    OD2    sing N N 106 
ASP OD2   HD2    sing N N 107 
ASP OXT   HXT    sing N N 108 
C   OP3   P      sing N N 109 
C   OP3   HOP3   sing N N 110 
C   P     OP1    doub N N 111 
C   P     OP2    sing N N 112 
C   P     "O5'"  sing N N 113 
C   OP2   HOP2   sing N N 114 
C   "O5'" "C5'"  sing N N 115 
C   "C5'" "C4'"  sing N N 116 
C   "C5'" "H5'"  sing N N 117 
C   "C5'" "H5''" sing N N 118 
C   "C4'" "O4'"  sing N N 119 
C   "C4'" "C3'"  sing N N 120 
C   "C4'" "H4'"  sing N N 121 
C   "O4'" "C1'"  sing N N 122 
C   "C3'" "O3'"  sing N N 123 
C   "C3'" "C2'"  sing N N 124 
C   "C3'" "H3'"  sing N N 125 
C   "O3'" "HO3'" sing N N 126 
C   "C2'" "O2'"  sing N N 127 
C   "C2'" "C1'"  sing N N 128 
C   "C2'" "H2'"  sing N N 129 
C   "O2'" "HO2'" sing N N 130 
C   "C1'" N1     sing N N 131 
C   "C1'" "H1'"  sing N N 132 
C   N1    C2     sing N N 133 
C   N1    C6     sing N N 134 
C   C2    O2     doub N N 135 
C   C2    N3     sing N N 136 
C   N3    C4     doub N N 137 
C   C4    N4     sing N N 138 
C   C4    C5     sing N N 139 
C   N4    H41    sing N N 140 
C   N4    H42    sing N N 141 
C   C5    C6     doub N N 142 
C   C5    H5     sing N N 143 
C   C6    H6     sing N N 144 
G   OP3   P      sing N N 145 
G   OP3   HOP3   sing N N 146 
G   P     OP1    doub N N 147 
G   P     OP2    sing N N 148 
G   P     "O5'"  sing N N 149 
G   OP2   HOP2   sing N N 150 
G   "O5'" "C5'"  sing N N 151 
G   "C5'" "C4'"  sing N N 152 
G   "C5'" "H5'"  sing N N 153 
G   "C5'" "H5''" sing N N 154 
G   "C4'" "O4'"  sing N N 155 
G   "C4'" "C3'"  sing N N 156 
G   "C4'" "H4'"  sing N N 157 
G   "O4'" "C1'"  sing N N 158 
G   "C3'" "O3'"  sing N N 159 
G   "C3'" "C2'"  sing N N 160 
G   "C3'" "H3'"  sing N N 161 
G   "O3'" "HO3'" sing N N 162 
G   "C2'" "O2'"  sing N N 163 
G   "C2'" "C1'"  sing N N 164 
G   "C2'" "H2'"  sing N N 165 
G   "O2'" "HO2'" sing N N 166 
G   "C1'" N9     sing N N 167 
G   "C1'" "H1'"  sing N N 168 
G   N9    C8     sing Y N 169 
G   N9    C4     sing Y N 170 
G   C8    N7     doub Y N 171 
G   C8    H8     sing N N 172 
G   N7    C5     sing Y N 173 
G   C5    C6     sing N N 174 
G   C5    C4     doub Y N 175 
G   C6    O6     doub N N 176 
G   C6    N1     sing N N 177 
G   N1    C2     sing N N 178 
G   N1    H1     sing N N 179 
G   C2    N2     sing N N 180 
G   C2    N3     doub N N 181 
G   N2    H21    sing N N 182 
G   N2    H22    sing N N 183 
G   N3    C4     sing N N 184 
GLN N     CA     sing N N 185 
GLN N     H      sing N N 186 
GLN N     H2     sing N N 187 
GLN CA    C      sing N N 188 
GLN CA    CB     sing N N 189 
GLN CA    HA     sing N N 190 
GLN C     O      doub N N 191 
GLN C     OXT    sing N N 192 
GLN CB    CG     sing N N 193 
GLN CB    HB2    sing N N 194 
GLN CB    HB3    sing N N 195 
GLN CG    CD     sing N N 196 
GLN CG    HG2    sing N N 197 
GLN CG    HG3    sing N N 198 
GLN CD    OE1    doub N N 199 
GLN CD    NE2    sing N N 200 
GLN NE2   HE21   sing N N 201 
GLN NE2   HE22   sing N N 202 
GLN OXT   HXT    sing N N 203 
GLU N     CA     sing N N 204 
GLU N     H      sing N N 205 
GLU N     H2     sing N N 206 
GLU CA    C      sing N N 207 
GLU CA    CB     sing N N 208 
GLU CA    HA     sing N N 209 
GLU C     O      doub N N 210 
GLU C     OXT    sing N N 211 
GLU CB    CG     sing N N 212 
GLU CB    HB2    sing N N 213 
GLU CB    HB3    sing N N 214 
GLU CG    CD     sing N N 215 
GLU CG    HG2    sing N N 216 
GLU CG    HG3    sing N N 217 
GLU CD    OE1    doub N N 218 
GLU CD    OE2    sing N N 219 
GLU OE2   HE2    sing N N 220 
GLU OXT   HXT    sing N N 221 
GLY N     CA     sing N N 222 
GLY N     H      sing N N 223 
GLY N     H2     sing N N 224 
GLY CA    C      sing N N 225 
GLY CA    HA2    sing N N 226 
GLY CA    HA3    sing N N 227 
GLY C     O      doub N N 228 
GLY C     OXT    sing N N 229 
GLY OXT   HXT    sing N N 230 
HIS N     CA     sing N N 231 
HIS N     H      sing N N 232 
HIS N     H2     sing N N 233 
HIS CA    C      sing N N 234 
HIS CA    CB     sing N N 235 
HIS CA    HA     sing N N 236 
HIS C     O      doub N N 237 
HIS C     OXT    sing N N 238 
HIS CB    CG     sing N N 239 
HIS CB    HB2    sing N N 240 
HIS CB    HB3    sing N N 241 
HIS CG    ND1    sing Y N 242 
HIS CG    CD2    doub Y N 243 
HIS ND1   CE1    doub Y N 244 
HIS ND1   HD1    sing N N 245 
HIS CD2   NE2    sing Y N 246 
HIS CD2   HD2    sing N N 247 
HIS CE1   NE2    sing Y N 248 
HIS CE1   HE1    sing N N 249 
HIS NE2   HE2    sing N N 250 
HIS OXT   HXT    sing N N 251 
HOH O     H1     sing N N 252 
HOH O     H2     sing N N 253 
ILE N     CA     sing N N 254 
ILE N     H      sing N N 255 
ILE N     H2     sing N N 256 
ILE CA    C      sing N N 257 
ILE CA    CB     sing N N 258 
ILE CA    HA     sing N N 259 
ILE C     O      doub N N 260 
ILE C     OXT    sing N N 261 
ILE CB    CG1    sing N N 262 
ILE CB    CG2    sing N N 263 
ILE CB    HB     sing N N 264 
ILE CG1   CD1    sing N N 265 
ILE CG1   HG12   sing N N 266 
ILE CG1   HG13   sing N N 267 
ILE CG2   HG21   sing N N 268 
ILE CG2   HG22   sing N N 269 
ILE CG2   HG23   sing N N 270 
ILE CD1   HD11   sing N N 271 
ILE CD1   HD12   sing N N 272 
ILE CD1   HD13   sing N N 273 
ILE OXT   HXT    sing N N 274 
LEU N     CA     sing N N 275 
LEU N     H      sing N N 276 
LEU N     H2     sing N N 277 
LEU CA    C      sing N N 278 
LEU CA    CB     sing N N 279 
LEU CA    HA     sing N N 280 
LEU C     O      doub N N 281 
LEU C     OXT    sing N N 282 
LEU CB    CG     sing N N 283 
LEU CB    HB2    sing N N 284 
LEU CB    HB3    sing N N 285 
LEU CG    CD1    sing N N 286 
LEU CG    CD2    sing N N 287 
LEU CG    HG     sing N N 288 
LEU CD1   HD11   sing N N 289 
LEU CD1   HD12   sing N N 290 
LEU CD1   HD13   sing N N 291 
LEU CD2   HD21   sing N N 292 
LEU CD2   HD22   sing N N 293 
LEU CD2   HD23   sing N N 294 
LEU OXT   HXT    sing N N 295 
LYS N     CA     sing N N 296 
LYS N     H      sing N N 297 
LYS N     H2     sing N N 298 
LYS CA    C      sing N N 299 
LYS CA    CB     sing N N 300 
LYS CA    HA     sing N N 301 
LYS C     O      doub N N 302 
LYS C     OXT    sing N N 303 
LYS CB    CG     sing N N 304 
LYS CB    HB2    sing N N 305 
LYS CB    HB3    sing N N 306 
LYS CG    CD     sing N N 307 
LYS CG    HG2    sing N N 308 
LYS CG    HG3    sing N N 309 
LYS CD    CE     sing N N 310 
LYS CD    HD2    sing N N 311 
LYS CD    HD3    sing N N 312 
LYS CE    NZ     sing N N 313 
LYS CE    HE2    sing N N 314 
LYS CE    HE3    sing N N 315 
LYS NZ    HZ1    sing N N 316 
LYS NZ    HZ2    sing N N 317 
LYS NZ    HZ3    sing N N 318 
LYS OXT   HXT    sing N N 319 
PHE N     CA     sing N N 320 
PHE N     H      sing N N 321 
PHE N     H2     sing N N 322 
PHE CA    C      sing N N 323 
PHE CA    CB     sing N N 324 
PHE CA    HA     sing N N 325 
PHE C     O      doub N N 326 
PHE C     OXT    sing N N 327 
PHE CB    CG     sing N N 328 
PHE CB    HB2    sing N N 329 
PHE CB    HB3    sing N N 330 
PHE CG    CD1    doub Y N 331 
PHE CG    CD2    sing Y N 332 
PHE CD1   CE1    sing Y N 333 
PHE CD1   HD1    sing N N 334 
PHE CD2   CE2    doub Y N 335 
PHE CD2   HD2    sing N N 336 
PHE CE1   CZ     doub Y N 337 
PHE CE1   HE1    sing N N 338 
PHE CE2   CZ     sing Y N 339 
PHE CE2   HE2    sing N N 340 
PHE CZ    HZ     sing N N 341 
PHE OXT   HXT    sing N N 342 
PRO N     CA     sing N N 343 
PRO N     CD     sing N N 344 
PRO N     H      sing N N 345 
PRO CA    C      sing N N 346 
PRO CA    CB     sing N N 347 
PRO CA    HA     sing N N 348 
PRO C     O      doub N N 349 
PRO C     OXT    sing N N 350 
PRO CB    CG     sing N N 351 
PRO CB    HB2    sing N N 352 
PRO CB    HB3    sing N N 353 
PRO CG    CD     sing N N 354 
PRO CG    HG2    sing N N 355 
PRO CG    HG3    sing N N 356 
PRO CD    HD2    sing N N 357 
PRO CD    HD3    sing N N 358 
PRO OXT   HXT    sing N N 359 
SER N     CA     sing N N 360 
SER N     H      sing N N 361 
SER N     H2     sing N N 362 
SER CA    C      sing N N 363 
SER CA    CB     sing N N 364 
SER CA    HA     sing N N 365 
SER C     O      doub N N 366 
SER C     OXT    sing N N 367 
SER CB    OG     sing N N 368 
SER CB    HB2    sing N N 369 
SER CB    HB3    sing N N 370 
SER OG    HG     sing N N 371 
SER OXT   HXT    sing N N 372 
SO4 S     O1     doub N N 373 
SO4 S     O2     doub N N 374 
SO4 S     O3     sing N N 375 
SO4 S     O4     sing N N 376 
THR N     CA     sing N N 377 
THR N     H      sing N N 378 
THR N     H2     sing N N 379 
THR CA    C      sing N N 380 
THR CA    CB     sing N N 381 
THR CA    HA     sing N N 382 
THR C     O      doub N N 383 
THR C     OXT    sing N N 384 
THR CB    OG1    sing N N 385 
THR CB    CG2    sing N N 386 
THR CB    HB     sing N N 387 
THR OG1   HG1    sing N N 388 
THR CG2   HG21   sing N N 389 
THR CG2   HG22   sing N N 390 
THR CG2   HG23   sing N N 391 
THR OXT   HXT    sing N N 392 
TRP N     CA     sing N N 393 
TRP N     H      sing N N 394 
TRP N     H2     sing N N 395 
TRP CA    C      sing N N 396 
TRP CA    CB     sing N N 397 
TRP CA    HA     sing N N 398 
TRP C     O      doub N N 399 
TRP C     OXT    sing N N 400 
TRP CB    CG     sing N N 401 
TRP CB    HB2    sing N N 402 
TRP CB    HB3    sing N N 403 
TRP CG    CD1    doub Y N 404 
TRP CG    CD2    sing Y N 405 
TRP CD1   NE1    sing Y N 406 
TRP CD1   HD1    sing N N 407 
TRP CD2   CE2    doub Y N 408 
TRP CD2   CE3    sing Y N 409 
TRP NE1   CE2    sing Y N 410 
TRP NE1   HE1    sing N N 411 
TRP CE2   CZ2    sing Y N 412 
TRP CE3   CZ3    doub Y N 413 
TRP CE3   HE3    sing N N 414 
TRP CZ2   CH2    doub Y N 415 
TRP CZ2   HZ2    sing N N 416 
TRP CZ3   CH2    sing Y N 417 
TRP CZ3   HZ3    sing N N 418 
TRP CH2   HH2    sing N N 419 
TRP OXT   HXT    sing N N 420 
TYR N     CA     sing N N 421 
TYR N     H      sing N N 422 
TYR N     H2     sing N N 423 
TYR CA    C      sing N N 424 
TYR CA    CB     sing N N 425 
TYR CA    HA     sing N N 426 
TYR C     O      doub N N 427 
TYR C     OXT    sing N N 428 
TYR CB    CG     sing N N 429 
TYR CB    HB2    sing N N 430 
TYR CB    HB3    sing N N 431 
TYR CG    CD1    doub Y N 432 
TYR CG    CD2    sing Y N 433 
TYR CD1   CE1    sing Y N 434 
TYR CD1   HD1    sing N N 435 
TYR CD2   CE2    doub Y N 436 
TYR CD2   HD2    sing N N 437 
TYR CE1   CZ     doub Y N 438 
TYR CE1   HE1    sing N N 439 
TYR CE2   CZ     sing Y N 440 
TYR CE2   HE2    sing N N 441 
TYR CZ    OH     sing N N 442 
TYR OH    HH     sing N N 443 
TYR OXT   HXT    sing N N 444 
U   OP3   P      sing N N 445 
U   OP3   HOP3   sing N N 446 
U   P     OP1    doub N N 447 
U   P     OP2    sing N N 448 
U   P     "O5'"  sing N N 449 
U   OP2   HOP2   sing N N 450 
U   "O5'" "C5'"  sing N N 451 
U   "C5'" "C4'"  sing N N 452 
U   "C5'" "H5'"  sing N N 453 
U   "C5'" "H5''" sing N N 454 
U   "C4'" "O4'"  sing N N 455 
U   "C4'" "C3'"  sing N N 456 
U   "C4'" "H4'"  sing N N 457 
U   "O4'" "C1'"  sing N N 458 
U   "C3'" "O3'"  sing N N 459 
U   "C3'" "C2'"  sing N N 460 
U   "C3'" "H3'"  sing N N 461 
U   "O3'" "HO3'" sing N N 462 
U   "C2'" "O2'"  sing N N 463 
U   "C2'" "C1'"  sing N N 464 
U   "C2'" "H2'"  sing N N 465 
U   "O2'" "HO2'" sing N N 466 
U   "C1'" N1     sing N N 467 
U   "C1'" "H1'"  sing N N 468 
U   N1    C2     sing N N 469 
U   N1    C6     sing N N 470 
U   C2    O2     doub N N 471 
U   C2    N3     sing N N 472 
U   N3    C4     sing N N 473 
U   N3    H3     sing N N 474 
U   C4    O4     doub N N 475 
U   C4    C5     sing N N 476 
U   C5    C6     doub N N 477 
U   C5    H5     sing N N 478 
U   C6    H6     sing N N 479 
VAL N     CA     sing N N 480 
VAL N     H      sing N N 481 
VAL N     H2     sing N N 482 
VAL CA    C      sing N N 483 
VAL CA    CB     sing N N 484 
VAL CA    HA     sing N N 485 
VAL C     O      doub N N 486 
VAL C     OXT    sing N N 487 
VAL CB    CG1    sing N N 488 
VAL CB    CG2    sing N N 489 
VAL CB    HB     sing N N 490 
VAL CG1   HG11   sing N N 491 
VAL CG1   HG12   sing N N 492 
VAL CG1   HG13   sing N N 493 
VAL CG2   HG21   sing N N 494 
VAL CG2   HG22   sing N N 495 
VAL CG2   HG23   sing N N 496 
VAL OXT   HXT    sing N N 497 
# 
loop_
_pdbx_audit_support.funding_organization 
_pdbx_audit_support.country 
_pdbx_audit_support.grant_number 
_pdbx_audit_support.ordinal 
'National Natural Science Foundation of China'                           China 91640102    1 
'Strategic Priority Research Program of the Chinese Academy of Sciences' China XDB08010202 2 
# 
loop_
_pdbx_entity_nonpoly.entity_id 
_pdbx_entity_nonpoly.name 
_pdbx_entity_nonpoly.comp_id 
3 'SULFATE ION' SO4 
4 water         HOH 
# 
_pdbx_initial_refinement_model.id               1 
_pdbx_initial_refinement_model.entity_id_list   ? 
_pdbx_initial_refinement_model.type             'experimental model' 
_pdbx_initial_refinement_model.source_name      PDB 
_pdbx_initial_refinement_model.accession_code   3PF5 
_pdbx_initial_refinement_model.details          ? 
# 
_pdbx_struct_assembly_auth_evidence.id                     1 
_pdbx_struct_assembly_auth_evidence.assembly_id            1 
_pdbx_struct_assembly_auth_evidence.experimental_support   immunoprecipitation 
_pdbx_struct_assembly_auth_evidence.details                'YB1 can form homodimer in vivo' 
# 
